data_1AY7
# 
_entry.id   1AY7 
# 
_audit_conform.dict_name       mmcif_pdbx.dic 
_audit_conform.dict_version    5.397 
_audit_conform.dict_location   http://mmcif.pdb.org/dictionaries/ascii/mmcif_pdbx.dic 
# 
loop_
_database_2.database_id 
_database_2.database_code 
_database_2.pdbx_database_accession 
_database_2.pdbx_DOI 
PDB   1AY7         pdb_00001ay7 10.2210/pdb1ay7/pdb 
WWPDB D_1000171400 ?            ?                   
# 
loop_
_pdbx_audit_revision_history.ordinal 
_pdbx_audit_revision_history.data_content_type 
_pdbx_audit_revision_history.major_revision 
_pdbx_audit_revision_history.minor_revision 
_pdbx_audit_revision_history.revision_date 
1 'Structure model' 1 0 1999-03-02 
2 'Structure model' 1 1 2008-03-24 
3 'Structure model' 1 2 2011-07-13 
4 'Structure model' 1 3 2023-08-02 
5 'Structure model' 1 4 2024-10-16 
# 
_pdbx_audit_revision_details.ordinal             1 
_pdbx_audit_revision_details.revision_ordinal    1 
_pdbx_audit_revision_details.data_content_type   'Structure model' 
_pdbx_audit_revision_details.provider            repository 
_pdbx_audit_revision_details.type                'Initial release' 
_pdbx_audit_revision_details.description         ? 
_pdbx_audit_revision_details.details             ? 
# 
loop_
_pdbx_audit_revision_group.ordinal 
_pdbx_audit_revision_group.revision_ordinal 
_pdbx_audit_revision_group.data_content_type 
_pdbx_audit_revision_group.group 
1 2 'Structure model' 'Version format compliance' 
2 3 'Structure model' 'Version format compliance' 
3 4 'Structure model' 'Data collection'           
4 4 'Structure model' 'Database references'       
5 4 'Structure model' 'Refinement description'    
6 5 'Structure model' 'Data collection'           
7 5 'Structure model' 'Structure summary'         
# 
loop_
_pdbx_audit_revision_category.ordinal 
_pdbx_audit_revision_category.revision_ordinal 
_pdbx_audit_revision_category.data_content_type 
_pdbx_audit_revision_category.category 
1 4 'Structure model' database_2                    
2 4 'Structure model' diffrn_source                 
3 4 'Structure model' pdbx_initial_refinement_model 
4 4 'Structure model' struct_ref_seq_dif            
5 5 'Structure model' chem_comp_atom                
6 5 'Structure model' chem_comp_bond                
7 5 'Structure model' pdbx_entry_details            
8 5 'Structure model' pdbx_modification_feature     
# 
loop_
_pdbx_audit_revision_item.ordinal 
_pdbx_audit_revision_item.revision_ordinal 
_pdbx_audit_revision_item.data_content_type 
_pdbx_audit_revision_item.item 
1 4 'Structure model' '_database_2.pdbx_DOI'                 
2 4 'Structure model' '_database_2.pdbx_database_accession'  
3 4 'Structure model' '_diffrn_source.pdbx_synchrotron_site' 
4 4 'Structure model' '_struct_ref_seq_dif.details'          
# 
_pdbx_database_status.status_code                     REL 
_pdbx_database_status.entry_id                        1AY7 
_pdbx_database_status.recvd_initial_deposition_date   1997-11-14 
_pdbx_database_status.deposit_site                    ? 
_pdbx_database_status.process_site                    BNL 
_pdbx_database_status.status_code_sf                  REL 
_pdbx_database_status.status_code_mr                  ? 
_pdbx_database_status.SG_entry                        ? 
_pdbx_database_status.pdb_format_compatible           Y 
_pdbx_database_status.status_code_cs                  ? 
_pdbx_database_status.status_code_nmr_data            ? 
_pdbx_database_status.methods_development_category    ? 
# 
loop_
_audit_author.name 
_audit_author.pdbx_ordinal 
'Sevcik, J.'     1 
'Urbanikova, L.' 2 
'Dauter, Z.'     3 
'Wilson, K.S.'   4 
# 
_citation.id                        primary 
_citation.title                     
'Recognition of RNase Sa by the inhibitor barstar: structure of the complex at 1.7 A resolution.' 
_citation.journal_abbrev            'Acta Crystallogr.,Sect.D' 
_citation.journal_volume            54 
_citation.page_first                954 
_citation.page_last                 963 
_citation.year                      1998 
_citation.journal_id_ASTM           ABCRE6 
_citation.country                   DK 
_citation.journal_id_ISSN           0907-4449 
_citation.journal_id_CSD            0766 
_citation.book_publisher            ? 
_citation.pdbx_database_id_PubMed   9757110 
_citation.pdbx_database_id_DOI      10.1107/S0907444998004429 
# 
loop_
_citation_author.citation_id 
_citation_author.name 
_citation_author.ordinal 
_citation_author.identifier_ORCID 
primary 'Sevcik, J.'     1 ? 
primary 'Urbanikova, L.' 2 ? 
primary 'Dauter, Z.'     3 ? 
primary 'Wilson, K.S.'   4 ? 
# 
loop_
_entity.id 
_entity.type 
_entity.src_method 
_entity.pdbx_description 
_entity.formula_weight 
_entity.pdbx_number_of_molecules 
_entity.pdbx_ec 
_entity.pdbx_mutation 
_entity.pdbx_fragment 
_entity.details 
1 polymer man 'GUANYL-SPECIFIC RIBONUCLEASE SA' 10582.492 1   3.1.27.3 ? ? ?                   
2 polymer man BARSTAR                           10221.543 1   ?        ? ? 'BARNASE INHIBITOR' 
3 water   nat water                             18.015    190 ?        ? ? ?                   
# 
loop_
_entity_poly.entity_id 
_entity_poly.type 
_entity_poly.nstd_linkage 
_entity_poly.nstd_monomer 
_entity_poly.pdbx_seq_one_letter_code 
_entity_poly.pdbx_seq_one_letter_code_can 
_entity_poly.pdbx_strand_id 
_entity_poly.pdbx_target_identifier 
1 'polypeptide(L)' no no 
;DVSGTVCLSALPPEATDTLNLIASDGPFPYSQDGVVFQNRESVLPTQSYGYYHEYTVITPGARTRGTRRIITGEATQEDY
YTGDHYATFSLIDQTC
;
;DVSGTVCLSALPPEATDTLNLIASDGPFPYSQDGVVFQNRESVLPTQSYGYYHEYTVITPGARTRGTRRIITGEATQEDY
YTGDHYATFSLIDQTC
;
A ? 
2 'polypeptide(L)' no no 
;KKAVINGEQIRSISDLHQTLKKELALPEYYGENLDALWDCLTGWVEYPLVLEWRQFEQSKQLTENGAESVLQVFREAKAE
GCDITIILS
;
;KKAVINGEQIRSISDLHQTLKKELALPEYYGENLDALWDCLTGWVEYPLVLEWRQFEQSKQLTENGAESVLQVFREAKAE
GCDITIILS
;
B ? 
# 
_pdbx_entity_nonpoly.entity_id   3 
_pdbx_entity_nonpoly.name        water 
_pdbx_entity_nonpoly.comp_id     HOH 
# 
loop_
_entity_poly_seq.entity_id 
_entity_poly_seq.num 
_entity_poly_seq.mon_id 
_entity_poly_seq.hetero 
1 1  ASP n 
1 2  VAL n 
1 3  SER n 
1 4  GLY n 
1 5  THR n 
1 6  VAL n 
1 7  CYS n 
1 8  LEU n 
1 9  SER n 
1 10 ALA n 
1 11 LEU n 
1 12 PRO n 
1 13 PRO n 
1 14 GLU n 
1 15 ALA n 
1 16 THR n 
1 17 ASP n 
1 18 THR n 
1 19 LEU n 
1 20 ASN n 
1 21 LEU n 
1 22 ILE n 
1 23 ALA n 
1 24 SER n 
1 25 ASP n 
1 26 GLY n 
1 27 PRO n 
1 28 PHE n 
1 29 PRO n 
1 30 TYR n 
1 31 SER n 
1 32 GLN n 
1 33 ASP n 
1 34 GLY n 
1 35 VAL n 
1 36 VAL n 
1 37 PHE n 
1 38 GLN n 
1 39 ASN n 
1 40 ARG n 
1 41 GLU n 
1 42 SER n 
1 43 VAL n 
1 44 LEU n 
1 45 PRO n 
1 46 THR n 
1 47 GLN n 
1 48 SER n 
1 49 TYR n 
1 50 GLY n 
1 51 TYR n 
1 52 TYR n 
1 53 HIS n 
1 54 GLU n 
1 55 TYR n 
1 56 THR n 
1 57 VAL n 
1 58 ILE n 
1 59 THR n 
1 60 PRO n 
1 61 GLY n 
1 62 ALA n 
1 63 ARG n 
1 64 THR n 
1 65 ARG n 
1 66 GLY n 
1 67 THR n 
1 68 ARG n 
1 69 ARG n 
1 70 ILE n 
1 71 ILE n 
1 72 THR n 
1 73 GLY n 
1 74 GLU n 
1 75 ALA n 
1 76 THR n 
1 77 GLN n 
1 78 GLU n 
1 79 ASP n 
1 80 TYR n 
1 81 TYR n 
1 82 THR n 
1 83 GLY n 
1 84 ASP n 
1 85 HIS n 
1 86 TYR n 
1 87 ALA n 
1 88 THR n 
1 89 PHE n 
1 90 SER n 
1 91 LEU n 
1 92 ILE n 
1 93 ASP n 
1 94 GLN n 
1 95 THR n 
1 96 CYS n 
2 1  LYS n 
2 2  LYS n 
2 3  ALA n 
2 4  VAL n 
2 5  ILE n 
2 6  ASN n 
2 7  GLY n 
2 8  GLU n 
2 9  GLN n 
2 10 ILE n 
2 11 ARG n 
2 12 SER n 
2 13 ILE n 
2 14 SER n 
2 15 ASP n 
2 16 LEU n 
2 17 HIS n 
2 18 GLN n 
2 19 THR n 
2 20 LEU n 
2 21 LYS n 
2 22 LYS n 
2 23 GLU n 
2 24 LEU n 
2 25 ALA n 
2 26 LEU n 
2 27 PRO n 
2 28 GLU n 
2 29 TYR n 
2 30 TYR n 
2 31 GLY n 
2 32 GLU n 
2 33 ASN n 
2 34 LEU n 
2 35 ASP n 
2 36 ALA n 
2 37 LEU n 
2 38 TRP n 
2 39 ASP n 
2 40 CYS n 
2 41 LEU n 
2 42 THR n 
2 43 GLY n 
2 44 TRP n 
2 45 VAL n 
2 46 GLU n 
2 47 TYR n 
2 48 PRO n 
2 49 LEU n 
2 50 VAL n 
2 51 LEU n 
2 52 GLU n 
2 53 TRP n 
2 54 ARG n 
2 55 GLN n 
2 56 PHE n 
2 57 GLU n 
2 58 GLN n 
2 59 SER n 
2 60 LYS n 
2 61 GLN n 
2 62 LEU n 
2 63 THR n 
2 64 GLU n 
2 65 ASN n 
2 66 GLY n 
2 67 ALA n 
2 68 GLU n 
2 69 SER n 
2 70 VAL n 
2 71 LEU n 
2 72 GLN n 
2 73 VAL n 
2 74 PHE n 
2 75 ARG n 
2 76 GLU n 
2 77 ALA n 
2 78 LYS n 
2 79 ALA n 
2 80 GLU n 
2 81 GLY n 
2 82 CYS n 
2 83 ASP n 
2 84 ILE n 
2 85 THR n 
2 86 ILE n 
2 87 ILE n 
2 88 LEU n 
2 89 SER n 
# 
loop_
_entity_src_gen.entity_id 
_entity_src_gen.pdbx_src_id 
_entity_src_gen.pdbx_alt_source_flag 
_entity_src_gen.pdbx_seq_type 
_entity_src_gen.pdbx_beg_seq_num 
_entity_src_gen.pdbx_end_seq_num 
_entity_src_gen.gene_src_common_name 
_entity_src_gen.gene_src_genus 
_entity_src_gen.pdbx_gene_src_gene 
_entity_src_gen.gene_src_species 
_entity_src_gen.gene_src_strain 
_entity_src_gen.gene_src_tissue 
_entity_src_gen.gene_src_tissue_fraction 
_entity_src_gen.gene_src_details 
_entity_src_gen.pdbx_gene_src_fragment 
_entity_src_gen.pdbx_gene_src_scientific_name 
_entity_src_gen.pdbx_gene_src_ncbi_taxonomy_id 
_entity_src_gen.pdbx_gene_src_variant 
_entity_src_gen.pdbx_gene_src_cell_line 
_entity_src_gen.pdbx_gene_src_atcc 
_entity_src_gen.pdbx_gene_src_organ 
_entity_src_gen.pdbx_gene_src_organelle 
_entity_src_gen.pdbx_gene_src_cell 
_entity_src_gen.pdbx_gene_src_cellular_location 
_entity_src_gen.host_org_common_name 
_entity_src_gen.pdbx_host_org_scientific_name 
_entity_src_gen.pdbx_host_org_ncbi_taxonomy_id 
_entity_src_gen.host_org_genus 
_entity_src_gen.pdbx_host_org_gene 
_entity_src_gen.pdbx_host_org_organ 
_entity_src_gen.host_org_species 
_entity_src_gen.pdbx_host_org_tissue 
_entity_src_gen.pdbx_host_org_tissue_fraction 
_entity_src_gen.pdbx_host_org_strain 
_entity_src_gen.pdbx_host_org_variant 
_entity_src_gen.pdbx_host_org_cell_line 
_entity_src_gen.pdbx_host_org_atcc 
_entity_src_gen.pdbx_host_org_culture_collection 
_entity_src_gen.pdbx_host_org_cell 
_entity_src_gen.pdbx_host_org_organelle 
_entity_src_gen.pdbx_host_org_cellular_location 
_entity_src_gen.pdbx_host_org_vector_type 
_entity_src_gen.pdbx_host_org_vector 
_entity_src_gen.host_org_details 
_entity_src_gen.expression_system_id 
_entity_src_gen.plasmid_name 
_entity_src_gen.plasmid_details 
_entity_src_gen.pdbx_description 
1 1 sample ? ? ? ? Streptomyces ? ? ? ? ? ? ? 'Streptomyces aureofaciens'  1894 ? ? ? ? ? ? ? ? 'Escherichia coli' 562 Escherichia 
? ? ? ? ? XL1-BLUE ? ? ? ? ? ? ? ? ? ? ? PMT1126 ? ? 
2 1 sample ? ? ? ? Bacillus     ? ? ? ? ? ? ? 'Bacillus amyloliquefaciens' 1390 ? ? ? ? ? ? ? ? 'Escherichia coli' 562 Escherichia 
? ? ? ? ? XL1-BLUE ? ? ? ? ? ? ? ? ? ? ? PMT1126 ? ? 
# 
loop_
_chem_comp.id 
_chem_comp.type 
_chem_comp.mon_nstd_flag 
_chem_comp.name 
_chem_comp.pdbx_synonyms 
_chem_comp.formula 
_chem_comp.formula_weight 
ALA 'L-peptide linking' y ALANINE         ? 'C3 H7 N O2'     89.093  
ARG 'L-peptide linking' y ARGININE        ? 'C6 H15 N4 O2 1' 175.209 
ASN 'L-peptide linking' y ASPARAGINE      ? 'C4 H8 N2 O3'    132.118 
ASP 'L-peptide linking' y 'ASPARTIC ACID' ? 'C4 H7 N O4'     133.103 
CYS 'L-peptide linking' y CYSTEINE        ? 'C3 H7 N O2 S'   121.158 
GLN 'L-peptide linking' y GLUTAMINE       ? 'C5 H10 N2 O3'   146.144 
GLU 'L-peptide linking' y 'GLUTAMIC ACID' ? 'C5 H9 N O4'     147.129 
GLY 'peptide linking'   y GLYCINE         ? 'C2 H5 N O2'     75.067  
HIS 'L-peptide linking' y HISTIDINE       ? 'C6 H10 N3 O2 1' 156.162 
HOH non-polymer         . WATER           ? 'H2 O'           18.015  
ILE 'L-peptide linking' y ISOLEUCINE      ? 'C6 H13 N O2'    131.173 
LEU 'L-peptide linking' y LEUCINE         ? 'C6 H13 N O2'    131.173 
LYS 'L-peptide linking' y LYSINE          ? 'C6 H15 N2 O2 1' 147.195 
PHE 'L-peptide linking' y PHENYLALANINE   ? 'C9 H11 N O2'    165.189 
PRO 'L-peptide linking' y PROLINE         ? 'C5 H9 N O2'     115.130 
SER 'L-peptide linking' y SERINE          ? 'C3 H7 N O3'     105.093 
THR 'L-peptide linking' y THREONINE       ? 'C4 H9 N O3'     119.119 
TRP 'L-peptide linking' y TRYPTOPHAN      ? 'C11 H12 N2 O2'  204.225 
TYR 'L-peptide linking' y TYROSINE        ? 'C9 H11 N O3'    181.189 
VAL 'L-peptide linking' y VALINE          ? 'C5 H11 N O2'    117.146 
# 
loop_
_pdbx_poly_seq_scheme.asym_id 
_pdbx_poly_seq_scheme.entity_id 
_pdbx_poly_seq_scheme.seq_id 
_pdbx_poly_seq_scheme.mon_id 
_pdbx_poly_seq_scheme.ndb_seq_num 
_pdbx_poly_seq_scheme.pdb_seq_num 
_pdbx_poly_seq_scheme.auth_seq_num 
_pdbx_poly_seq_scheme.pdb_mon_id 
_pdbx_poly_seq_scheme.auth_mon_id 
_pdbx_poly_seq_scheme.pdb_strand_id 
_pdbx_poly_seq_scheme.pdb_ins_code 
_pdbx_poly_seq_scheme.hetero 
A 1 1  ASP 1  1  1  ASP ASP A . n 
A 1 2  VAL 2  2  2  VAL VAL A . n 
A 1 3  SER 3  3  3  SER SER A . n 
A 1 4  GLY 4  4  4  GLY GLY A . n 
A 1 5  THR 5  5  5  THR THR A . n 
A 1 6  VAL 6  6  6  VAL VAL A . n 
A 1 7  CYS 7  7  7  CYS CYS A . n 
A 1 8  LEU 8  8  8  LEU LEU A . n 
A 1 9  SER 9  9  9  SER SER A . n 
A 1 10 ALA 10 10 10 ALA ALA A . n 
A 1 11 LEU 11 11 11 LEU LEU A . n 
A 1 12 PRO 12 12 12 PRO PRO A . n 
A 1 13 PRO 13 13 13 PRO PRO A . n 
A 1 14 GLU 14 14 14 GLU GLU A . n 
A 1 15 ALA 15 15 15 ALA ALA A . n 
A 1 16 THR 16 16 16 THR THR A . n 
A 1 17 ASP 17 17 17 ASP ASP A . n 
A 1 18 THR 18 18 18 THR THR A . n 
A 1 19 LEU 19 19 19 LEU LEU A . n 
A 1 20 ASN 20 20 20 ASN ASN A . n 
A 1 21 LEU 21 21 21 LEU LEU A . n 
A 1 22 ILE 22 22 22 ILE ILE A . n 
A 1 23 ALA 23 23 23 ALA ALA A . n 
A 1 24 SER 24 24 24 SER SER A . n 
A 1 25 ASP 25 25 25 ASP ASP A . n 
A 1 26 GLY 26 26 26 GLY GLY A . n 
A 1 27 PRO 27 27 27 PRO PRO A . n 
A 1 28 PHE 28 28 28 PHE PHE A . n 
A 1 29 PRO 29 29 29 PRO PRO A . n 
A 1 30 TYR 30 30 30 TYR TYR A . n 
A 1 31 SER 31 31 31 SER SER A . n 
A 1 32 GLN 32 32 32 GLN GLN A . n 
A 1 33 ASP 33 33 33 ASP ASP A . n 
A 1 34 GLY 34 34 34 GLY GLY A . n 
A 1 35 VAL 35 35 35 VAL VAL A . n 
A 1 36 VAL 36 36 36 VAL VAL A . n 
A 1 37 PHE 37 37 37 PHE PHE A . n 
A 1 38 GLN 38 38 38 GLN GLN A . n 
A 1 39 ASN 39 39 39 ASN ASN A . n 
A 1 40 ARG 40 40 40 ARG ARG A . n 
A 1 41 GLU 41 41 41 GLU GLU A . n 
A 1 42 SER 42 42 42 SER SER A . n 
A 1 43 VAL 43 43 43 VAL VAL A . n 
A 1 44 LEU 44 44 44 LEU LEU A . n 
A 1 45 PRO 45 45 45 PRO PRO A . n 
A 1 46 THR 46 46 46 THR THR A . n 
A 1 47 GLN 47 47 47 GLN GLN A . n 
A 1 48 SER 48 48 48 SER SER A . n 
A 1 49 TYR 49 49 49 TYR TYR A . n 
A 1 50 GLY 50 50 50 GLY GLY A . n 
A 1 51 TYR 51 51 51 TYR TYR A . n 
A 1 52 TYR 52 52 52 TYR TYR A . n 
A 1 53 HIS 53 53 53 HIS HIS A . n 
A 1 54 GLU 54 54 54 GLU GLU A . n 
A 1 55 TYR 55 55 55 TYR TYR A . n 
A 1 56 THR 56 56 56 THR THR A . n 
A 1 57 VAL 57 57 57 VAL VAL A . n 
A 1 58 ILE 58 58 58 ILE ILE A . n 
A 1 59 THR 59 59 59 THR THR A . n 
A 1 60 PRO 60 60 60 PRO PRO A . n 
A 1 61 GLY 61 61 61 GLY GLY A . n 
A 1 62 ALA 62 62 62 ALA ALA A . n 
A 1 63 ARG 63 63 63 ARG ARG A . n 
A 1 64 THR 64 64 64 THR THR A . n 
A 1 65 ARG 65 65 65 ARG ARG A . n 
A 1 66 GLY 66 66 66 GLY GLY A . n 
A 1 67 THR 67 67 67 THR THR A . n 
A 1 68 ARG 68 68 68 ARG ARG A . n 
A 1 69 ARG 69 69 69 ARG ARG A . n 
A 1 70 ILE 70 70 70 ILE ILE A . n 
A 1 71 ILE 71 71 71 ILE ILE A . n 
A 1 72 THR 72 72 72 THR THR A . n 
A 1 73 GLY 73 73 73 GLY GLY A . n 
A 1 74 GLU 74 74 74 GLU GLU A . n 
A 1 75 ALA 75 75 75 ALA ALA A . n 
A 1 76 THR 76 76 76 THR THR A . n 
A 1 77 GLN 77 77 77 GLN GLN A . n 
A 1 78 GLU 78 78 78 GLU GLU A . n 
A 1 79 ASP 79 79 79 ASP ASP A . n 
A 1 80 TYR 80 80 80 TYR TYR A . n 
A 1 81 TYR 81 81 81 TYR TYR A . n 
A 1 82 THR 82 82 82 THR THR A . n 
A 1 83 GLY 83 83 83 GLY GLY A . n 
A 1 84 ASP 84 84 84 ASP ASP A . n 
A 1 85 HIS 85 85 85 HIS HIS A . n 
A 1 86 TYR 86 86 86 TYR TYR A . n 
A 1 87 ALA 87 87 87 ALA ALA A . n 
A 1 88 THR 88 88 88 THR THR A . n 
A 1 89 PHE 89 89 89 PHE PHE A . n 
A 1 90 SER 90 90 90 SER SER A . n 
A 1 91 LEU 91 91 91 LEU LEU A . n 
A 1 92 ILE 92 92 92 ILE ILE A . n 
A 1 93 ASP 93 93 93 ASP ASP A . n 
A 1 94 GLN 94 94 94 GLN GLN A . n 
A 1 95 THR 95 95 95 THR THR A . n 
A 1 96 CYS 96 96 96 CYS CYS A . n 
B 2 1  LYS 1  1  1  LYS LYS B . n 
B 2 2  LYS 2  2  2  LYS LYS B . n 
B 2 3  ALA 3  3  3  ALA ALA B . n 
B 2 4  VAL 4  4  4  VAL VAL B . n 
B 2 5  ILE 5  5  5  ILE ILE B . n 
B 2 6  ASN 6  6  6  ASN ASN B . n 
B 2 7  GLY 7  7  7  GLY GLY B . n 
B 2 8  GLU 8  8  8  GLU GLU B . n 
B 2 9  GLN 9  9  9  GLN GLN B . n 
B 2 10 ILE 10 10 10 ILE ILE B . n 
B 2 11 ARG 11 11 11 ARG ARG B . n 
B 2 12 SER 12 12 12 SER SER B . n 
B 2 13 ILE 13 13 13 ILE ILE B . n 
B 2 14 SER 14 14 14 SER SER B . n 
B 2 15 ASP 15 15 15 ASP ASP B . n 
B 2 16 LEU 16 16 16 LEU LEU B . n 
B 2 17 HIS 17 17 17 HIS HIS B . n 
B 2 18 GLN 18 18 18 GLN GLN B . n 
B 2 19 THR 19 19 19 THR THR B . n 
B 2 20 LEU 20 20 20 LEU LEU B . n 
B 2 21 LYS 21 21 21 LYS LYS B . n 
B 2 22 LYS 22 22 22 LYS LYS B . n 
B 2 23 GLU 23 23 23 GLU GLU B . n 
B 2 24 LEU 24 24 24 LEU LEU B . n 
B 2 25 ALA 25 25 25 ALA ALA B . n 
B 2 26 LEU 26 26 26 LEU LEU B . n 
B 2 27 PRO 27 27 27 PRO PRO B . n 
B 2 28 GLU 28 28 28 GLU GLU B . n 
B 2 29 TYR 29 29 29 TYR TYR B . n 
B 2 30 TYR 30 30 30 TYR TYR B . n 
B 2 31 GLY 31 31 31 GLY GLY B . n 
B 2 32 GLU 32 32 32 GLU GLU B . n 
B 2 33 ASN 33 33 33 ASN ASN B . n 
B 2 34 LEU 34 34 34 LEU LEU B . n 
B 2 35 ASP 35 35 35 ASP ASP B . n 
B 2 36 ALA 36 36 36 ALA ALA B . n 
B 2 37 LEU 37 37 37 LEU LEU B . n 
B 2 38 TRP 38 38 38 TRP TRP B . n 
B 2 39 ASP 39 39 39 ASP ASP B . n 
B 2 40 CYS 40 40 40 CYS CYS B . n 
B 2 41 LEU 41 41 41 LEU LEU B . n 
B 2 42 THR 42 42 42 THR THR B . n 
B 2 43 GLY 43 43 43 GLY GLY B . n 
B 2 44 TRP 44 44 44 TRP TRP B . n 
B 2 45 VAL 45 45 45 VAL VAL B . n 
B 2 46 GLU 46 46 46 GLU GLU B . n 
B 2 47 TYR 47 47 47 TYR TYR B . n 
B 2 48 PRO 48 48 48 PRO PRO B . n 
B 2 49 LEU 49 49 49 LEU LEU B . n 
B 2 50 VAL 50 50 50 VAL VAL B . n 
B 2 51 LEU 51 51 51 LEU LEU B . n 
B 2 52 GLU 52 52 52 GLU GLU B . n 
B 2 53 TRP 53 53 53 TRP TRP B . n 
B 2 54 ARG 54 54 54 ARG ARG B . n 
B 2 55 GLN 55 55 55 GLN GLN B . n 
B 2 56 PHE 56 56 56 PHE PHE B . n 
B 2 57 GLU 57 57 57 GLU GLU B . n 
B 2 58 GLN 58 58 58 GLN GLN B . n 
B 2 59 SER 59 59 59 SER SER B . n 
B 2 60 LYS 60 60 60 LYS LYS B . n 
B 2 61 GLN 61 61 61 GLN GLN B . n 
B 2 62 LEU 62 62 62 LEU LEU B . n 
B 2 63 THR 63 63 63 THR THR B . n 
B 2 64 GLU 64 64 64 GLU GLU B . n 
B 2 65 ASN 65 65 65 ASN ASN B . n 
B 2 66 GLY 66 66 66 GLY GLY B . n 
B 2 67 ALA 67 67 67 ALA ALA B . n 
B 2 68 GLU 68 68 68 GLU GLU B . n 
B 2 69 SER 69 69 69 SER SER B . n 
B 2 70 VAL 70 70 70 VAL VAL B . n 
B 2 71 LEU 71 71 71 LEU LEU B . n 
B 2 72 GLN 72 72 72 GLN GLN B . n 
B 2 73 VAL 73 73 73 VAL VAL B . n 
B 2 74 PHE 74 74 74 PHE PHE B . n 
B 2 75 ARG 75 75 75 ARG ARG B . n 
B 2 76 GLU 76 76 76 GLU GLU B . n 
B 2 77 ALA 77 77 77 ALA ALA B . n 
B 2 78 LYS 78 78 78 LYS LYS B . n 
B 2 79 ALA 79 79 79 ALA ALA B . n 
B 2 80 GLU 80 80 80 GLU GLU B . n 
B 2 81 GLY 81 81 81 GLY GLY B . n 
B 2 82 CYS 82 82 82 CYS CYS B . n 
B 2 83 ASP 83 83 83 ASP ASP B . n 
B 2 84 ILE 84 84 84 ILE ILE B . n 
B 2 85 THR 85 85 85 THR THR B . n 
B 2 86 ILE 86 86 86 ILE ILE B . n 
B 2 87 ILE 87 87 87 ILE ILE B . n 
B 2 88 LEU 88 88 88 LEU LEU B . n 
B 2 89 SER 89 89 89 SER SER B . n 
# 
loop_
_pdbx_nonpoly_scheme.asym_id 
_pdbx_nonpoly_scheme.entity_id 
_pdbx_nonpoly_scheme.mon_id 
_pdbx_nonpoly_scheme.ndb_seq_num 
_pdbx_nonpoly_scheme.pdb_seq_num 
_pdbx_nonpoly_scheme.auth_seq_num 
_pdbx_nonpoly_scheme.pdb_mon_id 
_pdbx_nonpoly_scheme.auth_mon_id 
_pdbx_nonpoly_scheme.pdb_strand_id 
_pdbx_nonpoly_scheme.pdb_ins_code 
C 3 HOH 1   97  1   HOH HOH A . 
C 3 HOH 2   98  2   HOH HOH A . 
C 3 HOH 3   99  3   HOH HOH A . 
C 3 HOH 4   100 4   HOH HOH A . 
C 3 HOH 5   101 5   HOH HOH A . 
C 3 HOH 6   102 7   HOH HOH A . 
C 3 HOH 7   103 8   HOH HOH A . 
C 3 HOH 8   104 9   HOH HOH A . 
C 3 HOH 9   105 10  HOH HOH A . 
C 3 HOH 10  106 12  HOH HOH A . 
C 3 HOH 11  107 13  HOH HOH A . 
C 3 HOH 12  108 14  HOH HOH A . 
C 3 HOH 13  109 15  HOH HOH A . 
C 3 HOH 14  110 16  HOH HOH A . 
C 3 HOH 15  111 17  HOH HOH A . 
C 3 HOH 16  112 18  HOH HOH A . 
C 3 HOH 17  113 19  HOH HOH A . 
C 3 HOH 18  114 20  HOH HOH A . 
C 3 HOH 19  115 21  HOH HOH A . 
C 3 HOH 20  116 22  HOH HOH A . 
C 3 HOH 21  117 23  HOH HOH A . 
C 3 HOH 22  118 24  HOH HOH A . 
C 3 HOH 23  119 25  HOH HOH A . 
C 3 HOH 24  120 26  HOH HOH A . 
C 3 HOH 25  121 27  HOH HOH A . 
C 3 HOH 26  122 29  HOH HOH A . 
C 3 HOH 27  123 30  HOH HOH A . 
C 3 HOH 28  124 32  HOH HOH A . 
C 3 HOH 29  125 33  HOH HOH A . 
C 3 HOH 30  126 34  HOH HOH A . 
C 3 HOH 31  127 35  HOH HOH A . 
C 3 HOH 32  128 36  HOH HOH A . 
C 3 HOH 33  129 39  HOH HOH A . 
C 3 HOH 34  130 40  HOH HOH A . 
C 3 HOH 35  131 44  HOH HOH A . 
C 3 HOH 36  132 45  HOH HOH A . 
C 3 HOH 37  133 46  HOH HOH A . 
C 3 HOH 38  134 50  HOH HOH A . 
C 3 HOH 39  135 52  HOH HOH A . 
C 3 HOH 40  136 53  HOH HOH A . 
C 3 HOH 41  137 54  HOH HOH A . 
C 3 HOH 42  138 55  HOH HOH A . 
C 3 HOH 43  139 56  HOH HOH A . 
C 3 HOH 44  140 58  HOH HOH A . 
C 3 HOH 45  141 61  HOH HOH A . 
C 3 HOH 46  142 63  HOH HOH A . 
C 3 HOH 47  143 65  HOH HOH A . 
C 3 HOH 48  144 66  HOH HOH A . 
C 3 HOH 49  145 67  HOH HOH A . 
C 3 HOH 50  146 68  HOH HOH A . 
C 3 HOH 51  147 69  HOH HOH A . 
C 3 HOH 52  148 70  HOH HOH A . 
C 3 HOH 53  149 74  HOH HOH A . 
C 3 HOH 54  150 76  HOH HOH A . 
C 3 HOH 55  151 77  HOH HOH A . 
C 3 HOH 56  152 79  HOH HOH A . 
C 3 HOH 57  153 80  HOH HOH A . 
C 3 HOH 58  154 81  HOH HOH A . 
C 3 HOH 59  155 82  HOH HOH A . 
C 3 HOH 60  156 84  HOH HOH A . 
C 3 HOH 61  157 85  HOH HOH A . 
C 3 HOH 62  158 89  HOH HOH A . 
C 3 HOH 63  159 90  HOH HOH A . 
C 3 HOH 64  160 92  HOH HOH A . 
C 3 HOH 65  161 93  HOH HOH A . 
C 3 HOH 66  162 95  HOH HOH A . 
C 3 HOH 67  163 97  HOH HOH A . 
C 3 HOH 68  164 98  HOH HOH A . 
C 3 HOH 69  165 99  HOH HOH A . 
C 3 HOH 70  166 102 HOH HOH A . 
C 3 HOH 71  167 103 HOH HOH A . 
C 3 HOH 72  168 104 HOH HOH A . 
C 3 HOH 73  169 105 HOH HOH A . 
C 3 HOH 74  170 106 HOH HOH A . 
C 3 HOH 75  171 109 HOH HOH A . 
C 3 HOH 76  172 110 HOH HOH A . 
C 3 HOH 77  173 112 HOH HOH A . 
C 3 HOH 78  174 113 HOH HOH A . 
C 3 HOH 79  175 115 HOH HOH A . 
C 3 HOH 80  176 117 HOH HOH A . 
C 3 HOH 81  177 118 HOH HOH A . 
C 3 HOH 82  178 119 HOH HOH A . 
C 3 HOH 83  179 120 HOH HOH A . 
C 3 HOH 84  180 122 HOH HOH A . 
C 3 HOH 85  181 125 HOH HOH A . 
C 3 HOH 86  182 126 HOH HOH A . 
C 3 HOH 87  183 127 HOH HOH A . 
C 3 HOH 88  184 129 HOH HOH A . 
C 3 HOH 89  185 130 HOH HOH A . 
C 3 HOH 90  186 132 HOH HOH A . 
C 3 HOH 91  187 133 HOH HOH A . 
C 3 HOH 92  188 134 HOH HOH A . 
C 3 HOH 93  189 136 HOH HOH A . 
C 3 HOH 94  190 137 HOH HOH A . 
C 3 HOH 95  191 140 HOH HOH A . 
C 3 HOH 96  192 141 HOH HOH A . 
C 3 HOH 97  193 142 HOH HOH A . 
C 3 HOH 98  194 144 HOH HOH A . 
C 3 HOH 99  195 145 HOH HOH A . 
C 3 HOH 100 196 146 HOH HOH A . 
C 3 HOH 101 197 147 HOH HOH A . 
C 3 HOH 102 198 148 HOH HOH A . 
C 3 HOH 103 199 149 HOH HOH A . 
C 3 HOH 104 200 150 HOH HOH A . 
C 3 HOH 105 201 151 HOH HOH A . 
C 3 HOH 106 202 153 HOH HOH A . 
C 3 HOH 107 203 154 HOH HOH A . 
C 3 HOH 108 204 155 HOH HOH A . 
C 3 HOH 109 205 156 HOH HOH A . 
C 3 HOH 110 206 158 HOH HOH A . 
C 3 HOH 111 207 160 HOH HOH A . 
C 3 HOH 112 208 161 HOH HOH A . 
C 3 HOH 113 209 163 HOH HOH A . 
C 3 HOH 114 210 165 HOH HOH A . 
C 3 HOH 115 211 166 HOH HOH A . 
C 3 HOH 116 212 167 HOH HOH A . 
C 3 HOH 117 213 168 HOH HOH A . 
C 3 HOH 118 214 172 HOH HOH A . 
C 3 HOH 119 215 173 HOH HOH A . 
C 3 HOH 120 216 174 HOH HOH A . 
C 3 HOH 121 217 178 HOH HOH A . 
C 3 HOH 122 218 179 HOH HOH A . 
C 3 HOH 123 219 180 HOH HOH A . 
C 3 HOH 124 220 181 HOH HOH A . 
C 3 HOH 125 221 182 HOH HOH A . 
C 3 HOH 126 222 185 HOH HOH A . 
C 3 HOH 127 223 188 HOH HOH A . 
C 3 HOH 128 224 189 HOH HOH A . 
D 3 HOH 1   90  6   HOH HOH B . 
D 3 HOH 2   91  11  HOH HOH B . 
D 3 HOH 3   92  28  HOH HOH B . 
D 3 HOH 4   93  31  HOH HOH B . 
D 3 HOH 5   94  37  HOH HOH B . 
D 3 HOH 6   95  38  HOH HOH B . 
D 3 HOH 7   96  41  HOH HOH B . 
D 3 HOH 8   97  42  HOH HOH B . 
D 3 HOH 9   98  43  HOH HOH B . 
D 3 HOH 10  99  47  HOH HOH B . 
D 3 HOH 11  100 48  HOH HOH B . 
D 3 HOH 12  101 49  HOH HOH B . 
D 3 HOH 13  102 51  HOH HOH B . 
D 3 HOH 14  103 57  HOH HOH B . 
D 3 HOH 15  104 59  HOH HOH B . 
D 3 HOH 16  105 60  HOH HOH B . 
D 3 HOH 17  106 62  HOH HOH B . 
D 3 HOH 18  107 64  HOH HOH B . 
D 3 HOH 19  108 71  HOH HOH B . 
D 3 HOH 20  109 72  HOH HOH B . 
D 3 HOH 21  110 73  HOH HOH B . 
D 3 HOH 22  111 75  HOH HOH B . 
D 3 HOH 23  112 78  HOH HOH B . 
D 3 HOH 24  113 83  HOH HOH B . 
D 3 HOH 25  114 86  HOH HOH B . 
D 3 HOH 26  115 87  HOH HOH B . 
D 3 HOH 27  116 88  HOH HOH B . 
D 3 HOH 28  117 91  HOH HOH B . 
D 3 HOH 29  118 94  HOH HOH B . 
D 3 HOH 30  119 96  HOH HOH B . 
D 3 HOH 31  120 100 HOH HOH B . 
D 3 HOH 32  121 101 HOH HOH B . 
D 3 HOH 33  122 107 HOH HOH B . 
D 3 HOH 34  123 108 HOH HOH B . 
D 3 HOH 35  124 111 HOH HOH B . 
D 3 HOH 36  125 114 HOH HOH B . 
D 3 HOH 37  126 116 HOH HOH B . 
D 3 HOH 38  127 121 HOH HOH B . 
D 3 HOH 39  128 123 HOH HOH B . 
D 3 HOH 40  129 124 HOH HOH B . 
D 3 HOH 41  130 128 HOH HOH B . 
D 3 HOH 42  131 131 HOH HOH B . 
D 3 HOH 43  132 135 HOH HOH B . 
D 3 HOH 44  133 138 HOH HOH B . 
D 3 HOH 45  134 139 HOH HOH B . 
D 3 HOH 46  135 143 HOH HOH B . 
D 3 HOH 47  136 152 HOH HOH B . 
D 3 HOH 48  137 157 HOH HOH B . 
D 3 HOH 49  138 159 HOH HOH B . 
D 3 HOH 50  139 162 HOH HOH B . 
D 3 HOH 51  140 164 HOH HOH B . 
D 3 HOH 52  141 169 HOH HOH B . 
D 3 HOH 53  142 170 HOH HOH B . 
D 3 HOH 54  143 171 HOH HOH B . 
D 3 HOH 55  144 175 HOH HOH B . 
D 3 HOH 56  145 176 HOH HOH B . 
D 3 HOH 57  146 177 HOH HOH B . 
D 3 HOH 58  147 183 HOH HOH B . 
D 3 HOH 59  148 184 HOH HOH B . 
D 3 HOH 60  149 186 HOH HOH B . 
D 3 HOH 61  150 187 HOH HOH B . 
D 3 HOH 62  151 190 HOH HOH B . 
# 
loop_
_software.name 
_software.classification 
_software.version 
_software.citation_id 
_software.pdbx_ordinal 
DENZO     'data reduction' . ? 1 
SCALEPACK 'data scaling'   . ? 2 
AMoRE     phasing          . ? 3 
REFMAC    refinement       . ? 4 
# 
_cell.entry_id           1AY7 
_cell.length_a           56.950 
_cell.length_b           56.950 
_cell.length_c           135.800 
_cell.angle_alpha        90.00 
_cell.angle_beta         90.00 
_cell.angle_gamma        120.00 
_cell.Z_PDB              6 
_cell.pdbx_unique_axis   ? 
# 
_symmetry.entry_id                         1AY7 
_symmetry.space_group_name_H-M             'P 65' 
_symmetry.pdbx_full_space_group_name_H-M   ? 
_symmetry.cell_setting                     ? 
_symmetry.Int_Tables_number                170 
# 
_exptl.entry_id          1AY7 
_exptl.method            'X-RAY DIFFRACTION' 
_exptl.crystals_number   1 
# 
_exptl_crystal.id                    1 
_exptl_crystal.density_meas          ? 
_exptl_crystal.density_Matthews      3.35 
_exptl_crystal.density_percent_sol   69 
_exptl_crystal.description           ? 
# 
_exptl_crystal_grow.crystal_id      1 
_exptl_crystal_grow.method          ? 
_exptl_crystal_grow.temp            ? 
_exptl_crystal_grow.temp_details    ? 
_exptl_crystal_grow.pH              7.0 
_exptl_crystal_grow.pdbx_pH_range   ? 
_exptl_crystal_grow.pdbx_details    'pH 7.0' 
# 
_diffrn.id                     1 
_diffrn.ambient_temp           293 
_diffrn.ambient_temp_details   ? 
_diffrn.crystal_id             1 
# 
_diffrn_detector.diffrn_id              1 
_diffrn_detector.detector               'IMAGE PLATE' 
_diffrn_detector.type                   MARRESEARCH 
_diffrn_detector.pdbx_collection_date   1996-11 
_diffrn_detector.details                MIRRORS 
# 
_diffrn_radiation.diffrn_id                        1 
_diffrn_radiation.wavelength_id                    1 
_diffrn_radiation.pdbx_monochromatic_or_laue_m_l   M 
_diffrn_radiation.monochromator                    'SI(111)' 
_diffrn_radiation.pdbx_diffrn_protocol             ? 
_diffrn_radiation.pdbx_scattering_type             x-ray 
# 
_diffrn_radiation_wavelength.id           1 
_diffrn_radiation_wavelength.wavelength   0.95 
_diffrn_radiation_wavelength.wt           1.0 
# 
_diffrn_source.diffrn_id                   1 
_diffrn_source.source                      SYNCHROTRON 
_diffrn_source.type                        'EMBL/DESY, HAMBURG BEAMLINE X31' 
_diffrn_source.pdbx_synchrotron_site       'EMBL/DESY, HAMBURG' 
_diffrn_source.pdbx_synchrotron_beamline   X31 
_diffrn_source.pdbx_wavelength             0.95 
_diffrn_source.pdbx_wavelength_list        ? 
# 
_reflns.entry_id                     1AY7 
_reflns.observed_criterion_sigma_I   -3.0 
_reflns.observed_criterion_sigma_F   ? 
_reflns.d_resolution_low             25.0 
_reflns.d_resolution_high            1.70 
_reflns.number_obs                   27413 
_reflns.number_all                   ? 
_reflns.percent_possible_obs         100.0 
_reflns.pdbx_Rmerge_I_obs            0.046 
_reflns.pdbx_Rsym_value              0.046 
_reflns.pdbx_netI_over_sigmaI        27.3 
_reflns.B_iso_Wilson_estimate        20.0 
_reflns.pdbx_redundancy              4.7 
_reflns.pdbx_diffrn_id               1 
_reflns.pdbx_ordinal                 1 
# 
_reflns_shell.d_res_high             1.70 
_reflns_shell.d_res_low              1.72 
_reflns_shell.percent_possible_all   99.8 
_reflns_shell.Rmerge_I_obs           0.308 
_reflns_shell.pdbx_Rsym_value        0.308 
_reflns_shell.meanI_over_sigI_obs    3.7 
_reflns_shell.pdbx_redundancy        4.2 
_reflns_shell.pdbx_diffrn_id         ? 
_reflns_shell.pdbx_ordinal           1 
# 
_refine.entry_id                                 1AY7 
_refine.ls_number_reflns_obs                     27352 
_refine.ls_number_reflns_all                     ? 
_refine.pdbx_ls_sigma_I                          ? 
_refine.pdbx_ls_sigma_F                          0.0 
_refine.pdbx_data_cutoff_high_absF               ? 
_refine.pdbx_data_cutoff_low_absF                ? 
_refine.pdbx_data_cutoff_high_rms_absF           ? 
_refine.ls_d_res_low                             25.0 
_refine.ls_d_res_high                            1.7 
_refine.ls_percent_reflns_obs                    100.0 
_refine.ls_R_factor_obs                          0.162 
_refine.ls_R_factor_all                          ? 
_refine.ls_R_factor_R_work                       0.16 
_refine.ls_R_factor_R_free                       0.19 
_refine.ls_R_factor_R_free_error                 ? 
_refine.ls_R_factor_R_free_error_details         ? 
_refine.ls_percent_reflns_R_free                 10 
_refine.ls_number_reflns_R_free                  2739 
_refine.ls_number_parameters                     ? 
_refine.ls_number_restraints                     ? 
_refine.occupancy_min                            ? 
_refine.occupancy_max                            ? 
_refine.B_iso_mean                               24.8 
_refine.aniso_B[1][1]                            23.8 
_refine.aniso_B[2][2]                            23.8 
_refine.aniso_B[3][3]                            21.8 
_refine.aniso_B[1][2]                            3.5 
_refine.aniso_B[1][3]                            0.0 
_refine.aniso_B[2][3]                            0.0 
_refine.solvent_model_details                    ? 
_refine.solvent_model_param_ksol                 ? 
_refine.solvent_model_param_bsol                 ? 
_refine.pdbx_ls_cross_valid_method               'FREE R' 
_refine.details                                  
'ESTIMATED COORDINATE ERROR. ESD FROM CRUICKSHANK (A) : 0.078 ESD FROM SIGMAA (A) : 0.061' 
_refine.pdbx_starting_model                      'PDB ENTRY 1BRS' 
_refine.pdbx_method_to_determine_struct          'MOLECULAR REPLACEMENT' 
_refine.pdbx_isotropic_thermal_model             ? 
_refine.pdbx_stereochemistry_target_values       ? 
_refine.pdbx_stereochem_target_val_spec_case     ? 
_refine.pdbx_R_Free_selection_details            RANDOM 
_refine.pdbx_overall_ESU_R                       ? 
_refine.pdbx_overall_ESU_R_Free                  ? 
_refine.overall_SU_ML                            ? 
_refine.overall_SU_B                             ? 
_refine.pdbx_refine_id                           'X-RAY DIFFRACTION' 
_refine.pdbx_diffrn_id                           1 
_refine.pdbx_TLS_residual_ADP_flag               ? 
_refine.correlation_coeff_Fo_to_Fc               ? 
_refine.correlation_coeff_Fo_to_Fc_free          ? 
_refine.pdbx_solvent_vdw_probe_radii             ? 
_refine.pdbx_solvent_ion_probe_radii             ? 
_refine.pdbx_solvent_shrinkage_radii             ? 
_refine.pdbx_overall_phase_error                 ? 
_refine.overall_SU_R_Cruickshank_DPI             ? 
_refine.pdbx_overall_SU_R_free_Cruickshank_DPI   ? 
_refine.pdbx_overall_SU_R_Blow_DPI               ? 
_refine.pdbx_overall_SU_R_free_Blow_DPI          ? 
# 
_refine_analyze.entry_id                        1AY7 
_refine_analyze.Luzzati_coordinate_error_obs    ? 
_refine_analyze.Luzzati_sigma_a_obs             0.06 
_refine_analyze.Luzzati_d_res_low_obs           ? 
_refine_analyze.Luzzati_coordinate_error_free   ? 
_refine_analyze.Luzzati_sigma_a_free            ? 
_refine_analyze.Luzzati_d_res_low_free          ? 
_refine_analyze.number_disordered_residues      ? 
_refine_analyze.occupancy_sum_hydrogen          ? 
_refine_analyze.occupancy_sum_non_hydrogen      ? 
_refine_analyze.pdbx_refine_id                  'X-RAY DIFFRACTION' 
# 
_refine_hist.pdbx_refine_id                   'X-RAY DIFFRACTION' 
_refine_hist.cycle_id                         LAST 
_refine_hist.pdbx_number_atoms_protein        1488 
_refine_hist.pdbx_number_atoms_nucleic_acid   0 
_refine_hist.pdbx_number_atoms_ligand         0 
_refine_hist.number_atoms_solvent             190 
_refine_hist.number_atoms_total               1678 
_refine_hist.d_res_high                       1.7 
_refine_hist.d_res_low                        25.0 
# 
loop_
_refine_ls_restr.type 
_refine_ls_restr.dev_ideal 
_refine_ls_restr.dev_ideal_target 
_refine_ls_restr.weight 
_refine_ls_restr.number 
_refine_ls_restr.pdbx_refine_id 
_refine_ls_restr.pdbx_restraint_function 
p_bond_d            0.025 0.020 ? ? 'X-RAY DIFFRACTION' ? 
p_angle_d           0.040 0.040 ? ? 'X-RAY DIFFRACTION' ? 
p_angle_deg         ?     ?     ? ? 'X-RAY DIFFRACTION' ? 
p_planar_d          0.089 0.050 ? ? 'X-RAY DIFFRACTION' ? 
p_hb_or_metal_coord ?     ?     ? ? 'X-RAY DIFFRACTION' ? 
p_mcbond_it         2.9   3.0   ? ? 'X-RAY DIFFRACTION' ? 
p_mcangle_it        4.2   5.0   ? ? 'X-RAY DIFFRACTION' ? 
p_scbond_it         5.5   6.0   ? ? 'X-RAY DIFFRACTION' ? 
p_scangle_it        7.4   8.0   ? ? 'X-RAY DIFFRACTION' ? 
p_plane_restr       0.035 0.040 ? ? 'X-RAY DIFFRACTION' ? 
p_chiral_restr      0.257 0.150 ? ? 'X-RAY DIFFRACTION' ? 
p_singtor_nbd       0.187 0.300 ? ? 'X-RAY DIFFRACTION' ? 
p_multtor_nbd       0.264 0.300 ? ? 'X-RAY DIFFRACTION' ? 
p_xhyhbond_nbd      0.143 0.300 ? ? 'X-RAY DIFFRACTION' ? 
p_xyhbond_nbd       0.143 0.300 ? ? 'X-RAY DIFFRACTION' ? 
p_planar_tor        12.8  7.0   ? ? 'X-RAY DIFFRACTION' ? 
p_staggered_tor     17.0  15.0  ? ? 'X-RAY DIFFRACTION' ? 
p_orthonormal_tor   ?     ?     ? ? 'X-RAY DIFFRACTION' ? 
p_transverse_tor    23.5  20.0  ? ? 'X-RAY DIFFRACTION' ? 
p_special_tor       ?     ?     ? ? 'X-RAY DIFFRACTION' ? 
# 
_struct.entry_id                  1AY7 
_struct.title                     'RIBONUCLEASE SA COMPLEX WITH BARSTAR' 
_struct.pdbx_model_details        ? 
_struct.pdbx_CASP_flag            ? 
_struct.pdbx_model_type_details   ? 
# 
_struct_keywords.entry_id        1AY7 
_struct_keywords.pdbx_keywords   'COMPLEX (ENZYME/INHIBITOR)' 
_struct_keywords.text            
'RIBONUCLEASE, INHIBITOR, STREPTOMYCES AUREOFACIENS, COMPLEX (ENZYME-INHIBITOR), COMPLEX (ENZYME-INHIBITOR) complex' 
# 
loop_
_struct_asym.id 
_struct_asym.pdbx_blank_PDB_chainid_flag 
_struct_asym.pdbx_modified 
_struct_asym.entity_id 
_struct_asym.details 
A N N 1 ? 
B N N 2 ? 
C N N 3 ? 
D N N 3 ? 
# 
loop_
_struct_ref.id 
_struct_ref.db_name 
_struct_ref.db_code 
_struct_ref.entity_id 
_struct_ref.pdbx_db_accession 
_struct_ref.pdbx_align_begin 
_struct_ref.pdbx_seq_one_letter_code 
_struct_ref.pdbx_db_isoform 
1 UNP RNSA_STRAU 1 P05798 1 
;DVSGTVCLSALPPEATDTLNLIASDGPFPYSQDGVVFQNRESVLPTQSYGYYHEYTVITPGARTRGTRRIICGEATQEDY
YTGDHYATFSLIDQTC
;
? 
2 UNP BARS_BACAM 2 P11540 1 
;KKAVINGEQIRSISDLHQTLKKELALPEYYGENLDALWDCLTGWVEYPLVLEWRQFEQSKQLTENGAESVLQVFREAKAE
GCDITIILS
;
? 
# 
loop_
_struct_ref_seq.align_id 
_struct_ref_seq.ref_id 
_struct_ref_seq.pdbx_PDB_id_code 
_struct_ref_seq.pdbx_strand_id 
_struct_ref_seq.seq_align_beg 
_struct_ref_seq.pdbx_seq_align_beg_ins_code 
_struct_ref_seq.seq_align_end 
_struct_ref_seq.pdbx_seq_align_end_ins_code 
_struct_ref_seq.pdbx_db_accession 
_struct_ref_seq.db_align_beg 
_struct_ref_seq.pdbx_db_align_beg_ins_code 
_struct_ref_seq.db_align_end 
_struct_ref_seq.pdbx_db_align_end_ins_code 
_struct_ref_seq.pdbx_auth_seq_align_beg 
_struct_ref_seq.pdbx_auth_seq_align_end 
1 1 1AY7 A 1 ? 96 ? P05798 1 ? 96 ? 1 96 
2 2 1AY7 B 1 ? 89 ? P11540 1 ? 89 ? 1 89 
# 
_struct_ref_seq_dif.align_id                     1 
_struct_ref_seq_dif.pdbx_pdb_id_code             1AY7 
_struct_ref_seq_dif.mon_id                       THR 
_struct_ref_seq_dif.pdbx_pdb_strand_id           A 
_struct_ref_seq_dif.seq_num                      72 
_struct_ref_seq_dif.pdbx_pdb_ins_code            ? 
_struct_ref_seq_dif.pdbx_seq_db_name             UNP 
_struct_ref_seq_dif.pdbx_seq_db_accession_code   P05798 
_struct_ref_seq_dif.db_mon_id                    CYS 
_struct_ref_seq_dif.pdbx_seq_db_seq_num          72 
_struct_ref_seq_dif.details                      conflict 
_struct_ref_seq_dif.pdbx_auth_seq_num            72 
_struct_ref_seq_dif.pdbx_ordinal                 1 
# 
_pdbx_struct_assembly.id                   1 
_pdbx_struct_assembly.details              author_defined_assembly 
_pdbx_struct_assembly.method_details       ? 
_pdbx_struct_assembly.oligomeric_details   dimeric 
_pdbx_struct_assembly.oligomeric_count     2 
# 
_pdbx_struct_assembly_gen.assembly_id       1 
_pdbx_struct_assembly_gen.oper_expression   1 
_pdbx_struct_assembly_gen.asym_id_list      A,B,C,D 
# 
_pdbx_struct_oper_list.id                   1 
_pdbx_struct_oper_list.type                 'identity operation' 
_pdbx_struct_oper_list.name                 1_555 
_pdbx_struct_oper_list.symmetry_operation   x,y,z 
_pdbx_struct_oper_list.matrix[1][1]         1.0000000000 
_pdbx_struct_oper_list.matrix[1][2]         0.0000000000 
_pdbx_struct_oper_list.matrix[1][3]         0.0000000000 
_pdbx_struct_oper_list.vector[1]            0.0000000000 
_pdbx_struct_oper_list.matrix[2][1]         0.0000000000 
_pdbx_struct_oper_list.matrix[2][2]         1.0000000000 
_pdbx_struct_oper_list.matrix[2][3]         0.0000000000 
_pdbx_struct_oper_list.vector[2]            0.0000000000 
_pdbx_struct_oper_list.matrix[3][1]         0.0000000000 
_pdbx_struct_oper_list.matrix[3][2]         0.0000000000 
_pdbx_struct_oper_list.matrix[3][3]         1.0000000000 
_pdbx_struct_oper_list.vector[3]            0.0000000000 
# 
_struct_biol.id   1 
# 
loop_
_struct_conf.conf_type_id 
_struct_conf.id 
_struct_conf.pdbx_PDB_helix_id 
_struct_conf.beg_label_comp_id 
_struct_conf.beg_label_asym_id 
_struct_conf.beg_label_seq_id 
_struct_conf.pdbx_beg_PDB_ins_code 
_struct_conf.end_label_comp_id 
_struct_conf.end_label_asym_id 
_struct_conf.end_label_seq_id 
_struct_conf.pdbx_end_PDB_ins_code 
_struct_conf.beg_auth_comp_id 
_struct_conf.beg_auth_asym_id 
_struct_conf.beg_auth_seq_id 
_struct_conf.end_auth_comp_id 
_struct_conf.end_auth_asym_id 
_struct_conf.end_auth_seq_id 
_struct_conf.pdbx_PDB_helix_class 
_struct_conf.details 
_struct_conf.pdbx_PDB_helix_length 
HELX_P HELX_P1 1 LEU A 8  ? ALA A 10 ? LEU A 8  ALA A 10 5 ? 3  
HELX_P HELX_P2 2 PRO A 13 ? ALA A 23 ? PRO A 13 ALA A 23 1 ? 11 
HELX_P HELX_P3 3 GLY B 7  ? GLN B 9  ? GLY B 7  GLN B 9  5 ? 3  
HELX_P HELX_P4 4 ILE B 13 ? GLU B 23 ? ILE B 13 GLU B 23 1 ? 11 
HELX_P HELX_P5 5 LEU B 34 ? GLY B 43 ? LEU B 34 GLY B 43 1 ? 10 
HELX_P HELX_P6 6 PHE B 56 ? THR B 63 ? PHE B 56 THR B 63 1 ? 8  
HELX_P HELX_P7 7 GLY B 66 ? GLU B 80 ? GLY B 66 GLU B 80 1 ? 15 
# 
_struct_conf_type.id          HELX_P 
_struct_conf_type.criteria    ? 
_struct_conf_type.reference   ? 
# 
_struct_conn.id                            disulf1 
_struct_conn.conn_type_id                  disulf 
_struct_conn.pdbx_leaving_atom_flag        ? 
_struct_conn.pdbx_PDB_id                   ? 
_struct_conn.ptnr1_label_asym_id           A 
_struct_conn.ptnr1_label_comp_id           CYS 
_struct_conn.ptnr1_label_seq_id            7 
_struct_conn.ptnr1_label_atom_id           SG 
_struct_conn.pdbx_ptnr1_label_alt_id       ? 
_struct_conn.pdbx_ptnr1_PDB_ins_code       ? 
_struct_conn.pdbx_ptnr1_standard_comp_id   ? 
_struct_conn.ptnr1_symmetry                1_555 
_struct_conn.ptnr2_label_asym_id           A 
_struct_conn.ptnr2_label_comp_id           CYS 
_struct_conn.ptnr2_label_seq_id            96 
_struct_conn.ptnr2_label_atom_id           SG 
_struct_conn.pdbx_ptnr2_label_alt_id       ? 
_struct_conn.pdbx_ptnr2_PDB_ins_code       ? 
_struct_conn.ptnr1_auth_asym_id            A 
_struct_conn.ptnr1_auth_comp_id            CYS 
_struct_conn.ptnr1_auth_seq_id             7 
_struct_conn.ptnr2_auth_asym_id            A 
_struct_conn.ptnr2_auth_comp_id            CYS 
_struct_conn.ptnr2_auth_seq_id             96 
_struct_conn.ptnr2_symmetry                1_555 
_struct_conn.pdbx_ptnr3_label_atom_id      ? 
_struct_conn.pdbx_ptnr3_label_seq_id       ? 
_struct_conn.pdbx_ptnr3_label_comp_id      ? 
_struct_conn.pdbx_ptnr3_label_asym_id      ? 
_struct_conn.pdbx_ptnr3_label_alt_id       ? 
_struct_conn.pdbx_ptnr3_PDB_ins_code       ? 
_struct_conn.details                       ? 
_struct_conn.pdbx_dist_value               2.035 
_struct_conn.pdbx_value_order              ? 
_struct_conn.pdbx_role                     ? 
# 
_struct_conn_type.id          disulf 
_struct_conn_type.criteria    ? 
_struct_conn_type.reference   ? 
# 
_pdbx_modification_feature.ordinal                            1 
_pdbx_modification_feature.label_comp_id                      CYS 
_pdbx_modification_feature.label_asym_id                      A 
_pdbx_modification_feature.label_seq_id                       7 
_pdbx_modification_feature.label_alt_id                       ? 
_pdbx_modification_feature.modified_residue_label_comp_id     CYS 
_pdbx_modification_feature.modified_residue_label_asym_id     A 
_pdbx_modification_feature.modified_residue_label_seq_id      96 
_pdbx_modification_feature.modified_residue_label_alt_id      ? 
_pdbx_modification_feature.auth_comp_id                       CYS 
_pdbx_modification_feature.auth_asym_id                       A 
_pdbx_modification_feature.auth_seq_id                        7 
_pdbx_modification_feature.PDB_ins_code                       ? 
_pdbx_modification_feature.symmetry                           1_555 
_pdbx_modification_feature.modified_residue_auth_comp_id      CYS 
_pdbx_modification_feature.modified_residue_auth_asym_id      A 
_pdbx_modification_feature.modified_residue_auth_seq_id       96 
_pdbx_modification_feature.modified_residue_PDB_ins_code      ? 
_pdbx_modification_feature.modified_residue_symmetry          1_555 
_pdbx_modification_feature.comp_id_linking_atom               SG 
_pdbx_modification_feature.modified_residue_id_linking_atom   SG 
_pdbx_modification_feature.modified_residue_id                . 
_pdbx_modification_feature.ref_pcm_id                         . 
_pdbx_modification_feature.ref_comp_id                        . 
_pdbx_modification_feature.type                               None 
_pdbx_modification_feature.category                           'Disulfide bridge' 
# 
loop_
_struct_mon_prot_cis.pdbx_id 
_struct_mon_prot_cis.label_comp_id 
_struct_mon_prot_cis.label_seq_id 
_struct_mon_prot_cis.label_asym_id 
_struct_mon_prot_cis.label_alt_id 
_struct_mon_prot_cis.pdbx_PDB_ins_code 
_struct_mon_prot_cis.auth_comp_id 
_struct_mon_prot_cis.auth_seq_id 
_struct_mon_prot_cis.auth_asym_id 
_struct_mon_prot_cis.pdbx_label_comp_id_2 
_struct_mon_prot_cis.pdbx_label_seq_id_2 
_struct_mon_prot_cis.pdbx_label_asym_id_2 
_struct_mon_prot_cis.pdbx_PDB_ins_code_2 
_struct_mon_prot_cis.pdbx_auth_comp_id_2 
_struct_mon_prot_cis.pdbx_auth_seq_id_2 
_struct_mon_prot_cis.pdbx_auth_asym_id_2 
_struct_mon_prot_cis.pdbx_PDB_model_num 
_struct_mon_prot_cis.pdbx_omega_angle 
1 GLY 26 A . ? GLY 26 A PRO 27 A ? PRO 27 A 1 21.35 
2 TYR 47 B . ? TYR 47 B PRO 48 B ? PRO 48 B 1 24.92 
# 
loop_
_struct_sheet.id 
_struct_sheet.type 
_struct_sheet.number_strands 
_struct_sheet.details 
A ? 2 ? 
B ? 3 ? 
C ? 3 ? 
# 
loop_
_struct_sheet_order.sheet_id 
_struct_sheet_order.range_id_1 
_struct_sheet_order.range_id_2 
_struct_sheet_order.offset 
_struct_sheet_order.sense 
A 1 2 ? parallel      
B 1 2 ? anti-parallel 
B 2 3 ? anti-parallel 
C 1 2 ? parallel      
C 2 3 ? parallel      
# 
loop_
_struct_sheet_range.sheet_id 
_struct_sheet_range.id 
_struct_sheet_range.beg_label_comp_id 
_struct_sheet_range.beg_label_asym_id 
_struct_sheet_range.beg_label_seq_id 
_struct_sheet_range.pdbx_beg_PDB_ins_code 
_struct_sheet_range.end_label_comp_id 
_struct_sheet_range.end_label_asym_id 
_struct_sheet_range.end_label_seq_id 
_struct_sheet_range.pdbx_end_PDB_ins_code 
_struct_sheet_range.beg_auth_comp_id 
_struct_sheet_range.beg_auth_asym_id 
_struct_sheet_range.beg_auth_seq_id 
_struct_sheet_range.end_auth_comp_id 
_struct_sheet_range.end_auth_asym_id 
_struct_sheet_range.end_auth_seq_id 
A 1 THR A 5  ? CYS A 7  ? THR A 5  CYS A 7  
A 2 LEU A 91 ? ASP A 93 ? LEU A 91 ASP A 93 
B 1 HIS A 53 ? THR A 56 ? HIS A 53 THR A 56 
B 2 ARG A 69 ? THR A 72 ? ARG A 69 THR A 72 
B 3 ASP A 79 ? THR A 82 ? ASP A 79 THR A 82 
C 1 LYS B 2  ? ASN B 6  ? LYS B 2  ASN B 6  
C 2 LEU B 49 ? ARG B 54 ? LEU B 49 ARG B 54 
C 3 ILE B 84 ? LEU B 88 ? ILE B 84 LEU B 88 
# 
loop_
_pdbx_struct_sheet_hbond.sheet_id 
_pdbx_struct_sheet_hbond.range_id_1 
_pdbx_struct_sheet_hbond.range_id_2 
_pdbx_struct_sheet_hbond.range_1_label_atom_id 
_pdbx_struct_sheet_hbond.range_1_label_comp_id 
_pdbx_struct_sheet_hbond.range_1_label_asym_id 
_pdbx_struct_sheet_hbond.range_1_label_seq_id 
_pdbx_struct_sheet_hbond.range_1_PDB_ins_code 
_pdbx_struct_sheet_hbond.range_1_auth_atom_id 
_pdbx_struct_sheet_hbond.range_1_auth_comp_id 
_pdbx_struct_sheet_hbond.range_1_auth_asym_id 
_pdbx_struct_sheet_hbond.range_1_auth_seq_id 
_pdbx_struct_sheet_hbond.range_2_label_atom_id 
_pdbx_struct_sheet_hbond.range_2_label_comp_id 
_pdbx_struct_sheet_hbond.range_2_label_asym_id 
_pdbx_struct_sheet_hbond.range_2_label_seq_id 
_pdbx_struct_sheet_hbond.range_2_PDB_ins_code 
_pdbx_struct_sheet_hbond.range_2_auth_atom_id 
_pdbx_struct_sheet_hbond.range_2_auth_comp_id 
_pdbx_struct_sheet_hbond.range_2_auth_asym_id 
_pdbx_struct_sheet_hbond.range_2_auth_seq_id 
A 1 2 O VAL A 6  ? O VAL A 6  N LEU A 91 ? N LEU A 91 
B 1 2 O HIS A 53 ? O HIS A 53 N THR A 72 ? N THR A 72 
B 2 3 O ARG A 69 ? O ARG A 69 N THR A 82 ? N THR A 82 
C 1 2 O ALA B 3  ? O ALA B 3  N VAL B 50 ? N VAL B 50 
C 2 3 O LEU B 49 ? O LEU B 49 N THR B 85 ? N THR B 85 
# 
_pdbx_entry_details.entry_id                   1AY7 
_pdbx_entry_details.compound_details           ? 
_pdbx_entry_details.source_details             ? 
_pdbx_entry_details.nonpolymer_details         ? 
_pdbx_entry_details.sequence_details           ? 
_pdbx_entry_details.has_ligand_of_interest     ? 
_pdbx_entry_details.has_protein_modification   Y 
# 
_pdbx_validate_symm_contact.id                1 
_pdbx_validate_symm_contact.PDB_model_num     1 
_pdbx_validate_symm_contact.auth_atom_id_1    O 
_pdbx_validate_symm_contact.auth_asym_id_1    A 
_pdbx_validate_symm_contact.auth_comp_id_1    HOH 
_pdbx_validate_symm_contact.auth_seq_id_1     188 
_pdbx_validate_symm_contact.PDB_ins_code_1    ? 
_pdbx_validate_symm_contact.label_alt_id_1    ? 
_pdbx_validate_symm_contact.site_symmetry_1   1_555 
_pdbx_validate_symm_contact.auth_atom_id_2    O 
_pdbx_validate_symm_contact.auth_asym_id_2    A 
_pdbx_validate_symm_contact.auth_comp_id_2    HOH 
_pdbx_validate_symm_contact.auth_seq_id_2     219 
_pdbx_validate_symm_contact.PDB_ins_code_2    ? 
_pdbx_validate_symm_contact.label_alt_id_2    ? 
_pdbx_validate_symm_contact.site_symmetry_2   6_554 
_pdbx_validate_symm_contact.dist              2.18 
# 
loop_
_pdbx_validate_rmsd_angle.id 
_pdbx_validate_rmsd_angle.PDB_model_num 
_pdbx_validate_rmsd_angle.auth_atom_id_1 
_pdbx_validate_rmsd_angle.auth_asym_id_1 
_pdbx_validate_rmsd_angle.auth_comp_id_1 
_pdbx_validate_rmsd_angle.auth_seq_id_1 
_pdbx_validate_rmsd_angle.PDB_ins_code_1 
_pdbx_validate_rmsd_angle.label_alt_id_1 
_pdbx_validate_rmsd_angle.auth_atom_id_2 
_pdbx_validate_rmsd_angle.auth_asym_id_2 
_pdbx_validate_rmsd_angle.auth_comp_id_2 
_pdbx_validate_rmsd_angle.auth_seq_id_2 
_pdbx_validate_rmsd_angle.PDB_ins_code_2 
_pdbx_validate_rmsd_angle.label_alt_id_2 
_pdbx_validate_rmsd_angle.auth_atom_id_3 
_pdbx_validate_rmsd_angle.auth_asym_id_3 
_pdbx_validate_rmsd_angle.auth_comp_id_3 
_pdbx_validate_rmsd_angle.auth_seq_id_3 
_pdbx_validate_rmsd_angle.PDB_ins_code_3 
_pdbx_validate_rmsd_angle.label_alt_id_3 
_pdbx_validate_rmsd_angle.angle_value 
_pdbx_validate_rmsd_angle.angle_target_value 
_pdbx_validate_rmsd_angle.angle_deviation 
_pdbx_validate_rmsd_angle.angle_standard_deviation 
_pdbx_validate_rmsd_angle.linker_flag 
1  1 CB  A TYR 30 ? ? CG  A TYR 30 ? ? CD1 A TYR 30 ? ? 115.23 121.00 -5.77  0.60 N 
2  1 CB  A ASP 33 ? ? CG  A ASP 33 ? ? OD1 A ASP 33 ? ? 124.18 118.30 5.88   0.90 N 
3  1 CB  A ASP 33 ? ? CG  A ASP 33 ? ? OD2 A ASP 33 ? ? 111.26 118.30 -7.04  0.90 N 
4  1 CB  A PHE 37 ? ? CG  A PHE 37 ? ? CD1 A PHE 37 ? ? 114.67 120.80 -6.13  0.70 N 
5  1 CG  A PHE 37 ? ? CD1 A PHE 37 ? ? CE1 A PHE 37 ? ? 114.16 120.80 -6.64  1.10 N 
6  1 NE  A ARG 40 ? ? CZ  A ARG 40 ? ? NH2 A ARG 40 ? ? 116.33 120.30 -3.97  0.50 N 
7  1 CB  A TYR 49 ? ? CG  A TYR 49 ? ? CD2 A TYR 49 ? ? 114.88 121.00 -6.12  0.60 N 
8  1 CB  A TYR 51 ? ? CG  A TYR 51 ? ? CD1 A TYR 51 ? ? 115.70 121.00 -5.30  0.60 N 
9  1 CG  A TYR 52 ? ? CD1 A TYR 52 ? ? CE1 A TYR 52 ? ? 115.77 121.30 -5.53  0.80 N 
10 1 CB  A TYR 55 ? ? CG  A TYR 55 ? ? CD2 A TYR 55 ? ? 117.09 121.00 -3.91  0.60 N 
11 1 CG  A ARG 68 ? ? CD  A ARG 68 ? ? NE  A ARG 68 ? ? 97.12  111.80 -14.68 2.10 N 
12 1 NE  A ARG 68 ? ? CZ  A ARG 68 ? ? NH1 A ARG 68 ? ? 125.57 120.30 5.27   0.50 N 
13 1 CA  A GLN 77 ? ? CB  A GLN 77 ? ? CG  A GLN 77 ? ? 99.66  113.40 -13.74 2.20 N 
14 1 CB  A TYR 81 ? ? CG  A TYR 81 ? ? CD2 A TYR 81 ? ? 117.38 121.00 -3.62  0.60 N 
15 1 CG  A TYR 81 ? ? CD2 A TYR 81 ? ? CE2 A TYR 81 ? ? 115.21 121.30 -6.09  0.80 N 
16 1 CB  A ASP 84 ? ? CG  A ASP 84 ? ? OD2 A ASP 84 ? ? 125.80 118.30 7.50   0.90 N 
17 1 CB  A PHE 89 ? ? CG  A PHE 89 ? ? CD1 A PHE 89 ? ? 114.76 120.80 -6.04  0.70 N 
18 1 CB  A ASP 93 ? ? CG  A ASP 93 ? ? OD2 A ASP 93 ? ? 109.90 118.30 -8.40  0.90 N 
19 1 O   B LYS 1  ? A C   B LYS 1  ? A N   B LYS 2  ? ? 133.47 122.70 10.77  1.60 Y 
20 1 NE  B ARG 11 ? ? CZ  B ARG 11 ? ? NH2 B ARG 11 ? ? 116.87 120.30 -3.43  0.50 N 
21 1 CA  B SER 12 ? ? CB  B SER 12 ? ? OG  B SER 12 ? ? 128.23 111.20 17.03  2.70 N 
22 1 CB  B ASP 15 ? ? CG  B ASP 15 ? ? OD2 B ASP 15 ? ? 110.25 118.30 -8.05  0.90 N 
23 1 CB  B TYR 30 ? ? CG  B TYR 30 ? ? CD2 B TYR 30 ? ? 126.77 121.00 5.77   0.60 N 
24 1 CB  B TYR 30 ? ? CG  B TYR 30 ? ? CD1 B TYR 30 ? ? 115.90 121.00 -5.10  0.60 N 
25 1 O   B GLY 31 ? ? C   B GLY 31 ? ? N   B GLU 32 ? ? 112.33 122.70 -10.37 1.60 Y 
26 1 OE1 B GLU 46 ? ? CD  B GLU 46 ? ? OE2 B GLU 46 ? ? 131.08 123.30 7.78   1.20 N 
27 1 CB  B TYR 47 ? ? CG  B TYR 47 ? ? CD1 B TYR 47 ? ? 116.43 121.00 -4.57  0.60 N 
28 1 NE  B ARG 54 ? ? CZ  B ARG 54 ? ? NH1 B ARG 54 ? ? 117.07 120.30 -3.23  0.50 N 
29 1 NE  B ARG 75 ? ? CZ  B ARG 75 ? ? NH2 B ARG 75 ? ? 116.07 120.30 -4.23  0.50 N 
# 
loop_
_pdbx_validate_torsion.id 
_pdbx_validate_torsion.PDB_model_num 
_pdbx_validate_torsion.auth_comp_id 
_pdbx_validate_torsion.auth_asym_id 
_pdbx_validate_torsion.auth_seq_id 
_pdbx_validate_torsion.PDB_ins_code 
_pdbx_validate_torsion.label_alt_id 
_pdbx_validate_torsion.phi 
_pdbx_validate_torsion.psi 
1 1 SER A 3  ? ? -95.52  56.09  
2 1 TRP B 44 ? ? -157.22 -42.22 
3 1 GLN B 61 ? ? -57.56  -80.58 
4 1 LEU B 62 ? ? -37.90  -39.98 
5 1 ASN B 65 ? ? 76.80   32.14  
# 
_pdbx_validate_peptide_omega.id               1 
_pdbx_validate_peptide_omega.PDB_model_num    1 
_pdbx_validate_peptide_omega.auth_comp_id_1   ASN 
_pdbx_validate_peptide_omega.auth_asym_id_1   B 
_pdbx_validate_peptide_omega.auth_seq_id_1    65 
_pdbx_validate_peptide_omega.PDB_ins_code_1   ? 
_pdbx_validate_peptide_omega.label_alt_id_1   ? 
_pdbx_validate_peptide_omega.auth_comp_id_2   GLY 
_pdbx_validate_peptide_omega.auth_asym_id_2   B 
_pdbx_validate_peptide_omega.auth_seq_id_2    66 
_pdbx_validate_peptide_omega.PDB_ins_code_2   ? 
_pdbx_validate_peptide_omega.label_alt_id_2   ? 
_pdbx_validate_peptide_omega.omega            148.57 
# 
loop_
_pdbx_validate_main_chain_plane.id 
_pdbx_validate_main_chain_plane.PDB_model_num 
_pdbx_validate_main_chain_plane.auth_comp_id 
_pdbx_validate_main_chain_plane.auth_asym_id 
_pdbx_validate_main_chain_plane.auth_seq_id 
_pdbx_validate_main_chain_plane.PDB_ins_code 
_pdbx_validate_main_chain_plane.label_alt_id 
_pdbx_validate_main_chain_plane.improper_torsion_angle 
1  1 SER A 3  ? ? 17.56  
2  1 GLY A 26 ? ? 14.07  
3  1 PHE A 28 ? ? -15.93 
4  1 TYR A 30 ? ? 10.93  
5  1 SER A 42 ? ? -13.60 
6  1 TYR A 55 ? ? 10.22  
7  1 GLY A 61 ? ? 10.56  
8  1 ALA A 75 ? ? 13.20  
9  1 GLY B 43 ? ? 13.08  
10 1 TYR B 47 ? ? 16.59  
11 1 THR B 63 ? ? 13.01  
# 
loop_
_chem_comp_atom.comp_id 
_chem_comp_atom.atom_id 
_chem_comp_atom.type_symbol 
_chem_comp_atom.pdbx_aromatic_flag 
_chem_comp_atom.pdbx_stereo_config 
_chem_comp_atom.pdbx_ordinal 
ALA N    N N N 1   
ALA CA   C N S 2   
ALA C    C N N 3   
ALA O    O N N 4   
ALA CB   C N N 5   
ALA OXT  O N N 6   
ALA H    H N N 7   
ALA H2   H N N 8   
ALA HA   H N N 9   
ALA HB1  H N N 10  
ALA HB2  H N N 11  
ALA HB3  H N N 12  
ALA HXT  H N N 13  
ARG N    N N N 14  
ARG CA   C N S 15  
ARG C    C N N 16  
ARG O    O N N 17  
ARG CB   C N N 18  
ARG CG   C N N 19  
ARG CD   C N N 20  
ARG NE   N N N 21  
ARG CZ   C N N 22  
ARG NH1  N N N 23  
ARG NH2  N N N 24  
ARG OXT  O N N 25  
ARG H    H N N 26  
ARG H2   H N N 27  
ARG HA   H N N 28  
ARG HB2  H N N 29  
ARG HB3  H N N 30  
ARG HG2  H N N 31  
ARG HG3  H N N 32  
ARG HD2  H N N 33  
ARG HD3  H N N 34  
ARG HE   H N N 35  
ARG HH11 H N N 36  
ARG HH12 H N N 37  
ARG HH21 H N N 38  
ARG HH22 H N N 39  
ARG HXT  H N N 40  
ASN N    N N N 41  
ASN CA   C N S 42  
ASN C    C N N 43  
ASN O    O N N 44  
ASN CB   C N N 45  
ASN CG   C N N 46  
ASN OD1  O N N 47  
ASN ND2  N N N 48  
ASN OXT  O N N 49  
ASN H    H N N 50  
ASN H2   H N N 51  
ASN HA   H N N 52  
ASN HB2  H N N 53  
ASN HB3  H N N 54  
ASN HD21 H N N 55  
ASN HD22 H N N 56  
ASN HXT  H N N 57  
ASP N    N N N 58  
ASP CA   C N S 59  
ASP C    C N N 60  
ASP O    O N N 61  
ASP CB   C N N 62  
ASP CG   C N N 63  
ASP OD1  O N N 64  
ASP OD2  O N N 65  
ASP OXT  O N N 66  
ASP H    H N N 67  
ASP H2   H N N 68  
ASP HA   H N N 69  
ASP HB2  H N N 70  
ASP HB3  H N N 71  
ASP HD2  H N N 72  
ASP HXT  H N N 73  
CYS N    N N N 74  
CYS CA   C N R 75  
CYS C    C N N 76  
CYS O    O N N 77  
CYS CB   C N N 78  
CYS SG   S N N 79  
CYS OXT  O N N 80  
CYS H    H N N 81  
CYS H2   H N N 82  
CYS HA   H N N 83  
CYS HB2  H N N 84  
CYS HB3  H N N 85  
CYS HG   H N N 86  
CYS HXT  H N N 87  
GLN N    N N N 88  
GLN CA   C N S 89  
GLN C    C N N 90  
GLN O    O N N 91  
GLN CB   C N N 92  
GLN CG   C N N 93  
GLN CD   C N N 94  
GLN OE1  O N N 95  
GLN NE2  N N N 96  
GLN OXT  O N N 97  
GLN H    H N N 98  
GLN H2   H N N 99  
GLN HA   H N N 100 
GLN HB2  H N N 101 
GLN HB3  H N N 102 
GLN HG2  H N N 103 
GLN HG3  H N N 104 
GLN HE21 H N N 105 
GLN HE22 H N N 106 
GLN HXT  H N N 107 
GLU N    N N N 108 
GLU CA   C N S 109 
GLU C    C N N 110 
GLU O    O N N 111 
GLU CB   C N N 112 
GLU CG   C N N 113 
GLU CD   C N N 114 
GLU OE1  O N N 115 
GLU OE2  O N N 116 
GLU OXT  O N N 117 
GLU H    H N N 118 
GLU H2   H N N 119 
GLU HA   H N N 120 
GLU HB2  H N N 121 
GLU HB3  H N N 122 
GLU HG2  H N N 123 
GLU HG3  H N N 124 
GLU HE2  H N N 125 
GLU HXT  H N N 126 
GLY N    N N N 127 
GLY CA   C N N 128 
GLY C    C N N 129 
GLY O    O N N 130 
GLY OXT  O N N 131 
GLY H    H N N 132 
GLY H2   H N N 133 
GLY HA2  H N N 134 
GLY HA3  H N N 135 
GLY HXT  H N N 136 
HIS N    N N N 137 
HIS CA   C N S 138 
HIS C    C N N 139 
HIS O    O N N 140 
HIS CB   C N N 141 
HIS CG   C Y N 142 
HIS ND1  N Y N 143 
HIS CD2  C Y N 144 
HIS CE1  C Y N 145 
HIS NE2  N Y N 146 
HIS OXT  O N N 147 
HIS H    H N N 148 
HIS H2   H N N 149 
HIS HA   H N N 150 
HIS HB2  H N N 151 
HIS HB3  H N N 152 
HIS HD1  H N N 153 
HIS HD2  H N N 154 
HIS HE1  H N N 155 
HIS HE2  H N N 156 
HIS HXT  H N N 157 
HOH O    O N N 158 
HOH H1   H N N 159 
HOH H2   H N N 160 
ILE N    N N N 161 
ILE CA   C N S 162 
ILE C    C N N 163 
ILE O    O N N 164 
ILE CB   C N S 165 
ILE CG1  C N N 166 
ILE CG2  C N N 167 
ILE CD1  C N N 168 
ILE OXT  O N N 169 
ILE H    H N N 170 
ILE H2   H N N 171 
ILE HA   H N N 172 
ILE HB   H N N 173 
ILE HG12 H N N 174 
ILE HG13 H N N 175 
ILE HG21 H N N 176 
ILE HG22 H N N 177 
ILE HG23 H N N 178 
ILE HD11 H N N 179 
ILE HD12 H N N 180 
ILE HD13 H N N 181 
ILE HXT  H N N 182 
LEU N    N N N 183 
LEU CA   C N S 184 
LEU C    C N N 185 
LEU O    O N N 186 
LEU CB   C N N 187 
LEU CG   C N N 188 
LEU CD1  C N N 189 
LEU CD2  C N N 190 
LEU OXT  O N N 191 
LEU H    H N N 192 
LEU H2   H N N 193 
LEU HA   H N N 194 
LEU HB2  H N N 195 
LEU HB3  H N N 196 
LEU HG   H N N 197 
LEU HD11 H N N 198 
LEU HD12 H N N 199 
LEU HD13 H N N 200 
LEU HD21 H N N 201 
LEU HD22 H N N 202 
LEU HD23 H N N 203 
LEU HXT  H N N 204 
LYS N    N N N 205 
LYS CA   C N S 206 
LYS C    C N N 207 
LYS O    O N N 208 
LYS CB   C N N 209 
LYS CG   C N N 210 
LYS CD   C N N 211 
LYS CE   C N N 212 
LYS NZ   N N N 213 
LYS OXT  O N N 214 
LYS H    H N N 215 
LYS H2   H N N 216 
LYS HA   H N N 217 
LYS HB2  H N N 218 
LYS HB3  H N N 219 
LYS HG2  H N N 220 
LYS HG3  H N N 221 
LYS HD2  H N N 222 
LYS HD3  H N N 223 
LYS HE2  H N N 224 
LYS HE3  H N N 225 
LYS HZ1  H N N 226 
LYS HZ2  H N N 227 
LYS HZ3  H N N 228 
LYS HXT  H N N 229 
PHE N    N N N 230 
PHE CA   C N S 231 
PHE C    C N N 232 
PHE O    O N N 233 
PHE CB   C N N 234 
PHE CG   C Y N 235 
PHE CD1  C Y N 236 
PHE CD2  C Y N 237 
PHE CE1  C Y N 238 
PHE CE2  C Y N 239 
PHE CZ   C Y N 240 
PHE OXT  O N N 241 
PHE H    H N N 242 
PHE H2   H N N 243 
PHE HA   H N N 244 
PHE HB2  H N N 245 
PHE HB3  H N N 246 
PHE HD1  H N N 247 
PHE HD2  H N N 248 
PHE HE1  H N N 249 
PHE HE2  H N N 250 
PHE HZ   H N N 251 
PHE HXT  H N N 252 
PRO N    N N N 253 
PRO CA   C N S 254 
PRO C    C N N 255 
PRO O    O N N 256 
PRO CB   C N N 257 
PRO CG   C N N 258 
PRO CD   C N N 259 
PRO OXT  O N N 260 
PRO H    H N N 261 
PRO HA   H N N 262 
PRO HB2  H N N 263 
PRO HB3  H N N 264 
PRO HG2  H N N 265 
PRO HG3  H N N 266 
PRO HD2  H N N 267 
PRO HD3  H N N 268 
PRO HXT  H N N 269 
SER N    N N N 270 
SER CA   C N S 271 
SER C    C N N 272 
SER O    O N N 273 
SER CB   C N N 274 
SER OG   O N N 275 
SER OXT  O N N 276 
SER H    H N N 277 
SER H2   H N N 278 
SER HA   H N N 279 
SER HB2  H N N 280 
SER HB3  H N N 281 
SER HG   H N N 282 
SER HXT  H N N 283 
THR N    N N N 284 
THR CA   C N S 285 
THR C    C N N 286 
THR O    O N N 287 
THR CB   C N R 288 
THR OG1  O N N 289 
THR CG2  C N N 290 
THR OXT  O N N 291 
THR H    H N N 292 
THR H2   H N N 293 
THR HA   H N N 294 
THR HB   H N N 295 
THR HG1  H N N 296 
THR HG21 H N N 297 
THR HG22 H N N 298 
THR HG23 H N N 299 
THR HXT  H N N 300 
TRP N    N N N 301 
TRP CA   C N S 302 
TRP C    C N N 303 
TRP O    O N N 304 
TRP CB   C N N 305 
TRP CG   C Y N 306 
TRP CD1  C Y N 307 
TRP CD2  C Y N 308 
TRP NE1  N Y N 309 
TRP CE2  C Y N 310 
TRP CE3  C Y N 311 
TRP CZ2  C Y N 312 
TRP CZ3  C Y N 313 
TRP CH2  C Y N 314 
TRP OXT  O N N 315 
TRP H    H N N 316 
TRP H2   H N N 317 
TRP HA   H N N 318 
TRP HB2  H N N 319 
TRP HB3  H N N 320 
TRP HD1  H N N 321 
TRP HE1  H N N 322 
TRP HE3  H N N 323 
TRP HZ2  H N N 324 
TRP HZ3  H N N 325 
TRP HH2  H N N 326 
TRP HXT  H N N 327 
TYR N    N N N 328 
TYR CA   C N S 329 
TYR C    C N N 330 
TYR O    O N N 331 
TYR CB   C N N 332 
TYR CG   C Y N 333 
TYR CD1  C Y N 334 
TYR CD2  C Y N 335 
TYR CE1  C Y N 336 
TYR CE2  C Y N 337 
TYR CZ   C Y N 338 
TYR OH   O N N 339 
TYR OXT  O N N 340 
TYR H    H N N 341 
TYR H2   H N N 342 
TYR HA   H N N 343 
TYR HB2  H N N 344 
TYR HB3  H N N 345 
TYR HD1  H N N 346 
TYR HD2  H N N 347 
TYR HE1  H N N 348 
TYR HE2  H N N 349 
TYR HH   H N N 350 
TYR HXT  H N N 351 
VAL N    N N N 352 
VAL CA   C N S 353 
VAL C    C N N 354 
VAL O    O N N 355 
VAL CB   C N N 356 
VAL CG1  C N N 357 
VAL CG2  C N N 358 
VAL OXT  O N N 359 
VAL H    H N N 360 
VAL H2   H N N 361 
VAL HA   H N N 362 
VAL HB   H N N 363 
VAL HG11 H N N 364 
VAL HG12 H N N 365 
VAL HG13 H N N 366 
VAL HG21 H N N 367 
VAL HG22 H N N 368 
VAL HG23 H N N 369 
VAL HXT  H N N 370 
# 
loop_
_chem_comp_bond.comp_id 
_chem_comp_bond.atom_id_1 
_chem_comp_bond.atom_id_2 
_chem_comp_bond.value_order 
_chem_comp_bond.pdbx_aromatic_flag 
_chem_comp_bond.pdbx_stereo_config 
_chem_comp_bond.pdbx_ordinal 
ALA N   CA   sing N N 1   
ALA N   H    sing N N 2   
ALA N   H2   sing N N 3   
ALA CA  C    sing N N 4   
ALA CA  CB   sing N N 5   
ALA CA  HA   sing N N 6   
ALA C   O    doub N N 7   
ALA C   OXT  sing N N 8   
ALA CB  HB1  sing N N 9   
ALA CB  HB2  sing N N 10  
ALA CB  HB3  sing N N 11  
ALA OXT HXT  sing N N 12  
ARG N   CA   sing N N 13  
ARG N   H    sing N N 14  
ARG N   H2   sing N N 15  
ARG CA  C    sing N N 16  
ARG CA  CB   sing N N 17  
ARG CA  HA   sing N N 18  
ARG C   O    doub N N 19  
ARG C   OXT  sing N N 20  
ARG CB  CG   sing N N 21  
ARG CB  HB2  sing N N 22  
ARG CB  HB3  sing N N 23  
ARG CG  CD   sing N N 24  
ARG CG  HG2  sing N N 25  
ARG CG  HG3  sing N N 26  
ARG CD  NE   sing N N 27  
ARG CD  HD2  sing N N 28  
ARG CD  HD3  sing N N 29  
ARG NE  CZ   sing N N 30  
ARG NE  HE   sing N N 31  
ARG CZ  NH1  sing N N 32  
ARG CZ  NH2  doub N N 33  
ARG NH1 HH11 sing N N 34  
ARG NH1 HH12 sing N N 35  
ARG NH2 HH21 sing N N 36  
ARG NH2 HH22 sing N N 37  
ARG OXT HXT  sing N N 38  
ASN N   CA   sing N N 39  
ASN N   H    sing N N 40  
ASN N   H2   sing N N 41  
ASN CA  C    sing N N 42  
ASN CA  CB   sing N N 43  
ASN CA  HA   sing N N 44  
ASN C   O    doub N N 45  
ASN C   OXT  sing N N 46  
ASN CB  CG   sing N N 47  
ASN CB  HB2  sing N N 48  
ASN CB  HB3  sing N N 49  
ASN CG  OD1  doub N N 50  
ASN CG  ND2  sing N N 51  
ASN ND2 HD21 sing N N 52  
ASN ND2 HD22 sing N N 53  
ASN OXT HXT  sing N N 54  
ASP N   CA   sing N N 55  
ASP N   H    sing N N 56  
ASP N   H2   sing N N 57  
ASP CA  C    sing N N 58  
ASP CA  CB   sing N N 59  
ASP CA  HA   sing N N 60  
ASP C   O    doub N N 61  
ASP C   OXT  sing N N 62  
ASP CB  CG   sing N N 63  
ASP CB  HB2  sing N N 64  
ASP CB  HB3  sing N N 65  
ASP CG  OD1  doub N N 66  
ASP CG  OD2  sing N N 67  
ASP OD2 HD2  sing N N 68  
ASP OXT HXT  sing N N 69  
CYS N   CA   sing N N 70  
CYS N   H    sing N N 71  
CYS N   H2   sing N N 72  
CYS CA  C    sing N N 73  
CYS CA  CB   sing N N 74  
CYS CA  HA   sing N N 75  
CYS C   O    doub N N 76  
CYS C   OXT  sing N N 77  
CYS CB  SG   sing N N 78  
CYS CB  HB2  sing N N 79  
CYS CB  HB3  sing N N 80  
CYS SG  HG   sing N N 81  
CYS OXT HXT  sing N N 82  
GLN N   CA   sing N N 83  
GLN N   H    sing N N 84  
GLN N   H2   sing N N 85  
GLN CA  C    sing N N 86  
GLN CA  CB   sing N N 87  
GLN CA  HA   sing N N 88  
GLN C   O    doub N N 89  
GLN C   OXT  sing N N 90  
GLN CB  CG   sing N N 91  
GLN CB  HB2  sing N N 92  
GLN CB  HB3  sing N N 93  
GLN CG  CD   sing N N 94  
GLN CG  HG2  sing N N 95  
GLN CG  HG3  sing N N 96  
GLN CD  OE1  doub N N 97  
GLN CD  NE2  sing N N 98  
GLN NE2 HE21 sing N N 99  
GLN NE2 HE22 sing N N 100 
GLN OXT HXT  sing N N 101 
GLU N   CA   sing N N 102 
GLU N   H    sing N N 103 
GLU N   H2   sing N N 104 
GLU CA  C    sing N N 105 
GLU CA  CB   sing N N 106 
GLU CA  HA   sing N N 107 
GLU C   O    doub N N 108 
GLU C   OXT  sing N N 109 
GLU CB  CG   sing N N 110 
GLU CB  HB2  sing N N 111 
GLU CB  HB3  sing N N 112 
GLU CG  CD   sing N N 113 
GLU CG  HG2  sing N N 114 
GLU CG  HG3  sing N N 115 
GLU CD  OE1  doub N N 116 
GLU CD  OE2  sing N N 117 
GLU OE2 HE2  sing N N 118 
GLU OXT HXT  sing N N 119 
GLY N   CA   sing N N 120 
GLY N   H    sing N N 121 
GLY N   H2   sing N N 122 
GLY CA  C    sing N N 123 
GLY CA  HA2  sing N N 124 
GLY CA  HA3  sing N N 125 
GLY C   O    doub N N 126 
GLY C   OXT  sing N N 127 
GLY OXT HXT  sing N N 128 
HIS N   CA   sing N N 129 
HIS N   H    sing N N 130 
HIS N   H2   sing N N 131 
HIS CA  C    sing N N 132 
HIS CA  CB   sing N N 133 
HIS CA  HA   sing N N 134 
HIS C   O    doub N N 135 
HIS C   OXT  sing N N 136 
HIS CB  CG   sing N N 137 
HIS CB  HB2  sing N N 138 
HIS CB  HB3  sing N N 139 
HIS CG  ND1  sing Y N 140 
HIS CG  CD2  doub Y N 141 
HIS ND1 CE1  doub Y N 142 
HIS ND1 HD1  sing N N 143 
HIS CD2 NE2  sing Y N 144 
HIS CD2 HD2  sing N N 145 
HIS CE1 NE2  sing Y N 146 
HIS CE1 HE1  sing N N 147 
HIS NE2 HE2  sing N N 148 
HIS OXT HXT  sing N N 149 
HOH O   H1   sing N N 150 
HOH O   H2   sing N N 151 
ILE N   CA   sing N N 152 
ILE N   H    sing N N 153 
ILE N   H2   sing N N 154 
ILE CA  C    sing N N 155 
ILE CA  CB   sing N N 156 
ILE CA  HA   sing N N 157 
ILE C   O    doub N N 158 
ILE C   OXT  sing N N 159 
ILE CB  CG1  sing N N 160 
ILE CB  CG2  sing N N 161 
ILE CB  HB   sing N N 162 
ILE CG1 CD1  sing N N 163 
ILE CG1 HG12 sing N N 164 
ILE CG1 HG13 sing N N 165 
ILE CG2 HG21 sing N N 166 
ILE CG2 HG22 sing N N 167 
ILE CG2 HG23 sing N N 168 
ILE CD1 HD11 sing N N 169 
ILE CD1 HD12 sing N N 170 
ILE CD1 HD13 sing N N 171 
ILE OXT HXT  sing N N 172 
LEU N   CA   sing N N 173 
LEU N   H    sing N N 174 
LEU N   H2   sing N N 175 
LEU CA  C    sing N N 176 
LEU CA  CB   sing N N 177 
LEU CA  HA   sing N N 178 
LEU C   O    doub N N 179 
LEU C   OXT  sing N N 180 
LEU CB  CG   sing N N 181 
LEU CB  HB2  sing N N 182 
LEU CB  HB3  sing N N 183 
LEU CG  CD1  sing N N 184 
LEU CG  CD2  sing N N 185 
LEU CG  HG   sing N N 186 
LEU CD1 HD11 sing N N 187 
LEU CD1 HD12 sing N N 188 
LEU CD1 HD13 sing N N 189 
LEU CD2 HD21 sing N N 190 
LEU CD2 HD22 sing N N 191 
LEU CD2 HD23 sing N N 192 
LEU OXT HXT  sing N N 193 
LYS N   CA   sing N N 194 
LYS N   H    sing N N 195 
LYS N   H2   sing N N 196 
LYS CA  C    sing N N 197 
LYS CA  CB   sing N N 198 
LYS CA  HA   sing N N 199 
LYS C   O    doub N N 200 
LYS C   OXT  sing N N 201 
LYS CB  CG   sing N N 202 
LYS CB  HB2  sing N N 203 
LYS CB  HB3  sing N N 204 
LYS CG  CD   sing N N 205 
LYS CG  HG2  sing N N 206 
LYS CG  HG3  sing N N 207 
LYS CD  CE   sing N N 208 
LYS CD  HD2  sing N N 209 
LYS CD  HD3  sing N N 210 
LYS CE  NZ   sing N N 211 
LYS CE  HE2  sing N N 212 
LYS CE  HE3  sing N N 213 
LYS NZ  HZ1  sing N N 214 
LYS NZ  HZ2  sing N N 215 
LYS NZ  HZ3  sing N N 216 
LYS OXT HXT  sing N N 217 
PHE N   CA   sing N N 218 
PHE N   H    sing N N 219 
PHE N   H2   sing N N 220 
PHE CA  C    sing N N 221 
PHE CA  CB   sing N N 222 
PHE CA  HA   sing N N 223 
PHE C   O    doub N N 224 
PHE C   OXT  sing N N 225 
PHE CB  CG   sing N N 226 
PHE CB  HB2  sing N N 227 
PHE CB  HB3  sing N N 228 
PHE CG  CD1  doub Y N 229 
PHE CG  CD2  sing Y N 230 
PHE CD1 CE1  sing Y N 231 
PHE CD1 HD1  sing N N 232 
PHE CD2 CE2  doub Y N 233 
PHE CD2 HD2  sing N N 234 
PHE CE1 CZ   doub Y N 235 
PHE CE1 HE1  sing N N 236 
PHE CE2 CZ   sing Y N 237 
PHE CE2 HE2  sing N N 238 
PHE CZ  HZ   sing N N 239 
PHE OXT HXT  sing N N 240 
PRO N   CA   sing N N 241 
PRO N   CD   sing N N 242 
PRO N   H    sing N N 243 
PRO CA  C    sing N N 244 
PRO CA  CB   sing N N 245 
PRO CA  HA   sing N N 246 
PRO C   O    doub N N 247 
PRO C   OXT  sing N N 248 
PRO CB  CG   sing N N 249 
PRO CB  HB2  sing N N 250 
PRO CB  HB3  sing N N 251 
PRO CG  CD   sing N N 252 
PRO CG  HG2  sing N N 253 
PRO CG  HG3  sing N N 254 
PRO CD  HD2  sing N N 255 
PRO CD  HD3  sing N N 256 
PRO OXT HXT  sing N N 257 
SER N   CA   sing N N 258 
SER N   H    sing N N 259 
SER N   H2   sing N N 260 
SER CA  C    sing N N 261 
SER CA  CB   sing N N 262 
SER CA  HA   sing N N 263 
SER C   O    doub N N 264 
SER C   OXT  sing N N 265 
SER CB  OG   sing N N 266 
SER CB  HB2  sing N N 267 
SER CB  HB3  sing N N 268 
SER OG  HG   sing N N 269 
SER OXT HXT  sing N N 270 
THR N   CA   sing N N 271 
THR N   H    sing N N 272 
THR N   H2   sing N N 273 
THR CA  C    sing N N 274 
THR CA  CB   sing N N 275 
THR CA  HA   sing N N 276 
THR C   O    doub N N 277 
THR C   OXT  sing N N 278 
THR CB  OG1  sing N N 279 
THR CB  CG2  sing N N 280 
THR CB  HB   sing N N 281 
THR OG1 HG1  sing N N 282 
THR CG2 HG21 sing N N 283 
THR CG2 HG22 sing N N 284 
THR CG2 HG23 sing N N 285 
THR OXT HXT  sing N N 286 
TRP N   CA   sing N N 287 
TRP N   H    sing N N 288 
TRP N   H2   sing N N 289 
TRP CA  C    sing N N 290 
TRP CA  CB   sing N N 291 
TRP CA  HA   sing N N 292 
TRP C   O    doub N N 293 
TRP C   OXT  sing N N 294 
TRP CB  CG   sing N N 295 
TRP CB  HB2  sing N N 296 
TRP CB  HB3  sing N N 297 
TRP CG  CD1  doub Y N 298 
TRP CG  CD2  sing Y N 299 
TRP CD1 NE1  sing Y N 300 
TRP CD1 HD1  sing N N 301 
TRP CD2 CE2  doub Y N 302 
TRP CD2 CE3  sing Y N 303 
TRP NE1 CE2  sing Y N 304 
TRP NE1 HE1  sing N N 305 
TRP CE2 CZ2  sing Y N 306 
TRP CE3 CZ3  doub Y N 307 
TRP CE3 HE3  sing N N 308 
TRP CZ2 CH2  doub Y N 309 
TRP CZ2 HZ2  sing N N 310 
TRP CZ3 CH2  sing Y N 311 
TRP CZ3 HZ3  sing N N 312 
TRP CH2 HH2  sing N N 313 
TRP OXT HXT  sing N N 314 
TYR N   CA   sing N N 315 
TYR N   H    sing N N 316 
TYR N   H2   sing N N 317 
TYR CA  C    sing N N 318 
TYR CA  CB   sing N N 319 
TYR CA  HA   sing N N 320 
TYR C   O    doub N N 321 
TYR C   OXT  sing N N 322 
TYR CB  CG   sing N N 323 
TYR CB  HB2  sing N N 324 
TYR CB  HB3  sing N N 325 
TYR CG  CD1  doub Y N 326 
TYR CG  CD2  sing Y N 327 
TYR CD1 CE1  sing Y N 328 
TYR CD1 HD1  sing N N 329 
TYR CD2 CE2  doub Y N 330 
TYR CD2 HD2  sing N N 331 
TYR CE1 CZ   doub Y N 332 
TYR CE1 HE1  sing N N 333 
TYR CE2 CZ   sing Y N 334 
TYR CE2 HE2  sing N N 335 
TYR CZ  OH   sing N N 336 
TYR OH  HH   sing N N 337 
TYR OXT HXT  sing N N 338 
VAL N   CA   sing N N 339 
VAL N   H    sing N N 340 
VAL N   H2   sing N N 341 
VAL CA  C    sing N N 342 
VAL CA  CB   sing N N 343 
VAL CA  HA   sing N N 344 
VAL C   O    doub N N 345 
VAL C   OXT  sing N N 346 
VAL CB  CG1  sing N N 347 
VAL CB  CG2  sing N N 348 
VAL CB  HB   sing N N 349 
VAL CG1 HG11 sing N N 350 
VAL CG1 HG12 sing N N 351 
VAL CG1 HG13 sing N N 352 
VAL CG2 HG21 sing N N 353 
VAL CG2 HG22 sing N N 354 
VAL CG2 HG23 sing N N 355 
VAL OXT HXT  sing N N 356 
# 
_pdbx_initial_refinement_model.id               1 
_pdbx_initial_refinement_model.entity_id_list   ? 
_pdbx_initial_refinement_model.type             'experimental model' 
_pdbx_initial_refinement_model.source_name      PDB 
_pdbx_initial_refinement_model.accession_code   1BRS 
_pdbx_initial_refinement_model.details          'PDB ENTRY 1BRS' 
# 
_atom_sites.entry_id                    1AY7 
_atom_sites.fract_transf_matrix[1][1]   -0.01282521 
_atom_sites.fract_transf_matrix[1][2]   -0.01541032 
_atom_sites.fract_transf_matrix[1][3]   -0.00302218 
_atom_sites.fract_transf_matrix[2][1]   -0.01925348 
_atom_sites.fract_transf_matrix[2][2]   0.00147172 
_atom_sites.fract_transf_matrix[2][3]   0.00618497 
_atom_sites.fract_transf_matrix[3][1]   -0.00187943 
_atom_sites.fract_transf_matrix[3][2]   0.00284426 
_atom_sites.fract_transf_matrix[3][3]   -0.00652736 
_atom_sites.fract_transf_vector[1]      0.439627 
_atom_sites.fract_transf_vector[2]      0.572142 
_atom_sites.fract_transf_vector[3]      0.081140 
# 
loop_
_atom_type.symbol 
C 
N 
O 
S 
# 
loop_
_atom_site.group_PDB 
_atom_site.id 
_atom_site.type_symbol 
_atom_site.label_atom_id 
_atom_site.label_alt_id 
_atom_site.label_comp_id 
_atom_site.label_asym_id 
_atom_site.label_entity_id 
_atom_site.label_seq_id 
_atom_site.pdbx_PDB_ins_code 
_atom_site.Cartn_x 
_atom_site.Cartn_y 
_atom_site.Cartn_z 
_atom_site.occupancy 
_atom_site.B_iso_or_equiv 
_atom_site.pdbx_formal_charge 
_atom_site.auth_seq_id 
_atom_site.auth_comp_id 
_atom_site.auth_asym_id 
_atom_site.auth_atom_id 
_atom_site.pdbx_PDB_model_num 
ATOM   1    N N   . ASP A 1 1  ? 13.251  -3.295  -7.175  1.00 21.64 ? 1   ASP A N   1 
ATOM   2    C CA  . ASP A 1 1  ? 13.727  -2.704  -8.437  1.00 25.07 ? 1   ASP A CA  1 
ATOM   3    C C   . ASP A 1 1  ? 12.555  -2.293  -9.354  1.00 21.99 ? 1   ASP A C   1 
ATOM   4    O O   . ASP A 1 1  ? 11.484  -2.859  -9.278  1.00 25.33 ? 1   ASP A O   1 
ATOM   5    C CB  . ASP A 1 1  ? 14.433  -3.789  -9.275  1.00 38.96 ? 1   ASP A CB  1 
ATOM   6    C CG  . ASP A 1 1  ? 15.508  -4.494  -8.455  1.00 57.30 ? 1   ASP A CG  1 
ATOM   7    O OD1 . ASP A 1 1  ? 16.095  -3.818  -7.583  1.00 56.29 ? 1   ASP A OD1 1 
ATOM   8    O OD2 . ASP A 1 1  ? 15.701  -5.697  -8.734  1.00 63.58 ? 1   ASP A OD2 1 
ATOM   9    N N   . VAL A 1 2  ? 12.864  -1.280  -10.166 1.00 22.60 ? 2   VAL A N   1 
ATOM   10   C CA  . VAL A 1 2  ? 11.793  -0.842  -11.089 1.00 22.50 ? 2   VAL A CA  1 
ATOM   11   C C   . VAL A 1 2  ? 11.698  -1.819  -12.240 1.00 26.59 ? 2   VAL A C   1 
ATOM   12   O O   . VAL A 1 2  ? 12.769  -2.310  -12.664 1.00 27.98 ? 2   VAL A O   1 
ATOM   13   C CB  . VAL A 1 2  ? 12.259  0.565   -11.510 1.00 27.88 ? 2   VAL A CB  1 
ATOM   14   C CG1 . VAL A 1 2  ? 11.380  1.186   -12.535 1.00 28.04 ? 2   VAL A CG1 1 
ATOM   15   C CG2 . VAL A 1 2  ? 12.386  1.488   -10.274 1.00 33.02 ? 2   VAL A CG2 1 
ATOM   16   N N   . SER A 1 3  ? 10.521  -2.115  -12.776 1.00 21.57 ? 3   SER A N   1 
ATOM   17   C CA  . SER A 1 3  ? 10.315  -3.025  -13.868 1.00 26.37 ? 3   SER A CA  1 
ATOM   18   C C   . SER A 1 3  ? 10.253  -2.242  -15.213 1.00 33.23 ? 3   SER A C   1 
ATOM   19   O O   . SER A 1 3  ? 9.123   -1.854  -15.660 1.00 45.96 ? 3   SER A O   1 
ATOM   20   C CB  . SER A 1 3  ? 8.946   -3.673  -13.779 1.00 27.21 ? 3   SER A CB  1 
ATOM   21   O OG  . SER A 1 3  ? 8.897   -4.332  -12.500 1.00 38.06 ? 3   SER A OG  1 
ATOM   22   N N   . GLY A 1 4  ? 11.231  -1.495  -15.523 1.00 24.45 ? 4   GLY A N   1 
ATOM   23   C CA  . GLY A 1 4  ? 11.371  -0.969  -16.890 1.00 24.09 ? 4   GLY A CA  1 
ATOM   24   C C   . GLY A 1 4  ? 10.846  0.472   -16.950 1.00 22.84 ? 4   GLY A C   1 
ATOM   25   O O   . GLY A 1 4  ? 10.383  1.038   -15.924 1.00 22.36 ? 4   GLY A O   1 
ATOM   26   N N   . THR A 1 5  ? 10.942  1.012   -18.151 1.00 16.76 ? 5   THR A N   1 
ATOM   27   C CA  . THR A 1 5  ? 10.502  2.385   -18.382 1.00 14.64 ? 5   THR A CA  1 
ATOM   28   C C   . THR A 1 5  ? 9.450   2.377   -19.463 1.00 16.04 ? 5   THR A C   1 
ATOM   29   O O   . THR A 1 5  ? 9.669   1.624   -20.439 1.00 17.40 ? 5   THR A O   1 
ATOM   30   C CB  . THR A 1 5  ? 11.661  3.316   -18.851 1.00 21.26 ? 5   THR A CB  1 
ATOM   31   O OG1 . THR A 1 5  ? 12.674  3.190   -17.822 1.00 22.46 ? 5   THR A OG1 1 
ATOM   32   C CG2 . THR A 1 5  ? 11.220  4.758   -18.961 1.00 20.72 ? 5   THR A CG2 1 
ATOM   33   N N   . VAL A 1 6  ? 8.322   2.953   -19.239 1.00 12.71 ? 6   VAL A N   1 
ATOM   34   C CA  . VAL A 1 6  ? 7.173   2.788   -20.153 1.00 12.80 ? 6   VAL A CA  1 
ATOM   35   C C   . VAL A 1 6  ? 6.747   4.182   -20.560 1.00 13.94 ? 6   VAL A C   1 
ATOM   36   O O   . VAL A 1 6  ? 6.610   5.148   -19.801 1.00 13.94 ? 6   VAL A O   1 
ATOM   37   C CB  . VAL A 1 6  ? 6.002   2.105   -19.400 1.00 14.37 ? 6   VAL A CB  1 
ATOM   38   C CG1 A VAL A 1 6  ? 5.548   2.869   -18.166 0.50 8.69  ? 6   VAL A CG1 1 
ATOM   39   C CG1 B VAL A 1 6  ? 4.715   2.048   -20.244 0.50 16.83 ? 6   VAL A CG1 1 
ATOM   40   C CG2 A VAL A 1 6  ? 4.806   1.925   -20.369 0.50 17.21 ? 6   VAL A CG2 1 
ATOM   41   C CG2 B VAL A 1 6  ? 6.452   0.689   -19.027 0.50 13.53 ? 6   VAL A CG2 1 
ATOM   42   N N   . CYS A 1 7  ? 6.432   4.295   -21.871 1.00 10.06 ? 7   CYS A N   1 
ATOM   43   C CA  . CYS A 1 7  ? 5.933   5.534   -22.431 1.00 11.24 ? 7   CYS A CA  1 
ATOM   44   C C   . CYS A 1 7  ? 4.588   5.910   -21.765 1.00 13.88 ? 7   CYS A C   1 
ATOM   45   O O   . CYS A 1 7  ? 3.698   5.085   -21.615 1.00 12.83 ? 7   CYS A O   1 
ATOM   46   C CB  . CYS A 1 7  ? 5.545   5.384   -23.966 1.00 11.94 ? 7   CYS A CB  1 
ATOM   47   S SG  . CYS A 1 7  ? 7.148   5.325   -24.882 1.00 13.52 ? 7   CYS A SG  1 
ATOM   48   N N   . LEU A 1 8  ? 4.378   7.215   -21.509 1.00 11.86 ? 8   LEU A N   1 
ATOM   49   C CA  . LEU A 1 8  ? 3.085   7.612   -20.886 1.00 11.96 ? 8   LEU A CA  1 
ATOM   50   C C   . LEU A 1 8  ? 1.921   7.298   -21.793 1.00 13.66 ? 8   LEU A C   1 
ATOM   51   O O   . LEU A 1 8  ? 0.772   7.015   -21.437 1.00 14.43 ? 8   LEU A O   1 
ATOM   52   C CB  . LEU A 1 8  ? 3.162   9.182   -20.738 1.00 11.78 ? 8   LEU A CB  1 
ATOM   53   C CG  . LEU A 1 8  ? 1.851   9.763   -20.099 1.00 15.46 ? 8   LEU A CG  1 
ATOM   54   C CD1 . LEU A 1 8  ? 1.630   9.306   -18.652 1.00 12.79 ? 8   LEU A CD1 1 
ATOM   55   C CD2 . LEU A 1 8  ? 2.114   11.288  -20.050 1.00 15.86 ? 8   LEU A CD2 1 
ATOM   56   N N   . SER A 1 9  ? 2.149   7.288   -23.188 1.00 12.34 ? 9   SER A N   1 
ATOM   57   C CA  . SER A 1 9  ? 1.042   7.025   -24.079 1.00 12.90 ? 9   SER A CA  1 
ATOM   58   C C   . SER A 1 9  ? 0.685   5.549   -24.075 1.00 14.02 ? 9   SER A C   1 
ATOM   59   O O   . SER A 1 9  ? -0.422  5.242   -24.613 1.00 17.75 ? 9   SER A O   1 
ATOM   60   C CB  . SER A 1 9  ? 1.476   7.377   -25.560 1.00 15.97 ? 9   SER A CB  1 
ATOM   61   O OG  . SER A 1 9  ? 2.485   6.434   -25.948 1.00 16.75 ? 9   SER A OG  1 
ATOM   62   N N   . ALA A 1 10 ? 1.437   4.670   -23.451 1.00 13.37 ? 10  ALA A N   1 
ATOM   63   C CA  . ALA A 1 10 ? 1.090   3.250   -23.317 1.00 13.42 ? 10  ALA A CA  1 
ATOM   64   C C   . ALA A 1 10 ? 0.425   2.954   -21.963 1.00 17.89 ? 10  ALA A C   1 
ATOM   65   O O   . ALA A 1 10 ? -0.005  1.815   -21.720 1.00 20.07 ? 10  ALA A O   1 
ATOM   66   C CB  . ALA A 1 10 ? 2.334   2.410   -23.445 1.00 13.09 ? 10  ALA A CB  1 
ATOM   67   N N   . LEU A 1 11 ? 0.285   4.036   -21.138 1.00 13.46 ? 11  LEU A N   1 
ATOM   68   C CA  . LEU A 1 11 ? -0.482  3.807   -19.903 1.00 12.21 ? 11  LEU A CA  1 
ATOM   69   C C   . LEU A 1 11 ? -1.891  4.270   -20.097 1.00 12.32 ? 11  LEU A C   1 
ATOM   70   O O   . LEU A 1 11 ? -2.293  5.043   -21.030 1.00 15.42 ? 11  LEU A O   1 
ATOM   71   C CB  . LEU A 1 11 ? 0.226   4.712   -18.820 1.00 11.08 ? 11  LEU A CB  1 
ATOM   72   C CG  . LEU A 1 11 ? 1.665   4.226   -18.497 1.00 17.70 ? 11  LEU A CG  1 
ATOM   73   C CD1 . LEU A 1 11 ? 2.207   5.179   -17.411 1.00 18.17 ? 11  LEU A CD1 1 
ATOM   74   C CD2 . LEU A 1 11 ? 1.680   2.804   -18.000 1.00 16.79 ? 11  LEU A CD2 1 
ATOM   75   N N   . PRO A 1 12 ? -2.813  4.006   -19.132 1.00 14.69 ? 12  PRO A N   1 
ATOM   76   C CA  . PRO A 1 12 ? -4.203  4.467   -19.262 1.00 15.78 ? 12  PRO A CA  1 
ATOM   77   C C   . PRO A 1 12 ? -4.182  5.922   -19.343 1.00 15.70 ? 12  PRO A C   1 
ATOM   78   O O   . PRO A 1 12 ? -3.332  6.670   -18.705 1.00 16.01 ? 12  PRO A O   1 
ATOM   79   C CB  . PRO A 1 12 ? -4.836  3.924   -17.942 1.00 16.40 ? 12  PRO A CB  1 
ATOM   80   C CG  . PRO A 1 12 ? -4.011  2.752   -17.528 1.00 19.91 ? 12  PRO A CG  1 
ATOM   81   C CD  . PRO A 1 12 ? -2.605  3.122   -17.986 1.00 15.93 ? 12  PRO A CD  1 
ATOM   82   N N   . PRO A 1 13 ? -5.079  6.652   -20.035 1.00 14.33 ? 13  PRO A N   1 
ATOM   83   C CA  . PRO A 1 13 ? -5.129  8.063   -20.166 1.00 14.41 ? 13  PRO A CA  1 
ATOM   84   C C   . PRO A 1 13 ? -5.315  8.772   -18.836 1.00 14.56 ? 13  PRO A C   1 
ATOM   85   O O   . PRO A 1 13 ? -4.854  9.891   -18.696 1.00 16.20 ? 13  PRO A O   1 
ATOM   86   C CB  . PRO A 1 13 ? -6.366  8.390   -21.064 1.00 21.26 ? 13  PRO A CB  1 
ATOM   87   C CG  . PRO A 1 13 ? -6.995  7.057   -21.247 1.00 27.39 ? 13  PRO A CG  1 
ATOM   88   C CD  . PRO A 1 13 ? -6.136  5.886   -20.856 1.00 20.93 ? 13  PRO A CD  1 
ATOM   89   N N   . GLU A 1 14 ? -5.940  8.127   -17.847 1.00 15.15 ? 14  GLU A N   1 
ATOM   90   C CA  . GLU A 1 14 ? -6.092  8.731   -16.505 1.00 13.57 ? 14  GLU A CA  1 
ATOM   91   C C   . GLU A 1 14 ? -4.693  8.950   -15.873 1.00 13.85 ? 14  GLU A C   1 
ATOM   92   O O   . GLU A 1 14 ? -4.629  9.788   -14.997 1.00 13.28 ? 14  GLU A O   1 
ATOM   93   C CB  . GLU A 1 14 ? -6.903  7.790   -15.588 1.00 15.65 ? 14  GLU A CB  1 
ATOM   94   C CG  . GLU A 1 14 ? -8.384  7.811   -16.115 1.00 16.93 ? 14  GLU A CG  1 
ATOM   95   C CD  . GLU A 1 14 ? -8.527  6.832   -17.285 1.00 20.57 ? 14  GLU A CD  1 
ATOM   96   O OE1 . GLU A 1 14 ? -7.795  5.872   -17.565 1.00 17.61 ? 14  GLU A OE1 1 
ATOM   97   O OE2 . GLU A 1 14 ? -9.530  7.106   -18.019 1.00 25.91 ? 14  GLU A OE2 1 
ATOM   98   N N   . ALA A 1 15 ? -3.645  8.187   -16.271 1.00 10.64 ? 15  ALA A N   1 
ATOM   99   C CA  . ALA A 1 15 ? -2.368  8.616   -15.657 1.00 11.21 ? 15  ALA A CA  1 
ATOM   100  C C   . ALA A 1 15 ? -1.929  10.003  -16.088 1.00 13.38 ? 15  ALA A C   1 
ATOM   101  O O   . ALA A 1 15 ? -1.233  10.671  -15.302 1.00 14.22 ? 15  ALA A O   1 
ATOM   102  C CB  . ALA A 1 15 ? -1.336  7.541   -16.093 1.00 14.64 ? 15  ALA A CB  1 
ATOM   103  N N   . THR A 1 16 ? -2.196  10.446  -17.325 1.00 11.51 ? 16  THR A N   1 
ATOM   104  C CA  . THR A 1 16 ? -1.859  11.824  -17.727 1.00 12.19 ? 16  THR A CA  1 
ATOM   105  C C   . THR A 1 16 ? -2.723  12.767  -16.893 1.00 12.54 ? 16  THR A C   1 
ATOM   106  O O   . THR A 1 16 ? -2.221  13.805  -16.490 1.00 15.08 ? 16  THR A O   1 
ATOM   107  C CB  . THR A 1 16 ? -2.213  11.998  -19.230 1.00 17.32 ? 16  THR A CB  1 
ATOM   108  O OG1 . THR A 1 16 ? -1.383  11.044  -19.929 1.00 17.00 ? 16  THR A OG1 1 
ATOM   109  C CG2 . THR A 1 16 ? -1.866  13.427  -19.645 1.00 18.74 ? 16  THR A CG2 1 
ATOM   110  N N   . ASP A 1 17 ? -4.019  12.488  -16.600 1.00 14.09 ? 17  ASP A N   1 
ATOM   111  C CA  . ASP A 1 17 ? -4.795  13.410  -15.815 1.00 15.07 ? 17  ASP A CA  1 
ATOM   112  C C   . ASP A 1 17 ? -4.172  13.513  -14.392 1.00 14.50 ? 17  ASP A C   1 
ATOM   113  O O   . ASP A 1 17 ? -4.128  14.639  -13.878 1.00 14.20 ? 17  ASP A O   1 
ATOM   114  C CB  . ASP A 1 17 ? -6.191  12.717  -15.548 1.00 15.55 ? 17  ASP A CB  1 
ATOM   115  C CG  . ASP A 1 17 ? -7.058  12.640  -16.858 1.00 20.43 ? 17  ASP A CG  1 
ATOM   116  O OD1 . ASP A 1 17 ? -6.843  13.488  -17.724 1.00 22.47 ? 17  ASP A OD1 1 
ATOM   117  O OD2 . ASP A 1 17 ? -8.039  11.858  -16.775 1.00 22.38 ? 17  ASP A OD2 1 
ATOM   118  N N   . THR A 1 18 ? -3.647  12.418  -13.833 1.00 12.79 ? 18  THR A N   1 
ATOM   119  C CA  . THR A 1 18 ? -3.033  12.539  -12.482 1.00 12.06 ? 18  THR A CA  1 
ATOM   120  C C   . THR A 1 18 ? -1.787  13.386  -12.571 1.00 13.98 ? 18  THR A C   1 
ATOM   121  O O   . THR A 1 18 ? -1.567  14.215  -11.704 1.00 13.40 ? 18  THR A O   1 
ATOM   122  C CB  . THR A 1 18 ? -2.749  11.120  -11.995 1.00 11.84 ? 18  THR A CB  1 
ATOM   123  O OG1 . THR A 1 18 ? -3.995  10.420  -11.787 1.00 14.65 ? 18  THR A OG1 1 
ATOM   124  C CG2 . THR A 1 18 ? -1.968  11.189  -10.666 1.00 14.02 ? 18  THR A CG2 1 
ATOM   125  N N   . LEU A 1 19 ? -0.960  13.181  -13.583 1.00 11.48 ? 19  LEU A N   1 
ATOM   126  C CA  . LEU A 1 19 ? 0.261   14.068  -13.651 1.00 10.67 ? 19  LEU A CA  1 
ATOM   127  C C   . LEU A 1 19 ? -0.148  15.517  -13.736 1.00 12.51 ? 19  LEU A C   1 
ATOM   128  O O   . LEU A 1 19 ? 0.579   16.350  -13.201 1.00 13.44 ? 19  LEU A O   1 
ATOM   129  C CB  . LEU A 1 19 ? 1.132   13.720  -14.921 1.00 10.83 ? 19  LEU A CB  1 
ATOM   130  C CG  . LEU A 1 19 ? 1.793   12.342  -14.791 1.00 13.97 ? 19  LEU A CG  1 
ATOM   131  C CD1 . LEU A 1 19 ? 2.412   11.944  -16.141 1.00 17.34 ? 19  LEU A CD1 1 
ATOM   132  C CD2 . LEU A 1 19 ? 2.892   12.306  -13.701 1.00 16.69 ? 19  LEU A CD2 1 
ATOM   133  N N   . ASN A 1 20 ? -1.191  15.841  -14.524 1.00 12.25 ? 20  ASN A N   1 
ATOM   134  C CA  . ASN A 1 20 ? -1.575  17.234  -14.672 1.00 14.31 ? 20  ASN A CA  1 
ATOM   135  C C   . ASN A 1 20 ? -2.115  17.759  -13.337 1.00 14.59 ? 20  ASN A C   1 
ATOM   136  O O   . ASN A 1 20 ? -1.915  18.944  -13.065 1.00 17.41 ? 20  ASN A O   1 
ATOM   137  C CB  . ASN A 1 20 ? -2.705  17.338  -15.735 1.00 15.10 ? 20  ASN A CB  1 
ATOM   138  C CG  . ASN A 1 20 ? -2.069  17.228  -17.107 1.00 16.33 ? 20  ASN A CG  1 
ATOM   139  O OD1 . ASN A 1 20 ? -0.827  17.248  -17.273 1.00 17.18 ? 20  ASN A OD1 1 
ATOM   140  N ND2 . ASN A 1 20 ? -2.887  16.963  -18.139 1.00 16.92 ? 20  ASN A ND2 1 
ATOM   141  N N   . LEU A 1 21 ? -2.813  16.970  -12.514 1.00 14.11 ? 21  LEU A N   1 
ATOM   142  C CA  . LEU A 1 21 ? -3.242  17.431  -11.163 1.00 14.97 ? 21  LEU A CA  1 
ATOM   143  C C   . LEU A 1 21 ? -2.012  17.625  -10.274 1.00 18.33 ? 21  LEU A C   1 
ATOM   144  O O   . LEU A 1 21 ? -2.034  18.547  -9.426  1.00 18.85 ? 21  LEU A O   1 
ATOM   145  C CB  . LEU A 1 21 ? -4.176  16.424  -10.523 1.00 16.67 ? 21  LEU A CB  1 
ATOM   146  C CG  . LEU A 1 21 ? -5.580  16.373  -11.191 1.00 20.62 ? 21  LEU A CG  1 
ATOM   147  C CD1 . LEU A 1 21 ? -6.377  15.327  -10.394 1.00 28.16 ? 21  LEU A CD1 1 
ATOM   148  C CD2 . LEU A 1 21 ? -6.262  17.720  -11.156 1.00 25.92 ? 21  LEU A CD2 1 
ATOM   149  N N   . ILE A 1 22 ? -1.005  16.687  -10.332 1.00 12.77 ? 22  ILE A N   1 
ATOM   150  C CA  . ILE A 1 22 ? 0.192   16.968  -9.519  1.00 12.61 ? 22  ILE A CA  1 
ATOM   151  C C   . ILE A 1 22 ? 0.766   18.316  -9.898  1.00 16.69 ? 22  ILE A C   1 
ATOM   152  O O   . ILE A 1 22 ? 1.195   19.070  -8.995  1.00 17.28 ? 22  ILE A O   1 
ATOM   153  C CB  . ILE A 1 22 ? 1.184   15.815  -9.755  1.00 13.44 ? 22  ILE A CB  1 
ATOM   154  C CG1 . ILE A 1 22 ? 0.592   14.515  -9.146  1.00 12.11 ? 22  ILE A CG1 1 
ATOM   155  C CG2 . ILE A 1 22 ? 2.562   16.150  -9.090  1.00 17.10 ? 22  ILE A CG2 1 
ATOM   156  C CD1 . ILE A 1 22 ? 1.315   13.280  -9.686  1.00 12.84 ? 22  ILE A CD1 1 
ATOM   157  N N   . ALA A 1 23 ? 0.852   18.640  -11.193 1.00 13.37 ? 23  ALA A N   1 
ATOM   158  C CA  . ALA A 1 23 ? 1.508   19.908  -11.595 1.00 16.12 ? 23  ALA A CA  1 
ATOM   159  C C   . ALA A 1 23 ? 0.699   21.083  -11.092 1.00 22.57 ? 23  ALA A C   1 
ATOM   160  O O   . ALA A 1 23 ? 1.366   22.077  -10.857 1.00 26.18 ? 23  ALA A O   1 
ATOM   161  C CB  . ALA A 1 23 ? 1.508   19.933  -13.153 1.00 16.90 ? 23  ALA A CB  1 
ATOM   162  N N   . SER A 1 24 ? -0.624  20.953  -10.882 1.00 21.67 ? 24  SER A N   1 
ATOM   163  C CA  . SER A 1 24 ? -1.292  22.187  -10.329 1.00 26.30 ? 24  SER A CA  1 
ATOM   164  C C   . SER A 1 24 ? -1.546  22.063  -8.868  1.00 30.85 ? 24  SER A C   1 
ATOM   165  O O   . SER A 1 24 ? -2.375  22.845  -8.376  1.00 37.91 ? 24  SER A O   1 
ATOM   166  C CB  . SER A 1 24 ? -2.570  22.391  -11.137 1.00 31.11 ? 24  SER A CB  1 
ATOM   167  O OG  . SER A 1 24 ? -3.439  21.300  -10.806 1.00 34.50 ? 24  SER A OG  1 
ATOM   168  N N   . ASP A 1 25 ? -1.026  21.065  -8.191  1.00 27.46 ? 25  ASP A N   1 
ATOM   169  C CA  . ASP A 1 25 ? -1.276  20.786  -6.795  1.00 29.20 ? 25  ASP A CA  1 
ATOM   170  C C   . ASP A 1 25 ? -2.751  20.591  -6.490  1.00 31.54 ? 25  ASP A C   1 
ATOM   171  O O   . ASP A 1 25 ? -3.262  21.080  -5.457  1.00 32.14 ? 25  ASP A O   1 
ATOM   172  C CB  . ASP A 1 25 ? -0.753  21.955  -5.913  1.00 43.55 ? 25  ASP A CB  1 
ATOM   173  C CG  . ASP A 1 25 ? 0.205   21.265  -4.943  1.00 59.67 ? 25  ASP A CG  1 
ATOM   174  O OD1 . ASP A 1 25 ? -0.301  20.424  -4.147  1.00 56.14 ? 25  ASP A OD1 1 
ATOM   175  O OD2 . ASP A 1 25 ? 1.419   21.544  -5.121  1.00 64.68 ? 25  ASP A OD2 1 
ATOM   176  N N   . GLY A 1 26 ? -3.441  19.887  -7.369  1.00 23.77 ? 26  GLY A N   1 
ATOM   177  C CA  . GLY A 1 26 ? -4.829  19.494  -7.097  1.00 23.50 ? 26  GLY A CA  1 
ATOM   178  C C   . GLY A 1 26 ? -5.751  20.479  -7.804  1.00 29.71 ? 26  GLY A C   1 
ATOM   179  O O   . GLY A 1 26 ? -5.461  21.015  -8.892  1.00 33.37 ? 26  GLY A O   1 
ATOM   180  N N   . PRO A 1 27 ? -7.035  20.253  -7.501  1.00 34.04 ? 27  PRO A N   1 
ATOM   181  C CA  . PRO A 1 27 ? -7.486  19.543  -6.329  1.00 32.48 ? 27  PRO A CA  1 
ATOM   182  C C   . PRO A 1 27 ? -7.612  18.029  -6.610  1.00 23.05 ? 27  PRO A C   1 
ATOM   183  O O   . PRO A 1 27 ? -7.753  17.647  -7.764  1.00 29.02 ? 27  PRO A O   1 
ATOM   184  C CB  . PRO A 1 27 ? -8.881  20.122  -6.054  1.00 38.81 ? 27  PRO A CB  1 
ATOM   185  C CG  . PRO A 1 27 ? -9.368  20.517  -7.397  1.00 38.72 ? 27  PRO A CG  1 
ATOM   186  C CD  . PRO A 1 27 ? -8.175  20.907  -8.245  1.00 38.77 ? 27  PRO A CD  1 
ATOM   187  N N   . PHE A 1 28 ? -7.355  17.259  -5.560  1.00 22.83 ? 28  PHE A N   1 
ATOM   188  C CA  . PHE A 1 28 ? -7.285  15.803  -5.807  1.00 20.84 ? 28  PHE A CA  1 
ATOM   189  C C   . PHE A 1 28 ? -8.658  15.260  -5.386  1.00 23.26 ? 28  PHE A C   1 
ATOM   190  O O   . PHE A 1 28 ? -9.146  15.547  -4.278  1.00 25.92 ? 28  PHE A O   1 
ATOM   191  C CB  . PHE A 1 28 ? -6.182  15.214  -4.919  1.00 19.19 ? 28  PHE A CB  1 
ATOM   192  C CG  . PHE A 1 28 ? -4.839  15.800  -5.367  1.00 20.06 ? 28  PHE A CG  1 
ATOM   193  C CD1 . PHE A 1 28 ? -4.260  15.301  -6.511  1.00 22.02 ? 28  PHE A CD1 1 
ATOM   194  C CD2 . PHE A 1 28 ? -4.174  16.752  -4.594  1.00 26.56 ? 28  PHE A CD2 1 
ATOM   195  C CE1 . PHE A 1 28 ? -3.035  15.839  -6.914  1.00 18.91 ? 28  PHE A CE1 1 
ATOM   196  C CE2 . PHE A 1 28 ? -2.945  17.261  -5.027  1.00 25.86 ? 28  PHE A CE2 1 
ATOM   197  C CZ  . PHE A 1 28 ? -2.382  16.832  -6.226  1.00 20.72 ? 28  PHE A CZ  1 
ATOM   198  N N   . PRO A 1 29 ? -8.941  14.079  -5.907  1.00 24.01 ? 29  PRO A N   1 
ATOM   199  C CA  . PRO A 1 29 ? -10.236 13.451  -5.503  1.00 25.00 ? 29  PRO A CA  1 
ATOM   200  C C   . PRO A 1 29 ? -10.185 12.669  -4.263  1.00 27.79 ? 29  PRO A C   1 
ATOM   201  O O   . PRO A 1 29 ? -11.201 12.429  -3.561  1.00 27.64 ? 29  PRO A O   1 
ATOM   202  C CB  . PRO A 1 29 ? -10.565 12.649  -6.754  1.00 26.80 ? 29  PRO A CB  1 
ATOM   203  C CG  . PRO A 1 29 ? -9.255  12.264  -7.353  1.00 25.74 ? 29  PRO A CG  1 
ATOM   204  C CD  . PRO A 1 29 ? -8.360  13.486  -7.114  1.00 24.12 ? 29  PRO A CD  1 
ATOM   205  N N   . TYR A 1 30 ? -9.031  12.130  -3.783  1.00 18.05 ? 30  TYR A N   1 
ATOM   206  C CA  . TYR A 1 30 ? -8.883  11.343  -2.635  1.00 16.72 ? 30  TYR A CA  1 
ATOM   207  C C   . TYR A 1 30 ? -7.967  11.925  -1.542  1.00 26.19 ? 30  TYR A C   1 
ATOM   208  O O   . TYR A 1 30 ? -7.136  12.771  -1.922  1.00 23.29 ? 30  TYR A O   1 
ATOM   209  C CB  . TYR A 1 30 ? -8.332  9.972   -2.883  1.00 17.45 ? 30  TYR A CB  1 
ATOM   210  C CG  . TYR A 1 30 ? -9.193  9.181   -3.847  1.00 19.99 ? 30  TYR A CG  1 
ATOM   211  C CD1 . TYR A 1 30 ? -10.227 8.459   -3.263  1.00 24.52 ? 30  TYR A CD1 1 
ATOM   212  C CD2 . TYR A 1 30 ? -8.994  9.185   -5.226  1.00 20.24 ? 30  TYR A CD2 1 
ATOM   213  C CE1 . TYR A 1 30 ? -11.005 7.660   -4.119  1.00 22.30 ? 30  TYR A CE1 1 
ATOM   214  C CE2 . TYR A 1 30 ? -9.834  8.415   -6.030  1.00 20.36 ? 30  TYR A CE2 1 
ATOM   215  C CZ  . TYR A 1 30 ? -10.816 7.672   -5.444  1.00 22.95 ? 30  TYR A CZ  1 
ATOM   216  O OH  . TYR A 1 30 ? -11.636 6.921   -6.282  1.00 27.14 ? 30  TYR A OH  1 
ATOM   217  N N   . SER A 1 31 ? -8.412  11.787  -0.272  1.00 29.38 ? 31  SER A N   1 
ATOM   218  C CA  . SER A 1 31 ? -7.508  12.404  0.761   1.00 26.63 ? 31  SER A CA  1 
ATOM   219  C C   . SER A 1 31 ? -6.223  11.676  0.923   1.00 26.39 ? 31  SER A C   1 
ATOM   220  O O   . SER A 1 31 ? -5.227  12.283  1.440   1.00 32.22 ? 31  SER A O   1 
ATOM   221  C CB  . SER A 1 31 ? -8.356  12.425  2.087   1.00 34.20 ? 31  SER A CB  1 
ATOM   222  O OG  . SER A 1 31 ? -8.314  11.140  2.668   1.00 42.66 ? 31  SER A OG  1 
ATOM   223  N N   . GLN A 1 32 ? -6.062  10.433  0.506   1.00 22.02 ? 32  GLN A N   1 
ATOM   224  C CA  . GLN A 1 32 ? -4.770  9.757   0.461   1.00 22.79 ? 32  GLN A CA  1 
ATOM   225  C C   . GLN A 1 32 ? -3.930  10.540  -0.585  1.00 22.47 ? 32  GLN A C   1 
ATOM   226  O O   . GLN A 1 32 ? -2.731  10.202  -0.559  1.00 28.44 ? 32  GLN A O   1 
ATOM   227  C CB  . GLN A 1 32 ? -4.940  8.229   0.225   1.00 26.84 ? 32  GLN A CB  1 
ATOM   228  C CG  . GLN A 1 32 ? -5.832  7.464   1.177   1.00 33.80 ? 32  GLN A CG  1 
ATOM   229  C CD  A GLN A 1 32 ? -7.297  7.410   0.751   0.50 31.99 ? 32  GLN A CD  1 
ATOM   230  C CD  B GLN A 1 32 ? -6.159  5.999   1.121   0.50 31.57 ? 32  GLN A CD  1 
ATOM   231  O OE1 A GLN A 1 32 ? -8.050  8.235   0.214   0.50 25.06 ? 32  GLN A OE1 1 
ATOM   232  O OE1 B GLN A 1 32 ? -7.188  5.577   0.545   0.50 30.44 ? 32  GLN A OE1 1 
ATOM   233  N NE2 A GLN A 1 32 ? -7.743  6.186   1.050   0.50 37.07 ? 32  GLN A NE2 1 
ATOM   234  N NE2 B GLN A 1 32 ? -5.475  4.993   1.677   0.50 18.56 ? 32  GLN A NE2 1 
ATOM   235  N N   . ASP A 1 33 ? -4.392  11.368  -1.539  1.00 16.62 ? 33  ASP A N   1 
ATOM   236  C CA  . ASP A 1 33 ? -3.460  11.799  -2.623  1.00 15.65 ? 33  ASP A CA  1 
ATOM   237  C C   . ASP A 1 33 ? -2.557  12.889  -2.051  1.00 18.11 ? 33  ASP A C   1 
ATOM   238  O O   . ASP A 1 33 ? -2.966  13.878  -1.413  1.00 20.25 ? 33  ASP A O   1 
ATOM   239  C CB  . ASP A 1 33 ? -4.286  12.436  -3.771  1.00 15.94 ? 33  ASP A CB  1 
ATOM   240  C CG  . ASP A 1 33 ? -5.024  11.295  -4.519  1.00 11.13 ? 33  ASP A CG  1 
ATOM   241  O OD1 . ASP A 1 33 ? -4.735  10.163  -4.442  1.00 17.43 ? 33  ASP A OD1 1 
ATOM   242  O OD2 . ASP A 1 33 ? -6.041  11.761  -5.219  1.00 18.97 ? 33  ASP A OD2 1 
ATOM   243  N N   . GLY A 1 34 ? -1.264  12.735  -2.355  1.00 14.82 ? 34  GLY A N   1 
ATOM   244  C CA  . GLY A 1 34 ? -0.263  13.733  -1.941  1.00 13.19 ? 34  GLY A CA  1 
ATOM   245  C C   . GLY A 1 34 ? 0.336   13.282  -0.626  1.00 13.63 ? 34  GLY A C   1 
ATOM   246  O O   . GLY A 1 34 ? 1.281   14.051  -0.240  1.00 19.02 ? 34  GLY A O   1 
ATOM   247  N N   . VAL A 1 35 ? -0.007  12.195  0.032   1.00 14.40 ? 35  VAL A N   1 
ATOM   248  C CA  . VAL A 1 35 ? 0.668   11.861  1.288   1.00 12.97 ? 35  VAL A CA  1 
ATOM   249  C C   . VAL A 1 35 ? 2.025   11.295  0.972   1.00 14.78 ? 35  VAL A C   1 
ATOM   250  O O   . VAL A 1 35 ? 2.242   10.795  -0.126  1.00 14.61 ? 35  VAL A O   1 
ATOM   251  C CB  . VAL A 1 35 ? -0.157  10.823  2.062   1.00 19.26 ? 35  VAL A CB  1 
ATOM   252  C CG1 . VAL A 1 35 ? -1.539  11.419  2.387   1.00 22.98 ? 35  VAL A CG1 1 
ATOM   253  C CG2 . VAL A 1 35 ? -0.317  9.549   1.253   1.00 18.56 ? 35  VAL A CG2 1 
ATOM   254  N N   . VAL A 1 36 ? 2.906   11.356  1.970   1.00 14.72 ? 36  VAL A N   1 
ATOM   255  C CA  . VAL A 1 36 ? 4.195   10.716  1.818   1.00 9.15  ? 36  VAL A CA  1 
ATOM   256  C C   . VAL A 1 36 ? 3.998   9.207   1.578   1.00 11.87 ? 36  VAL A C   1 
ATOM   257  O O   . VAL A 1 36 ? 3.220   8.524   2.285   1.00 14.21 ? 36  VAL A O   1 
ATOM   258  C CB  . VAL A 1 36 ? 5.018   10.907  3.138   1.00 11.89 ? 36  VAL A CB  1 
ATOM   259  C CG1 . VAL A 1 36 ? 6.369   10.133  3.057   1.00 15.22 ? 36  VAL A CG1 1 
ATOM   260  C CG2 . VAL A 1 36 ? 5.372   12.415  3.154   1.00 17.68 ? 36  VAL A CG2 1 
ATOM   261  N N   . PHE A 1 37 ? 4.835   8.676   0.645   1.00 10.43 ? 37  PHE A N   1 
ATOM   262  C CA  . PHE A 1 37 ? 4.867   7.246   0.372   1.00 8.61  ? 37  PHE A CA  1 
ATOM   263  C C   . PHE A 1 37 ? 6.117   6.688   0.958   1.00 11.59 ? 37  PHE A C   1 
ATOM   264  O O   . PHE A 1 37 ? 7.259   7.120   0.685   1.00 13.70 ? 37  PHE A O   1 
ATOM   265  C CB  . PHE A 1 37 ? 4.845   7.042   -1.183  1.00 11.55 ? 37  PHE A CB  1 
ATOM   266  C CG  . PHE A 1 37 ? 4.940   5.576   -1.591  1.00 11.80 ? 37  PHE A CG  1 
ATOM   267  C CD1 . PHE A 1 37 ? 3.779   4.801   -1.300  1.00 13.42 ? 37  PHE A CD1 1 
ATOM   268  C CD2 . PHE A 1 37 ? 6.053   5.034   -2.140  1.00 12.37 ? 37  PHE A CD2 1 
ATOM   269  C CE1 . PHE A 1 37 ? 3.893   3.427   -1.652  1.00 14.11 ? 37  PHE A CE1 1 
ATOM   270  C CE2 . PHE A 1 37 ? 6.185   3.692   -2.509  1.00 14.79 ? 37  PHE A CE2 1 
ATOM   271  C CZ  . PHE A 1 37 ? 5.033   2.915   -2.246  1.00 12.19 ? 37  PHE A CZ  1 
ATOM   272  N N   . GLN A 1 38 ? 5.940   5.727   1.898   1.00 11.99 ? 38  GLN A N   1 
ATOM   273  C CA  . GLN A 1 38 ? 7.091   5.176   2.621   1.00 12.56 ? 38  GLN A CA  1 
ATOM   274  C C   . GLN A 1 38 ? 7.833   4.034   2.001   1.00 14.04 ? 38  GLN A C   1 
ATOM   275  O O   . GLN A 1 38 ? 8.852   3.541   2.488   1.00 15.77 ? 38  GLN A O   1 
ATOM   276  C CB  . GLN A 1 38 ? 6.637   4.793   4.093   1.00 14.69 ? 38  GLN A CB  1 
ATOM   277  C CG  . GLN A 1 38 ? 6.260   6.094   4.815   1.00 19.01 ? 38  GLN A CG  1 
ATOM   278  C CD  . GLN A 1 38 ? 5.939   5.806   6.315   1.00 27.38 ? 38  GLN A CD  1 
ATOM   279  O OE1 . GLN A 1 38 ? 6.773   5.217   6.950   1.00 28.46 ? 38  GLN A OE1 1 
ATOM   280  N NE2 . GLN A 1 38 ? 4.756   6.167   6.735   1.00 26.28 ? 38  GLN A NE2 1 
ATOM   281  N N   . ASN A 1 39 ? 7.345   3.564   0.806   1.00 12.39 ? 39  ASN A N   1 
ATOM   282  C CA  . ASN A 1 39 ? 8.117   2.557   0.069   1.00 12.86 ? 39  ASN A CA  1 
ATOM   283  C C   . ASN A 1 39 ? 8.520   1.383   0.922   1.00 14.73 ? 39  ASN A C   1 
ATOM   284  O O   . ASN A 1 39 ? 9.681   1.031   1.081   1.00 16.22 ? 39  ASN A O   1 
ATOM   285  C CB  . ASN A 1 39 ? 9.387   3.197   -0.545  1.00 13.07 ? 39  ASN A CB  1 
ATOM   286  C CG  . ASN A 1 39 ? 10.195  2.415   -1.514  1.00 15.05 ? 39  ASN A CG  1 
ATOM   287  O OD1 . ASN A 1 39 ? 9.644   1.614   -2.284  1.00 16.36 ? 39  ASN A OD1 1 
ATOM   288  N ND2 . ASN A 1 39 ? 11.516  2.609   -1.490  1.00 16.04 ? 39  ASN A ND2 1 
ATOM   289  N N   . ARG A 1 40 ? 7.460   0.823   1.583   1.00 14.04 ? 40  ARG A N   1 
ATOM   290  C CA  . ARG A 1 40 ? 7.754   -0.156  2.644   1.00 15.29 ? 40  ARG A CA  1 
ATOM   291  C C   . ARG A 1 40 ? 8.338   -1.453  2.191   1.00 21.01 ? 40  ARG A C   1 
ATOM   292  O O   . ARG A 1 40 ? 8.990   -2.108  3.017   1.00 20.97 ? 40  ARG A O   1 
ATOM   293  C CB  . ARG A 1 40 ? 6.418   -0.401  3.386   1.00 16.66 ? 40  ARG A CB  1 
ATOM   294  C CG  . ARG A 1 40 ? 5.801   0.933   3.953   1.00 18.04 ? 40  ARG A CG  1 
ATOM   295  C CD  . ARG A 1 40 ? 4.407   0.544   4.536   1.00 18.82 ? 40  ARG A CD  1 
ATOM   296  N NE  . ARG A 1 40 ? 3.673   1.764   4.875   1.00 17.35 ? 40  ARG A NE  1 
ATOM   297  C CZ  . ARG A 1 40 ? 3.735   2.421   6.052   1.00 21.76 ? 40  ARG A CZ  1 
ATOM   298  N NH1 . ARG A 1 40 ? 4.514   1.925   7.015   1.00 23.46 ? 40  ARG A NH1 1 
ATOM   299  N NH2 . ARG A 1 40 ? 3.003   3.506   6.152   1.00 23.43 ? 40  ARG A NH2 1 
ATOM   300  N N   . GLU A 1 41 ? 8.196   -1.840  0.936   1.00 17.37 ? 41  GLU A N   1 
ATOM   301  C CA  . GLU A 1 41 ? 8.770   -3.121  0.447   1.00 20.39 ? 41  GLU A CA  1 
ATOM   302  C C   . GLU A 1 41 ? 10.112  -2.855  -0.181  1.00 23.92 ? 41  GLU A C   1 
ATOM   303  O O   . GLU A 1 41 ? 10.797  -3.777  -0.694  1.00 24.10 ? 41  GLU A O   1 
ATOM   304  C CB  . GLU A 1 41 ? 7.829   -3.709  -0.586  1.00 21.75 ? 41  GLU A CB  1 
ATOM   305  C CG  . GLU A 1 41 ? 6.508   -4.186  0.012   1.00 23.30 ? 41  GLU A CG  1 
ATOM   306  C CD  . GLU A 1 41 ? 6.650   -5.570  0.663   1.00 25.30 ? 41  GLU A CD  1 
ATOM   307  O OE1 . GLU A 1 41 ? 7.715   -6.209  0.676   1.00 26.78 ? 41  GLU A OE1 1 
ATOM   308  O OE2 . GLU A 1 41 ? 5.661   -5.967  1.295   1.00 17.54 ? 41  GLU A OE2 1 
ATOM   309  N N   . SER A 1 42 ? 10.554  -1.577  -0.229  1.00 16.90 ? 42  SER A N   1 
ATOM   310  C CA  . SER A 1 42 ? 11.780  -1.234  -0.876  1.00 19.87 ? 42  SER A CA  1 
ATOM   311  C C   . SER A 1 42 ? 11.815  -1.744  -2.312  1.00 18.09 ? 42  SER A C   1 
ATOM   312  O O   . SER A 1 42 ? 12.929  -1.859  -2.840  1.00 21.69 ? 42  SER A O   1 
ATOM   313  C CB  . SER A 1 42 ? 13.050  -1.835  -0.183  1.00 27.04 ? 42  SER A CB  1 
ATOM   314  O OG  . SER A 1 42 ? 13.148  -1.349  1.116   1.00 31.52 ? 42  SER A OG  1 
ATOM   315  N N   . VAL A 1 43 ? 10.721  -1.554  -3.045  1.00 17.03 ? 43  VAL A N   1 
ATOM   316  C CA  . VAL A 1 43 ? 10.763  -1.828  -4.509  1.00 19.03 ? 43  VAL A CA  1 
ATOM   317  C C   . VAL A 1 43 ? 11.408  -0.691  -5.253  1.00 17.83 ? 43  VAL A C   1 
ATOM   318  O O   . VAL A 1 43 ? 12.235  -0.916  -6.177  1.00 19.63 ? 43  VAL A O   1 
ATOM   319  C CB  . VAL A 1 43 ? 9.355   -2.076  -5.038  1.00 20.98 ? 43  VAL A CB  1 
ATOM   320  C CG1 . VAL A 1 43 ? 9.456   -2.378  -6.556  1.00 22.13 ? 43  VAL A CG1 1 
ATOM   321  C CG2 . VAL A 1 43 ? 8.735   -3.270  -4.322  1.00 26.96 ? 43  VAL A CG2 1 
ATOM   322  N N   . LEU A 1 44 ? 11.097  0.559   -4.824  1.00 15.01 ? 44  LEU A N   1 
ATOM   323  C CA  . LEU A 1 44 ? 11.744  1.733   -5.397  1.00 14.36 ? 44  LEU A CA  1 
ATOM   324  C C   . LEU A 1 44 ? 13.082  1.949   -4.676  1.00 15.48 ? 44  LEU A C   1 
ATOM   325  O O   . LEU A 1 44 ? 13.274  1.437   -3.592  1.00 16.86 ? 44  LEU A O   1 
ATOM   326  C CB  . LEU A 1 44 ? 10.856  2.950   -5.241  1.00 13.74 ? 44  LEU A CB  1 
ATOM   327  C CG  . LEU A 1 44 ? 9.433   2.834   -5.860  1.00 13.35 ? 44  LEU A CG  1 
ATOM   328  C CD1 . LEU A 1 44 ? 8.659   4.093   -5.538  1.00 16.34 ? 44  LEU A CD1 1 
ATOM   329  C CD2 . LEU A 1 44 ? 9.540   2.713   -7.386  1.00 20.15 ? 44  LEU A CD2 1 
ATOM   330  N N   . PRO A 1 45 ? 13.963  2.740   -5.288  1.00 17.17 ? 45  PRO A N   1 
ATOM   331  C CA  . PRO A 1 45 ? 15.251  2.998   -4.649  1.00 17.52 ? 45  PRO A CA  1 
ATOM   332  C C   . PRO A 1 45 ? 15.093  3.567   -3.277  1.00 17.50 ? 45  PRO A C   1 
ATOM   333  O O   . PRO A 1 45 ? 14.171  4.306   -2.982  1.00 16.73 ? 45  PRO A O   1 
ATOM   334  C CB  . PRO A 1 45 ? 15.906  4.029   -5.600  1.00 18.56 ? 45  PRO A CB  1 
ATOM   335  C CG  . PRO A 1 45 ? 15.322  3.652   -6.950  1.00 19.88 ? 45  PRO A CG  1 
ATOM   336  C CD  . PRO A 1 45 ? 13.884  3.345   -6.639  1.00 17.93 ? 45  PRO A CD  1 
ATOM   337  N N   . THR A 1 46 ? 15.899  3.092   -2.306  1.00 16.08 ? 46  THR A N   1 
ATOM   338  C CA  . THR A 1 46 ? 15.753  3.511   -0.916  1.00 16.79 ? 46  THR A CA  1 
ATOM   339  C C   . THR A 1 46 ? 16.046  4.960   -0.791  1.00 15.79 ? 46  THR A C   1 
ATOM   340  O O   . THR A 1 46 ? 17.043  5.466   -1.294  1.00 18.76 ? 46  THR A O   1 
ATOM   341  C CB  . THR A 1 46 ? 16.806  2.729   -0.038  1.00 25.07 ? 46  THR A CB  1 
ATOM   342  O OG1 . THR A 1 46 ? 16.124  1.474   0.059   1.00 30.95 ? 46  THR A OG1 1 
ATOM   343  C CG2 . THR A 1 46 ? 16.758  3.296   1.398   1.00 27.21 ? 46  THR A CG2 1 
ATOM   344  N N   . GLN A 1 47 ? 15.150  5.716   -0.122  1.00 14.09 ? 47  GLN A N   1 
ATOM   345  C CA  . GLN A 1 47 ? 15.374  7.168   0.024   1.00 13.55 ? 47  GLN A CA  1 
ATOM   346  C C   . GLN A 1 47 ? 14.861  7.504   1.424   1.00 14.88 ? 47  GLN A C   1 
ATOM   347  O O   . GLN A 1 47 ? 14.095  6.770   2.024   1.00 15.94 ? 47  GLN A O   1 
ATOM   348  C CB  . GLN A 1 47 ? 14.608  8.086   -0.950  1.00 13.45 ? 47  GLN A CB  1 
ATOM   349  C CG  . GLN A 1 47 ? 15.021  7.821   -2.456  1.00 14.93 ? 47  GLN A CG  1 
ATOM   350  C CD  . GLN A 1 47 ? 16.352  8.443   -2.806  1.00 22.58 ? 47  GLN A CD  1 
ATOM   351  O OE1 . GLN A 1 47 ? 17.112  8.966   -1.978  1.00 19.85 ? 47  GLN A OE1 1 
ATOM   352  N NE2 . GLN A 1 47 ? 16.684  8.383   -4.099  1.00 20.77 ? 47  GLN A NE2 1 
ATOM   353  N N   . SER A 1 48 ? 15.271  8.709   1.948   1.00 13.44 ? 48  SER A N   1 
ATOM   354  C CA  . SER A 1 48 ? 14.762  9.102   3.271   1.00 15.49 ? 48  SER A CA  1 
ATOM   355  C C   . SER A 1 48 ? 13.283  9.436   3.283   1.00 14.34 ? 48  SER A C   1 
ATOM   356  O O   . SER A 1 48 ? 12.701  9.708   2.222   1.00 14.22 ? 48  SER A O   1 
ATOM   357  C CB  . SER A 1 48 ? 15.576  10.368  3.736   1.00 15.31 ? 48  SER A CB  1 
ATOM   358  O OG  . SER A 1 48 ? 16.954  9.849   3.737   1.00 15.44 ? 48  SER A OG  1 
ATOM   359  N N   . TYR A 1 49 ? 12.724  9.443   4.502   1.00 11.85 ? 49  TYR A N   1 
ATOM   360  C CA  . TYR A 1 49 ? 11.278  9.686   4.594   1.00 10.45 ? 49  TYR A CA  1 
ATOM   361  C C   . TYR A 1 49 ? 10.955  11.063  4.094   1.00 13.71 ? 49  TYR A C   1 
ATOM   362  O O   . TYR A 1 49 ? 11.516  12.121  4.477   1.00 13.76 ? 49  TYR A O   1 
ATOM   363  C CB  . TYR A 1 49 ? 10.891  9.571   6.128   1.00 14.92 ? 49  TYR A CB  1 
ATOM   364  C CG  . TYR A 1 49 ? 9.449   10.007  6.396   1.00 14.12 ? 49  TYR A CG  1 
ATOM   365  C CD1 . TYR A 1 49 ? 9.046   11.317  6.479   1.00 14.58 ? 49  TYR A CD1 1 
ATOM   366  C CD2 . TYR A 1 49 ? 8.531   8.962   6.505   1.00 17.39 ? 49  TYR A CD2 1 
ATOM   367  C CE1 . TYR A 1 49 ? 7.703   11.631  6.690   1.00 19.31 ? 49  TYR A CE1 1 
ATOM   368  C CE2 . TYR A 1 49 ? 7.187   9.270   6.746   1.00 18.91 ? 49  TYR A CE2 1 
ATOM   369  C CZ  . TYR A 1 49 ? 6.830   10.594  6.819   1.00 19.99 ? 49  TYR A CZ  1 
ATOM   370  O OH  . TYR A 1 49 ? 5.491   10.937  7.047   1.00 26.64 ? 49  TYR A OH  1 
ATOM   371  N N   . GLY A 1 50 ? 9.966   11.205  3.177   1.00 10.83 ? 50  GLY A N   1 
ATOM   372  C CA  . GLY A 1 50 ? 9.550   12.440  2.594   1.00 9.80  ? 50  GLY A CA  1 
ATOM   373  C C   . GLY A 1 50 ? 9.997   12.586  1.110   1.00 10.38 ? 50  GLY A C   1 
ATOM   374  O O   . GLY A 1 50 ? 9.545   13.579  0.587   1.00 12.72 ? 50  GLY A O   1 
ATOM   375  N N   . TYR A 1 51 ? 10.803  11.677  0.620   1.00 11.10 ? 51  TYR A N   1 
ATOM   376  C CA  . TYR A 1 51 ? 11.261  11.883  -0.795  1.00 11.04 ? 51  TYR A CA  1 
ATOM   377  C C   . TYR A 1 51 ? 10.088  11.559  -1.744  1.00 11.93 ? 51  TYR A C   1 
ATOM   378  O O   . TYR A 1 51 ? 10.037  12.190  -2.800  1.00 11.57 ? 51  TYR A O   1 
ATOM   379  C CB  . TYR A 1 51 ? 12.429  10.925  -0.933  1.00 10.17 ? 51  TYR A CB  1 
ATOM   380  C CG  . TYR A 1 51 ? 13.133  11.067  -2.332  1.00 12.45 ? 51  TYR A CG  1 
ATOM   381  C CD1 . TYR A 1 51 ? 12.605  10.303  -3.346  1.00 10.97 ? 51  TYR A CD1 1 
ATOM   382  C CD2 . TYR A 1 51 ? 14.283  11.759  -2.453  1.00 14.72 ? 51  TYR A CD2 1 
ATOM   383  C CE1 . TYR A 1 51 ? 13.176  10.428  -4.644  1.00 12.01 ? 51  TYR A CE1 1 
ATOM   384  C CE2 . TYR A 1 51 ? 14.865  11.880  -3.741  1.00 15.16 ? 51  TYR A CE2 1 
ATOM   385  C CZ  . TYR A 1 51 ? 14.334  11.144  -4.788  1.00 15.88 ? 51  TYR A CZ  1 
ATOM   386  O OH  . TYR A 1 51 ? 14.958  11.255  -6.038  1.00 16.73 ? 51  TYR A OH  1 
ATOM   387  N N   . TYR A 1 52 ? 9.345   10.531  -1.363  1.00 9.14  ? 52  TYR A N   1 
ATOM   388  C CA  . TYR A 1 52 ? 8.325   10.098  -2.350  1.00 8.90  ? 52  TYR A CA  1 
ATOM   389  C C   . TYR A 1 52 ? 6.943   10.481  -1.848  1.00 10.21 ? 52  TYR A C   1 
ATOM   390  O O   . TYR A 1 52 ? 6.686   10.529  -0.619  1.00 10.26 ? 52  TYR A O   1 
ATOM   391  C CB  . TYR A 1 52 ? 8.288   8.522   -2.344  1.00 8.10  ? 52  TYR A CB  1 
ATOM   392  C CG  . TYR A 1 52 ? 9.529   7.849   -2.920  1.00 10.03 ? 52  TYR A CG  1 
ATOM   393  C CD1 . TYR A 1 52 ? 9.797   8.011   -4.313  1.00 11.42 ? 52  TYR A CD1 1 
ATOM   394  C CD2 . TYR A 1 52 ? 10.334  7.043   -2.115  1.00 11.96 ? 52  TYR A CD2 1 
ATOM   395  C CE1 . TYR A 1 52 ? 10.912  7.315   -4.805  1.00 11.92 ? 52  TYR A CE1 1 
ATOM   396  C CE2 . TYR A 1 52 ? 11.441  6.365   -2.629  1.00 13.10 ? 52  TYR A CE2 1 
ATOM   397  C CZ  . TYR A 1 52 ? 11.685  6.572   -3.988  1.00 14.96 ? 52  TYR A CZ  1 
ATOM   398  O OH  . TYR A 1 52 ? 12.759  5.903   -4.585  1.00 14.77 ? 52  TYR A OH  1 
ATOM   399  N N   . HIS A 1 53 ? 5.969   10.715  -2.791  1.00 9.25  ? 53  HIS A N   1 
ATOM   400  C CA  . HIS A 1 53 ? 4.573   10.950  -2.380  1.00 10.64 ? 53  HIS A CA  1 
ATOM   401  C C   . HIS A 1 53 ? 3.687   10.136  -3.400  1.00 14.85 ? 53  HIS A C   1 
ATOM   402  O O   . HIS A 1 53 ? 4.230   9.766   -4.452  1.00 13.22 ? 53  HIS A O   1 
ATOM   403  C CB  . HIS A 1 53 ? 4.162   12.432  -2.605  1.00 11.88 ? 53  HIS A CB  1 
ATOM   404  C CG  . HIS A 1 53 ? 4.952   13.295  -1.625  1.00 14.28 ? 53  HIS A CG  1 
ATOM   405  N ND1 . HIS A 1 53 ? 6.227   13.757  -1.857  1.00 14.13 ? 53  HIS A ND1 1 
ATOM   406  C CD2 . HIS A 1 53 ? 4.472   13.768  -0.418  1.00 14.98 ? 53  HIS A CD2 1 
ATOM   407  C CE1 . HIS A 1 53 ? 6.623   14.443  -0.752  1.00 16.63 ? 53  HIS A CE1 1 
ATOM   408  N NE2 . HIS A 1 53 ? 5.602   14.508  0.088   1.00 16.13 ? 53  HIS A NE2 1 
ATOM   409  N N   . GLU A 1 54 ? 2.526   9.745   -2.884  1.00 10.15 ? 54  GLU A N   1 
ATOM   410  C CA  . GLU A 1 54 ? 1.668   8.981   -3.826  1.00 10.72 ? 54  GLU A CA  1 
ATOM   411  C C   . GLU A 1 54 ? 0.370   9.600   -4.143  1.00 11.22 ? 54  GLU A C   1 
ATOM   412  O O   . GLU A 1 54 ? -0.195  10.431  -3.412  1.00 13.48 ? 54  GLU A O   1 
ATOM   413  C CB  . GLU A 1 54 ? 1.349   7.600   -3.218  1.00 11.97 ? 54  GLU A CB  1 
ATOM   414  C CG  . GLU A 1 54 ? 0.624   7.589   -1.878  1.00 14.07 ? 54  GLU A CG  1 
ATOM   415  C CD  . GLU A 1 54 ? 0.050   6.190   -1.594  1.00 16.16 ? 54  GLU A CD  1 
ATOM   416  O OE1 . GLU A 1 54 ? -0.701  5.678   -2.464  1.00 16.96 ? 54  GLU A OE1 1 
ATOM   417  O OE2 . GLU A 1 54 ? 0.398   5.579   -0.555  1.00 18.57 ? 54  GLU A OE2 1 
ATOM   418  N N   . TYR A 1 55 ? -0.134  9.239   -5.384  1.00 10.93 ? 55  TYR A N   1 
ATOM   419  C CA  . TYR A 1 55 ? -1.373  9.830   -5.931  1.00 9.58  ? 55  TYR A CA  1 
ATOM   420  C C   . TYR A 1 55 ? -2.194  8.830   -6.745  1.00 11.50 ? 55  TYR A C   1 
ATOM   421  O O   . TYR A 1 55 ? -1.634  7.846   -7.214  1.00 14.03 ? 55  TYR A O   1 
ATOM   422  C CB  . TYR A 1 55 ? -1.029  10.931  -7.010  1.00 11.61 ? 55  TYR A CB  1 
ATOM   423  C CG  . TYR A 1 55 ? -0.146  12.061  -6.372  1.00 12.49 ? 55  TYR A CG  1 
ATOM   424  C CD1 . TYR A 1 55 ? 1.242   11.900  -6.316  1.00 15.45 ? 55  TYR A CD1 1 
ATOM   425  C CD2 . TYR A 1 55 ? -0.792  13.162  -5.902  1.00 13.47 ? 55  TYR A CD2 1 
ATOM   426  C CE1 . TYR A 1 55 ? 1.998   12.923  -5.711  1.00 14.97 ? 55  TYR A CE1 1 
ATOM   427  C CE2 . TYR A 1 55 ? -0.018  14.217  -5.332  1.00 14.97 ? 55  TYR A CE2 1 
ATOM   428  C CZ  . TYR A 1 55 ? 1.333   14.012  -5.274  1.00 15.74 ? 55  TYR A CZ  1 
ATOM   429  O OH  . TYR A 1 55 ? 2.133   15.057  -4.707  1.00 19.22 ? 55  TYR A OH  1 
ATOM   430  N N   . THR A 1 56 ? -3.532  8.875   -6.573  1.00 10.91 ? 56  THR A N   1 
ATOM   431  C CA  . THR A 1 56 ? -4.308  7.815   -7.276  1.00 11.63 ? 56  THR A CA  1 
ATOM   432  C C   . THR A 1 56 ? -4.443  8.207   -8.758  1.00 11.00 ? 56  THR A C   1 
ATOM   433  O O   . THR A 1 56 ? -4.504  9.388   -9.186  1.00 14.03 ? 56  THR A O   1 
ATOM   434  C CB  . THR A 1 56 ? -5.777  8.015   -6.754  1.00 17.51 ? 56  THR A CB  1 
ATOM   435  O OG1 . THR A 1 56 ? -5.722  7.955   -5.326  1.00 16.80 ? 56  THR A OG1 1 
ATOM   436  C CG2 . THR A 1 56 ? -6.656  6.846   -7.205  1.00 20.64 ? 56  THR A CG2 1 
ATOM   437  N N   . VAL A 1 57 ? -4.414  7.086   -9.499  1.00 10.93 ? 57  VAL A N   1 
ATOM   438  C CA  . VAL A 1 57 ? -4.835  7.133   -10.945 1.00 9.71  ? 57  VAL A CA  1 
ATOM   439  C C   . VAL A 1 57 ? -6.258  6.462   -10.961 1.00 11.56 ? 57  VAL A C   1 
ATOM   440  O O   . VAL A 1 57 ? -6.311  5.325   -10.568 1.00 15.72 ? 57  VAL A O   1 
ATOM   441  C CB  . VAL A 1 57 ? -3.879  6.326   -11.815 1.00 11.68 ? 57  VAL A CB  1 
ATOM   442  C CG1 . VAL A 1 57 ? -4.352  6.304   -13.316 1.00 13.23 ? 57  VAL A CG1 1 
ATOM   443  C CG2 . VAL A 1 57 ? -2.513  7.075   -11.876 1.00 15.15 ? 57  VAL A CG2 1 
ATOM   444  N N   . ILE A 1 58 ? -7.186  7.275   -11.416 1.00 13.89 ? 58  ILE A N   1 
ATOM   445  C CA  . ILE A 1 58 ? -8.592  6.725   -11.326 1.00 13.20 ? 58  ILE A CA  1 
ATOM   446  C C   . ILE A 1 58 ? -8.638  5.535   -12.244 1.00 15.74 ? 58  ILE A C   1 
ATOM   447  O O   . ILE A 1 58 ? -8.118  5.566   -13.377 1.00 18.00 ? 58  ILE A O   1 
ATOM   448  C CB  . ILE A 1 58 ? -9.503  7.895   -11.700 1.00 17.55 ? 58  ILE A CB  1 
ATOM   449  C CG1 . ILE A 1 58 ? -9.639  8.874   -10.502 1.00 22.14 ? 58  ILE A CG1 1 
ATOM   450  C CG2 . ILE A 1 58 ? -10.955 7.365   -12.030 1.00 20.97 ? 58  ILE A CG2 1 
ATOM   451  C CD1 . ILE A 1 58 ? -10.345 10.181  -10.754 1.00 30.16 ? 58  ILE A CD1 1 
ATOM   452  N N   . THR A 1 59 ? -9.466  4.560   -11.796 1.00 15.05 ? 59  THR A N   1 
ATOM   453  C CA  . THR A 1 59 ? -9.839  3.450   -12.710 1.00 15.82 ? 59  THR A CA  1 
ATOM   454  C C   . THR A 1 59 ? -11.307 3.695   -13.068 1.00 22.48 ? 59  THR A C   1 
ATOM   455  O O   . THR A 1 59 ? -12.155 3.541   -12.221 1.00 21.78 ? 59  THR A O   1 
ATOM   456  C CB  . THR A 1 59 ? -9.706  2.130   -11.997 1.00 21.01 ? 59  THR A CB  1 
ATOM   457  O OG1 . THR A 1 59 ? -8.344  1.776   -11.655 1.00 18.30 ? 59  THR A OG1 1 
ATOM   458  C CG2 . THR A 1 59 ? -10.210 0.965   -12.924 1.00 21.07 ? 59  THR A CG2 1 
ATOM   459  N N   . PRO A 1 60 ? -11.606 3.947   -14.331 1.00 22.62 ? 60  PRO A N   1 
ATOM   460  C CA  . PRO A 1 60 ? -12.955 4.346   -14.740 1.00 28.21 ? 60  PRO A CA  1 
ATOM   461  C C   . PRO A 1 60 ? -13.934 3.217   -14.444 1.00 26.31 ? 60  PRO A C   1 
ATOM   462  O O   . PRO A 1 60 ? -13.602 2.047   -14.618 1.00 28.62 ? 60  PRO A O   1 
ATOM   463  C CB  . PRO A 1 60 ? -12.855 4.666   -16.221 1.00 29.51 ? 60  PRO A CB  1 
ATOM   464  C CG  . PRO A 1 60 ? -11.388 4.733   -16.525 1.00 31.64 ? 60  PRO A CG  1 
ATOM   465  C CD  . PRO A 1 60 ? -10.614 4.015   -15.446 1.00 24.73 ? 60  PRO A CD  1 
ATOM   466  N N   . GLY A 1 61 ? -15.005 3.564   -13.748 1.00 33.94 ? 61  GLY A N   1 
ATOM   467  C CA  . GLY A 1 61 ? -15.960 2.477   -13.399 1.00 35.02 ? 61  GLY A CA  1 
ATOM   468  C C   . GLY A 1 61 ? -15.802 1.760   -12.093 1.00 38.60 ? 61  GLY A C   1 
ATOM   469  O O   . GLY A 1 61 ? -16.600 0.846   -11.802 1.00 37.31 ? 61  GLY A O   1 
ATOM   470  N N   . ALA A 1 62 ? -14.659 1.780   -11.373 1.00 30.91 ? 62  ALA A N   1 
ATOM   471  C CA  . ALA A 1 62 ? -14.370 0.884   -10.283 1.00 26.99 ? 62  ALA A CA  1 
ATOM   472  C C   . ALA A 1 62 ? -15.200 1.206   -9.025  1.00 28.02 ? 62  ALA A C   1 
ATOM   473  O O   . ALA A 1 62 ? -15.447 0.292   -8.220  1.00 30.12 ? 62  ALA A O   1 
ATOM   474  C CB  . ALA A 1 62 ? -12.885 1.062   -9.877  1.00 28.25 ? 62  ALA A CB  1 
ATOM   475  N N   . ARG A 1 63 ? -15.456 2.496   -8.844  1.00 24.19 ? 63  ARG A N   1 
ATOM   476  C CA  . ARG A 1 63 ? -16.175 2.939   -7.625  1.00 23.76 ? 63  ARG A CA  1 
ATOM   477  C C   . ARG A 1 63 ? -15.411 2.883   -6.323  1.00 23.35 ? 63  ARG A C   1 
ATOM   478  O O   . ARG A 1 63 ? -15.827 3.231   -5.212  1.00 22.96 ? 63  ARG A O   1 
ATOM   479  C CB  . ARG A 1 63 ? -17.543 2.273   -7.458  1.00 33.03 ? 63  ARG A CB  1 
ATOM   480  C CG  . ARG A 1 63 ? -18.388 2.627   -8.730  1.00 40.80 ? 63  ARG A CG  1 
ATOM   481  C CD  . ARG A 1 63 ? -19.770 1.976   -8.485  1.00 41.23 ? 63  ARG A CD  1 
ATOM   482  N NE  . ARG A 1 63 ? -20.127 1.134   -9.640  1.00 63.77 ? 63  ARG A NE  1 
ATOM   483  C CZ  . ARG A 1 63 ? -20.060 -0.201  -9.611  1.00 68.47 ? 63  ARG A CZ  1 
ATOM   484  N NH1 . ARG A 1 63 ? -19.661 -0.848  -8.523  1.00 70.41 ? 63  ARG A NH1 1 
ATOM   485  N NH2 . ARG A 1 63 ? -20.407 -0.880  -10.702 1.00 74.15 ? 63  ARG A NH2 1 
ATOM   486  N N   . THR A 1 64 ? -14.147 2.456   -6.380  1.00 21.48 ? 64  THR A N   1 
ATOM   487  C CA  . THR A 1 64 ? -13.224 2.505   -5.244  1.00 18.50 ? 64  THR A CA  1 
ATOM   488  C C   . THR A 1 64 ? -11.915 3.133   -5.847  1.00 21.21 ? 64  THR A C   1 
ATOM   489  O O   . THR A 1 64 ? -11.680 3.323   -7.049  1.00 18.87 ? 64  THR A O   1 
ATOM   490  C CB  . THR A 1 64 ? -12.814 1.131   -4.696  1.00 24.92 ? 64  THR A CB  1 
ATOM   491  O OG1 . THR A 1 64 ? -12.102 0.389   -5.682  1.00 27.21 ? 64  THR A OG1 1 
ATOM   492  C CG2 . THR A 1 64 ? -14.047 0.278   -4.321  1.00 32.61 ? 64  THR A CG2 1 
ATOM   493  N N   . ARG A 1 65 ? -10.961 3.260   -4.892  1.00 21.82 ? 65  ARG A N   1 
ATOM   494  C CA  . ARG A 1 65 ? -9.647  3.812   -5.307  1.00 19.38 ? 65  ARG A CA  1 
ATOM   495  C C   . ARG A 1 65 ? -8.934  2.851   -6.220  1.00 19.34 ? 65  ARG A C   1 
ATOM   496  O O   . ARG A 1 65 ? -7.995  3.369   -6.910  1.00 19.15 ? 65  ARG A O   1 
ATOM   497  C CB  . ARG A 1 65 ? -8.816  4.072   -4.010  1.00 23.82 ? 65  ARG A CB  1 
ATOM   498  C CG  . ARG A 1 65 ? -7.925  5.301   -4.065  1.00 25.03 ? 65  ARG A CG  1 
ATOM   499  C CD  . ARG A 1 65 ? -7.002  5.419   -2.823  1.00 23.72 ? 65  ARG A CD  1 
ATOM   500  N NE  . ARG A 1 65 ? -5.841  6.228   -3.118  1.00 27.02 ? 65  ARG A NE  1 
ATOM   501  C CZ  . ARG A 1 65 ? -4.616  6.140   -2.647  1.00 24.49 ? 65  ARG A CZ  1 
ATOM   502  N NH1 . ARG A 1 65 ? -4.304  5.291   -1.695  1.00 25.74 ? 65  ARG A NH1 1 
ATOM   503  N NH2 . ARG A 1 65 ? -3.626  7.057   -2.997  1.00 26.37 ? 65  ARG A NH2 1 
ATOM   504  N N   . GLY A 1 66 ? -9.116  1.550   -6.207  1.00 17.66 ? 66  GLY A N   1 
ATOM   505  C CA  . GLY A 1 66 ? -8.562  0.633   -7.149  1.00 18.01 ? 66  GLY A CA  1 
ATOM   506  C C   . GLY A 1 66 ? -7.068  0.431   -7.026  1.00 15.91 ? 66  GLY A C   1 
ATOM   507  O O   . GLY A 1 66 ? -6.515  0.490   -5.913  1.00 17.93 ? 66  GLY A O   1 
ATOM   508  N N   . THR A 1 67 ? -6.390  0.040   -8.108  1.00 13.56 ? 67  THR A N   1 
ATOM   509  C CA  . THR A 1 67 ? -5.066  -0.537  -7.979  1.00 14.31 ? 67  THR A CA  1 
ATOM   510  C C   . THR A 1 67 ? -3.973  0.364   -8.629  1.00 11.87 ? 67  THR A C   1 
ATOM   511  O O   . THR A 1 67 ? -2.828  0.019   -8.454  1.00 15.62 ? 67  THR A O   1 
ATOM   512  C CB  . THR A 1 67 ? -4.956  -1.879  -8.771  1.00 18.25 ? 67  THR A CB  1 
ATOM   513  O OG1 . THR A 1 67 ? -5.276  -1.590  -10.124 1.00 19.78 ? 67  THR A OG1 1 
ATOM   514  C CG2 . THR A 1 67 ? -6.079  -2.809  -8.250  1.00 24.22 ? 67  THR A CG2 1 
ATOM   515  N N   . ARG A 1 68 ? -4.402  1.508   -9.182  1.00 12.94 ? 68  ARG A N   1 
ATOM   516  C CA  . ARG A 1 68 ? -3.378  2.203   -10.002 1.00 12.51 ? 68  ARG A CA  1 
ATOM   517  C C   . ARG A 1 68 ? -3.009  3.515   -9.240  1.00 10.11 ? 68  ARG A C   1 
ATOM   518  O O   . ARG A 1 68 ? -3.754  4.234   -8.674  1.00 11.37 ? 68  ARG A O   1 
ATOM   519  C CB  . ARG A 1 68 ? -4.053  2.712   -11.324 1.00 14.23 ? 68  ARG A CB  1 
ATOM   520  C CG  . ARG A 1 68 ? -4.620  1.531   -12.109 1.00 14.63 ? 68  ARG A CG  1 
ATOM   521  C CD  . ARG A 1 68 ? -5.391  2.091   -13.384 1.00 15.26 ? 68  ARG A CD  1 
ATOM   522  N NE  . ARG A 1 68 ? -5.713  0.750   -14.011 1.00 22.41 ? 68  ARG A NE  1 
ATOM   523  C CZ  . ARG A 1 68 ? -6.536  0.601   -15.060 1.00 32.94 ? 68  ARG A CZ  1 
ATOM   524  N NH1 . ARG A 1 68 ? -7.136  1.561   -15.691 1.00 22.42 ? 68  ARG A NH1 1 
ATOM   525  N NH2 . ARG A 1 68 ? -6.749  -0.662  -15.512 1.00 35.80 ? 68  ARG A NH2 1 
ATOM   526  N N   . ARG A 1 69 ? -1.646  3.748   -9.236  1.00 9.93  ? 69  ARG A N   1 
ATOM   527  C CA  . ARG A 1 69 ? -1.125  4.939   -8.540  1.00 12.35 ? 69  ARG A CA  1 
ATOM   528  C C   . ARG A 1 69 ? 0.069   5.499   -9.292  1.00 11.74 ? 69  ARG A C   1 
ATOM   529  O O   . ARG A 1 69 ? 0.790   4.784   -9.964  1.00 11.57 ? 69  ARG A O   1 
ATOM   530  C CB  . ARG A 1 69 ? -0.560  4.518   -7.169  1.00 10.41 ? 69  ARG A CB  1 
ATOM   531  C CG  . ARG A 1 69 ? -1.523  3.646   -6.248  1.00 11.13 ? 69  ARG A CG  1 
ATOM   532  C CD  . ARG A 1 69 ? -2.538  4.572   -5.599  1.00 12.80 ? 69  ARG A CD  1 
ATOM   533  N NE  . ARG A 1 69 ? -3.308  3.701   -4.645  1.00 14.31 ? 69  ARG A NE  1 
ATOM   534  C CZ  . ARG A 1 69 ? -4.430  3.083   -5.042  1.00 17.46 ? 69  ARG A CZ  1 
ATOM   535  N NH1 . ARG A 1 69 ? -4.939  3.260   -6.288  1.00 13.04 ? 69  ARG A NH1 1 
ATOM   536  N NH2 . ARG A 1 69 ? -5.126  2.340   -4.149  1.00 16.88 ? 69  ARG A NH2 1 
ATOM   537  N N   . ILE A 1 70 ? 0.328   6.789   -9.010  1.00 9.45  ? 70  ILE A N   1 
ATOM   538  C CA  . ILE A 1 70 ? 1.654   7.355   -9.447  1.00 9.36  ? 70  ILE A CA  1 
ATOM   539  C C   . ILE A 1 70 ? 2.378   7.652   -8.146  1.00 11.44 ? 70  ILE A C   1 
ATOM   540  O O   . ILE A 1 70 ? 1.812   8.329   -7.281  1.00 11.90 ? 70  ILE A O   1 
ATOM   541  C CB  . ILE A 1 70 ? 1.433   8.557   -10.364 1.00 10.09 ? 70  ILE A CB  1 
ATOM   542  C CG1 . ILE A 1 70 ? 1.114   7.915   -11.778 1.00 13.66 ? 70  ILE A CG1 1 
ATOM   543  C CG2 . ILE A 1 70 ? 2.726   9.425   -10.533 1.00 12.48 ? 70  ILE A CG2 1 
ATOM   544  C CD1 . ILE A 1 70 ? 0.725   8.960   -12.810 1.00 14.81 ? 70  ILE A CD1 1 
ATOM   545  N N   . ILE A 1 71 ? 3.680   7.384   -8.129  1.00 9.72  ? 71  ILE A N   1 
ATOM   546  C CA  . ILE A 1 71 ? 4.465   7.789   -6.937  1.00 8.56  ? 71  ILE A CA  1 
ATOM   547  C C   . ILE A 1 71 ? 5.470   8.798   -7.544  1.00 12.27 ? 71  ILE A C   1 
ATOM   548  O O   . ILE A 1 71 ? 6.128   8.537   -8.548  1.00 13.03 ? 71  ILE A O   1 
ATOM   549  C CB  . ILE A 1 71 ? 5.355   6.602   -6.529  1.00 12.94 ? 71  ILE A CB  1 
ATOM   550  C CG1 . ILE A 1 71 ? 4.682   5.401   -5.962  1.00 23.94 ? 71  ILE A CG1 1 
ATOM   551  C CG2 . ILE A 1 71 ? 6.397   7.107   -5.447  1.00 11.92 ? 71  ILE A CG2 1 
ATOM   552  C CD1 . ILE A 1 71 ? 3.368   5.569   -5.323  1.00 22.87 ? 71  ILE A CD1 1 
ATOM   553  N N   . THR A 1 72 ? 5.571   9.988   -6.916  1.00 7.75  ? 72  THR A N   1 
ATOM   554  C CA  . THR A 1 72 ? 6.630   10.912  -7.384  1.00 8.46  ? 72  THR A CA  1 
ATOM   555  C C   . THR A 1 72 ? 7.850   10.816  -6.526  1.00 11.46 ? 72  THR A C   1 
ATOM   556  O O   . THR A 1 72 ? 7.762   10.579  -5.346  1.00 10.36 ? 72  THR A O   1 
ATOM   557  C CB  . THR A 1 72 ? 6.094   12.355  -7.285  1.00 11.14 ? 72  THR A CB  1 
ATOM   558  O OG1 . THR A 1 72 ? 5.760   12.719  -5.921  1.00 12.72 ? 72  THR A OG1 1 
ATOM   559  C CG2 . THR A 1 72 ? 4.802   12.585  -8.131  1.00 13.25 ? 72  THR A CG2 1 
ATOM   560  N N   . GLY A 1 73 ? 9.017   11.100  -7.223  1.00 9.49  ? 73  GLY A N   1 
ATOM   561  C CA  . GLY A 1 73 ? 10.303  11.325  -6.469  1.00 10.09 ? 73  GLY A CA  1 
ATOM   562  C C   . GLY A 1 73 ? 10.570  12.817  -6.667  1.00 11.61 ? 73  GLY A C   1 
ATOM   563  O O   . GLY A 1 73 ? 9.920   13.573  -7.334  1.00 14.55 ? 73  GLY A O   1 
ATOM   564  N N   . GLU A 1 74 ? 11.822  13.189  -6.174  1.00 12.04 ? 74  GLU A N   1 
ATOM   565  C CA  . GLU A 1 74 ? 12.109  14.653  -6.237  1.00 12.18 ? 74  GLU A CA  1 
ATOM   566  C C   . GLU A 1 74 ? 12.989  14.916  -7.501  1.00 16.79 ? 74  GLU A C   1 
ATOM   567  O O   . GLU A 1 74 ? 13.088  16.148  -7.748  1.00 22.92 ? 74  GLU A O   1 
ATOM   568  C CB  . GLU A 1 74 ? 13.069  14.941  -5.004  1.00 12.50 ? 74  GLU A CB  1 
ATOM   569  C CG  . GLU A 1 74 ? 12.234  14.944  -3.734  1.00 13.78 ? 74  GLU A CG  1 
ATOM   570  C CD  . GLU A 1 74 ? 13.018  15.434  -2.471  1.00 19.87 ? 74  GLU A CD  1 
ATOM   571  O OE1 . GLU A 1 74 ? 14.203  15.701  -2.661  1.00 17.91 ? 74  GLU A OE1 1 
ATOM   572  O OE2 . GLU A 1 74 ? 12.394  15.506  -1.398  1.00 16.54 ? 74  GLU A OE2 1 
ATOM   573  N N   . ALA A 1 75 ? 13.514  13.930  -8.156  1.00 17.83 ? 75  ALA A N   1 
ATOM   574  C CA  . ALA A 1 75 ? 14.307  14.298  -9.386  1.00 18.70 ? 75  ALA A CA  1 
ATOM   575  C C   . ALA A 1 75 ? 13.436  14.562  -10.571 1.00 25.00 ? 75  ALA A C   1 
ATOM   576  O O   . ALA A 1 75 ? 12.198  14.461  -10.513 1.00 19.03 ? 75  ALA A O   1 
ATOM   577  C CB  . ALA A 1 75 ? 15.241  13.166  -9.709  1.00 20.26 ? 75  ALA A CB  1 
ATOM   578  N N   . THR A 1 76 ? 13.914  15.394  -11.557 1.00 24.02 ? 76  THR A N   1 
ATOM   579  C CA  . THR A 1 76 ? 13.131  15.787  -12.698 1.00 27.45 ? 76  THR A CA  1 
ATOM   580  C C   . THR A 1 76 ? 12.474  14.630  -13.441 1.00 14.24 ? 76  THR A C   1 
ATOM   581  O O   . THR A 1 76 ? 13.174  13.628  -13.685 1.00 25.35 ? 76  THR A O   1 
ATOM   582  C CB  . THR A 1 76 ? 14.052  16.508  -13.748 1.00 35.22 ? 76  THR A CB  1 
ATOM   583  O OG1 . THR A 1 76 ? 14.449  17.713  -13.064 1.00 37.33 ? 76  THR A OG1 1 
ATOM   584  C CG2 . THR A 1 76 ? 13.244  16.937  -14.955 1.00 35.06 ? 76  THR A CG2 1 
ATOM   585  N N   . GLN A 1 77 ? 11.169  14.791  -13.501 1.00 21.15 ? 77  GLN A N   1 
ATOM   586  C CA  . GLN A 1 77 ? 10.321  13.809  -14.126 1.00 20.86 ? 77  GLN A CA  1 
ATOM   587  C C   . GLN A 1 77 ? 10.476  12.440  -13.497 1.00 19.58 ? 77  GLN A C   1 
ATOM   588  O O   . GLN A 1 77 ? 10.381  11.419  -14.165 1.00 19.04 ? 77  GLN A O   1 
ATOM   589  C CB  . GLN A 1 77 ? 10.713  13.715  -15.648 1.00 24.84 ? 77  GLN A CB  1 
ATOM   590  C CG  . GLN A 1 77 ? 10.193  15.090  -16.136 1.00 31.69 ? 77  GLN A CG  1 
ATOM   591  C CD  . GLN A 1 77 ? 9.712   15.226  -17.543 1.00 43.88 ? 77  GLN A CD  1 
ATOM   592  O OE1 . GLN A 1 77 ? 8.889   16.113  -17.816 1.00 55.16 ? 77  GLN A OE1 1 
ATOM   593  N NE2 . GLN A 1 77 ? 10.209  14.392  -18.431 1.00 45.63 ? 77  GLN A NE2 1 
ATOM   594  N N   . GLU A 1 78 ? 10.722  12.356  -12.164 1.00 15.81 ? 78  GLU A N   1 
ATOM   595  C CA  . GLU A 1 78 ? 10.889  11.064  -11.568 1.00 15.14 ? 78  GLU A CA  1 
ATOM   596  C C   . GLU A 1 78 ? 9.528   10.593  -11.092 1.00 17.62 ? 78  GLU A C   1 
ATOM   597  O O   . GLU A 1 78 ? 9.007   11.105  -10.065 1.00 14.61 ? 78  GLU A O   1 
ATOM   598  C CB  . GLU A 1 78 ? 11.806  11.222  -10.296 1.00 13.20 ? 78  GLU A CB  1 
ATOM   599  C CG  . GLU A 1 78 ? 12.028  9.832   -9.711  1.00 13.15 ? 78  GLU A CG  1 
ATOM   600  C CD  . GLU A 1 78 ? 12.936  9.774   -8.451  1.00 15.26 ? 78  GLU A CD  1 
ATOM   601  O OE1 . GLU A 1 78 ? 13.361  10.876  -8.054  1.00 16.96 ? 78  GLU A OE1 1 
ATOM   602  O OE2 . GLU A 1 78 ? 13.146  8.682   -7.965  1.00 18.59 ? 78  GLU A OE2 1 
ATOM   603  N N   . ASP A 1 79 ? 8.778   9.903   -11.944 1.00 10.11 ? 79  ASP A N   1 
ATOM   604  C CA  . ASP A 1 79 ? 7.390   9.528   -11.619 1.00 10.29 ? 79  ASP A CA  1 
ATOM   605  C C   . ASP A 1 79 ? 7.298   8.008   -11.936 1.00 10.98 ? 79  ASP A C   1 
ATOM   606  O O   . ASP A 1 79 ? 7.761   7.645   -13.050 1.00 13.64 ? 79  ASP A O   1 
ATOM   607  C CB  . ASP A 1 79 ? 6.411   10.218  -12.542 1.00 10.43 ? 79  ASP A CB  1 
ATOM   608  C CG  . ASP A 1 79 ? 6.399   11.727  -12.236 1.00 19.72 ? 79  ASP A CG  1 
ATOM   609  O OD1 . ASP A 1 79 ? 7.142   12.466  -12.840 1.00 22.59 ? 79  ASP A OD1 1 
ATOM   610  O OD2 . ASP A 1 79 ? 5.594   12.196  -11.448 1.00 21.17 ? 79  ASP A OD2 1 
ATOM   611  N N   . TYR A 1 80 ? 6.730   7.262   -11.022 1.00 9.09  ? 80  TYR A N   1 
ATOM   612  C CA  . TYR A 1 80 ? 6.637   5.822   -11.206 1.00 10.76 ? 80  TYR A CA  1 
ATOM   613  C C   . TYR A 1 80 ? 5.181   5.433   -11.287 1.00 13.98 ? 80  TYR A C   1 
ATOM   614  O O   . TYR A 1 80 ? 4.398   5.987   -10.505 1.00 15.12 ? 80  TYR A O   1 
ATOM   615  C CB  . TYR A 1 80 ? 7.290   5.021   -10.041 1.00 11.33 ? 80  TYR A CB  1 
ATOM   616  C CG  . TYR A 1 80 ? 8.725   5.426   -9.806  1.00 11.77 ? 80  TYR A CG  1 
ATOM   617  C CD1 . TYR A 1 80 ? 9.691   4.825   -10.535 1.00 12.48 ? 80  TYR A CD1 1 
ATOM   618  C CD2 . TYR A 1 80 ? 9.055   6.436   -8.872  1.00 11.94 ? 80  TYR A CD2 1 
ATOM   619  C CE1 . TYR A 1 80 ? 11.059  5.155   -10.365 1.00 16.23 ? 80  TYR A CE1 1 
ATOM   620  C CE2 . TYR A 1 80 ? 10.409  6.752   -8.693  1.00 15.31 ? 80  TYR A CE2 1 
ATOM   621  C CZ  . TYR A 1 80 ? 11.354  6.136   -9.437  1.00 16.80 ? 80  TYR A CZ  1 
ATOM   622  O OH  . TYR A 1 80 ? 12.692  6.489   -9.290  1.00 19.15 ? 80  TYR A OH  1 
ATOM   623  N N   . TYR A 1 81 ? 4.812   4.412   -12.072 1.00 10.49 ? 81  TYR A N   1 
ATOM   624  C CA  . TYR A 1 81 ? 3.384   4.017   -12.080 1.00 9.77  ? 81  TYR A CA  1 
ATOM   625  C C   . TYR A 1 81 ? 3.346   2.575   -11.597 1.00 10.30 ? 81  TYR A C   1 
ATOM   626  O O   . TYR A 1 81 ? 4.183   1.747   -11.866 1.00 13.13 ? 81  TYR A O   1 
ATOM   627  C CB  . TYR A 1 81 ? 3.008   3.925   -13.614 1.00 9.97  ? 81  TYR A CB  1 
ATOM   628  C CG  . TYR A 1 81 ? 1.588   3.386   -13.863 1.00 10.85 ? 81  TYR A CG  1 
ATOM   629  C CD1 . TYR A 1 81 ? 0.489   4.186   -13.654 1.00 12.59 ? 81  TYR A CD1 1 
ATOM   630  C CD2 . TYR A 1 81 ? 1.467   2.045   -14.299 1.00 12.79 ? 81  TYR A CD2 1 
ATOM   631  C CE1 . TYR A 1 81 ? -0.812  3.700   -13.893 1.00 15.39 ? 81  TYR A CE1 1 
ATOM   632  C CE2 . TYR A 1 81 ? 0.141   1.605   -14.540 1.00 14.06 ? 81  TYR A CE2 1 
ATOM   633  C CZ  . TYR A 1 81 ? -0.914  2.414   -14.338 1.00 15.54 ? 81  TYR A CZ  1 
ATOM   634  O OH  . TYR A 1 81 ? -2.229  1.956   -14.558 1.00 17.95 ? 81  TYR A OH  1 
ATOM   635  N N   . THR A 1 82 ? 2.259   2.298   -10.794 1.00 11.04 ? 82  THR A N   1 
ATOM   636  C CA  . THR A 1 82 ? 1.971   0.875   -10.429 1.00 9.75  ? 82  THR A CA  1 
ATOM   637  C C   . THR A 1 82 ? 0.510   0.719   -10.900 1.00 10.90 ? 82  THR A C   1 
ATOM   638  O O   . THR A 1 82 ? -0.380  1.507   -10.653 1.00 12.91 ? 82  THR A O   1 
ATOM   639  C CB  . THR A 1 82 ? 2.123   0.616   -8.945  1.00 12.73 ? 82  THR A CB  1 
ATOM   640  O OG1 . THR A 1 82 ? 1.670   -0.724  -8.744  1.00 12.80 ? 82  THR A OG1 1 
ATOM   641  C CG2 . THR A 1 82 ? 1.243   1.563   -8.070  1.00 13.20 ? 82  THR A CG2 1 
ATOM   642  N N   . GLY A 1 83 ? 0.288   -0.489  -11.514 1.00 12.51 ? 83  GLY A N   1 
ATOM   643  C CA  . GLY A 1 83 ? -1.158  -0.681  -11.913 1.00 14.11 ? 83  GLY A CA  1 
ATOM   644  C C   . GLY A 1 83 ? -1.552  -1.984  -11.153 1.00 17.14 ? 83  GLY A C   1 
ATOM   645  O O   . GLY A 1 83 ? -2.655  -2.476  -11.454 1.00 19.27 ? 83  GLY A O   1 
ATOM   646  N N   . ASP A 1 84 ? -0.826  -2.408  -10.151 1.00 12.34 ? 84  ASP A N   1 
ATOM   647  C CA  . ASP A 1 84 ? -1.184  -3.710  -9.490  1.00 13.27 ? 84  ASP A CA  1 
ATOM   648  C C   . ASP A 1 84 ? -1.076  -3.595  -7.968  1.00 14.68 ? 84  ASP A C   1 
ATOM   649  O O   . ASP A 1 84 ? -0.600  -4.499  -7.298  1.00 17.47 ? 84  ASP A O   1 
ATOM   650  C CB  . ASP A 1 84 ? -0.293  -4.838  -10.014 1.00 16.04 ? 84  ASP A CB  1 
ATOM   651  C CG  . ASP A 1 84 ? 1.163   -4.605  -9.868  1.00 23.18 ? 84  ASP A CG  1 
ATOM   652  O OD1 . ASP A 1 84 ? 1.586   -3.617  -9.174  1.00 16.50 ? 84  ASP A OD1 1 
ATOM   653  O OD2 . ASP A 1 84 ? 2.057   -5.320  -10.324 1.00 18.94 ? 84  ASP A OD2 1 
ATOM   654  N N   . HIS A 1 85 ? -1.555  -2.414  -7.521  1.00 13.75 ? 85  HIS A N   1 
ATOM   655  C CA  . HIS A 1 85 ? -1.675  -2.199  -6.058  1.00 13.16 ? 85  HIS A CA  1 
ATOM   656  C C   . HIS A 1 85 ? -0.348  -2.368  -5.420  1.00 15.00 ? 85  HIS A C   1 
ATOM   657  O O   . HIS A 1 85 ? -0.113  -3.065  -4.372  1.00 13.23 ? 85  HIS A O   1 
ATOM   658  C CB  . HIS A 1 85 ? -2.757  -3.198  -5.471  1.00 13.42 ? 85  HIS A CB  1 
ATOM   659  C CG  . HIS A 1 85 ? -3.364  -2.545  -4.243  1.00 14.49 ? 85  HIS A CG  1 
ATOM   660  N ND1 . HIS A 1 85 ? -3.676  -3.335  -3.144  1.00 16.52 ? 85  HIS A ND1 1 
ATOM   661  C CD2 . HIS A 1 85 ? -3.730  -1.249  -4.011  1.00 16.99 ? 85  HIS A CD2 1 
ATOM   662  C CE1 . HIS A 1 85 ? -4.220  -2.485  -2.260  1.00 14.46 ? 85  HIS A CE1 1 
ATOM   663  N NE2 . HIS A 1 85 ? -4.260  -1.208  -2.737  1.00 18.51 ? 85  HIS A NE2 1 
ATOM   664  N N   . TYR A 1 86 ? 0.684   -1.655  -5.896  1.00 12.91 ? 86  TYR A N   1 
ATOM   665  C CA  . TYR A 1 86 ? 2.006   -1.498  -5.354  1.00 12.55 ? 86  TYR A CA  1 
ATOM   666  C C   . TYR A 1 86 ? 2.905   -2.660  -5.416  1.00 14.14 ? 86  TYR A C   1 
ATOM   667  O O   . TYR A 1 86 ? 4.031   -2.659  -4.855  1.00 16.42 ? 86  TYR A O   1 
ATOM   668  C CB  . TYR A 1 86 ? 1.996   -0.948  -3.836  1.00 12.86 ? 86  TYR A CB  1 
ATOM   669  C CG  . TYR A 1 86 ? 1.090   0.218   -3.522  1.00 12.01 ? 86  TYR A CG  1 
ATOM   670  C CD1 . TYR A 1 86 ? 1.477   1.531   -3.654  1.00 14.23 ? 86  TYR A CD1 1 
ATOM   671  C CD2 . TYR A 1 86 ? -0.234  -0.002  -3.008  1.00 12.82 ? 86  TYR A CD2 1 
ATOM   672  C CE1 . TYR A 1 86 ? 0.604   2.584   -3.307  1.00 12.76 ? 86  TYR A CE1 1 
ATOM   673  C CE2 . TYR A 1 86 ? -1.127  0.993   -2.665  1.00 14.57 ? 86  TYR A CE2 1 
ATOM   674  C CZ  . TYR A 1 86 ? -0.660  2.296   -2.794  1.00 11.38 ? 86  TYR A CZ  1 
ATOM   675  O OH  . TYR A 1 86 ? -1.494  3.296   -2.464  1.00 14.85 ? 86  TYR A OH  1 
ATOM   676  N N   . ALA A 1 87 ? 2.587   -3.707  -6.204  1.00 16.59 ? 87  ALA A N   1 
ATOM   677  C CA  . ALA A 1 87 ? 3.500   -4.835  -6.277  1.00 17.36 ? 87  ALA A CA  1 
ATOM   678  C C   . ALA A 1 87 ? 4.652   -4.601  -7.198  1.00 13.92 ? 87  ALA A C   1 
ATOM   679  O O   . ALA A 1 87 ? 5.797   -4.987  -6.836  1.00 18.99 ? 87  ALA A O   1 
ATOM   680  C CB  . ALA A 1 87 ? 2.667   -6.036  -6.752  1.00 18.67 ? 87  ALA A CB  1 
ATOM   681  N N   . THR A 1 88 ? 4.381   -3.981  -8.334  1.00 14.46 ? 88  THR A N   1 
ATOM   682  C CA  . THR A 1 88 ? 5.478   -3.595  -9.224  1.00 12.77 ? 88  THR A CA  1 
ATOM   683  C C   . THR A 1 88 ? 5.273   -2.153  -9.657  1.00 13.61 ? 88  THR A C   1 
ATOM   684  O O   . THR A 1 88 ? 4.189   -1.582  -9.641  1.00 14.92 ? 88  THR A O   1 
ATOM   685  C CB  . THR A 1 88 ? 5.532   -4.435  -10.536 1.00 16.96 ? 88  THR A CB  1 
ATOM   686  O OG1 . THR A 1 88 ? 4.356   -4.324  -11.303 1.00 19.21 ? 88  THR A OG1 1 
ATOM   687  C CG2 . THR A 1 88 ? 5.758   -5.931  -10.149 1.00 22.42 ? 88  THR A CG2 1 
ATOM   688  N N   . PHE A 1 89 ? 6.450   -1.608  -10.055 1.00 13.38 ? 89  PHE A N   1 
ATOM   689  C CA  . PHE A 1 89 ? 6.458   -0.251  -10.556 1.00 11.80 ? 89  PHE A CA  1 
ATOM   690  C C   . PHE A 1 89 ? 7.333   -0.106  -11.820 1.00 12.80 ? 89  PHE A C   1 
ATOM   691  O O   . PHE A 1 89 ? 8.410   -0.700  -11.975 1.00 17.36 ? 89  PHE A O   1 
ATOM   692  C CB  . PHE A 1 89 ? 7.133   0.708   -9.536  1.00 12.38 ? 89  PHE A CB  1 
ATOM   693  C CG  . PHE A 1 89 ? 6.351   0.906   -8.224  1.00 12.97 ? 89  PHE A CG  1 
ATOM   694  C CD1 . PHE A 1 89 ? 6.622   -0.047  -7.228  1.00 22.00 ? 89  PHE A CD1 1 
ATOM   695  C CD2 . PHE A 1 89 ? 5.449   1.953   -8.059  1.00 19.74 ? 89  PHE A CD2 1 
ATOM   696  C CE1 . PHE A 1 89 ? 5.980   0.032   -5.983  1.00 23.69 ? 89  PHE A CE1 1 
ATOM   697  C CE2 . PHE A 1 89 ? 4.797   2.008   -6.801  1.00 16.55 ? 89  PHE A CE2 1 
ATOM   698  C CZ  . PHE A 1 89 ? 5.087   1.085   -5.851  1.00 17.04 ? 89  PHE A CZ  1 
ATOM   699  N N   . SER A 1 90 ? 6.878   0.852   -12.679 1.00 13.45 ? 90  SER A N   1 
ATOM   700  C CA  . SER A 1 90 ? 7.711   1.186   -13.850 1.00 12.67 ? 90  SER A CA  1 
ATOM   701  C C   . SER A 1 90 ? 7.960   2.711   -13.756 1.00 14.31 ? 90  SER A C   1 
ATOM   702  O O   . SER A 1 90 ? 7.080   3.471   -13.428 1.00 17.03 ? 90  SER A O   1 
ATOM   703  C CB  . SER A 1 90 ? 6.792   1.015   -15.114 1.00 17.23 ? 90  SER A CB  1 
ATOM   704  O OG  . SER A 1 90 ? 6.613   -0.456  -15.163 1.00 22.48 ? 90  SER A OG  1 
ATOM   705  N N   . LEU A 1 91 ? 9.107   3.126   -14.320 1.00 11.34 ? 91  LEU A N   1 
ATOM   706  C CA  . LEU A 1 91 ? 9.306   4.545   -14.515 1.00 12.79 ? 91  LEU A CA  1 
ATOM   707  C C   . LEU A 1 91 ? 8.556   5.099   -15.693 1.00 13.45 ? 91  LEU A C   1 
ATOM   708  O O   . LEU A 1 91 ? 8.486   4.452   -16.749 1.00 14.77 ? 91  LEU A O   1 
ATOM   709  C CB  . LEU A 1 91 ? 10.810  4.777   -14.714 1.00 13.01 ? 91  LEU A CB  1 
ATOM   710  C CG  . LEU A 1 91 ? 11.294  6.226   -14.936 1.00 17.20 ? 91  LEU A CG  1 
ATOM   711  C CD1 . LEU A 1 91 ? 11.076  7.085   -13.680 1.00 20.59 ? 91  LEU A CD1 1 
ATOM   712  C CD2 . LEU A 1 91 ? 12.799  6.156   -15.322 1.00 23.17 ? 91  LEU A CD2 1 
ATOM   713  N N   . ILE A 1 92 ? 7.918   6.252   -15.557 1.00 10.46 ? 92  ILE A N   1 
ATOM   714  C CA  . ILE A 1 92 ? 7.157   6.763   -16.708 1.00 11.40 ? 92  ILE A CA  1 
ATOM   715  C C   . ILE A 1 92 ? 8.092   7.644   -17.555 1.00 13.36 ? 92  ILE A C   1 
ATOM   716  O O   . ILE A 1 92 ? 8.783   8.542   -17.067 1.00 13.29 ? 92  ILE A O   1 
ATOM   717  C CB  . ILE A 1 92 ? 5.996   7.674   -16.220 1.00 9.60  ? 92  ILE A CB  1 
ATOM   718  C CG1 . ILE A 1 92 ? 5.128   6.798   -15.282 1.00 10.79 ? 92  ILE A CG1 1 
ATOM   719  C CG2 . ILE A 1 92 ? 5.244   8.332   -17.362 1.00 13.94 ? 92  ILE A CG2 1 
ATOM   720  C CD1 . ILE A 1 92 ? 4.023   7.669   -14.593 1.00 14.25 ? 92  ILE A CD1 1 
ATOM   721  N N   . ASP A 1 93 ? 7.976   7.419   -18.878 1.00 10.90 ? 93  ASP A N   1 
ATOM   722  C CA  . ASP A 1 93 ? 8.619   8.345   -19.831 1.00 10.98 ? 93  ASP A CA  1 
ATOM   723  C C   . ASP A 1 93 ? 7.578   9.194   -20.441 1.00 14.13 ? 93  ASP A C   1 
ATOM   724  O O   . ASP A 1 93 ? 6.718   8.850   -21.212 1.00 14.29 ? 93  ASP A O   1 
ATOM   725  C CB  . ASP A 1 93 ? 9.417   7.500   -20.875 1.00 12.35 ? 93  ASP A CB  1 
ATOM   726  C CG  . ASP A 1 93 ? 10.159  8.455   -21.884 1.00 13.36 ? 93  ASP A CG  1 
ATOM   727  O OD1 . ASP A 1 93 ? 9.850   9.596   -21.978 1.00 14.94 ? 93  ASP A OD1 1 
ATOM   728  O OD2 . ASP A 1 93 ? 10.945  7.777   -22.625 1.00 15.97 ? 93  ASP A OD2 1 
ATOM   729  N N   . GLN A 1 94 ? 7.560   10.528  -19.977 1.00 11.36 ? 94  GLN A N   1 
ATOM   730  C CA  . GLN A 1 94 ? 6.484   11.380  -20.401 1.00 11.63 ? 94  GLN A CA  1 
ATOM   731  C C   . GLN A 1 94 ? 6.681   11.986  -21.851 1.00 16.42 ? 94  GLN A C   1 
ATOM   732  O O   . GLN A 1 94 ? 5.730   12.568  -22.332 1.00 17.88 ? 94  GLN A O   1 
ATOM   733  C CB  . GLN A 1 94 ? 6.459   12.680  -19.465 1.00 12.45 ? 94  GLN A CB  1 
ATOM   734  C CG  . GLN A 1 94 ? 6.059   12.204  -18.073 1.00 13.39 ? 94  GLN A CG  1 
ATOM   735  C CD  . GLN A 1 94 ? 6.026   13.376  -17.084 1.00 18.52 ? 94  GLN A CD  1 
ATOM   736  O OE1 . GLN A 1 94 ? 5.561   14.435  -17.430 1.00 21.36 ? 94  GLN A OE1 1 
ATOM   737  N NE2 . GLN A 1 94 ? 6.557   13.115  -15.880 1.00 18.88 ? 94  GLN A NE2 1 
ATOM   738  N N   . THR A 1 95 ? 7.774   11.529  -22.430 1.00 15.92 ? 95  THR A N   1 
ATOM   739  C CA  . THR A 1 95 ? 8.027   12.131  -23.792 1.00 18.78 ? 95  THR A CA  1 
ATOM   740  C C   . THR A 1 95 ? 7.544   11.205  -24.899 1.00 21.51 ? 95  THR A C   1 
ATOM   741  O O   . THR A 1 95 ? 7.648   11.669  -26.054 1.00 19.56 ? 95  THR A O   1 
ATOM   742  C CB  . THR A 1 95 ? 9.507   12.285  -24.059 1.00 18.50 ? 95  THR A CB  1 
ATOM   743  O OG1 . THR A 1 95 ? 10.266  11.096  -24.187 1.00 20.44 ? 95  THR A OG1 1 
ATOM   744  C CG2 . THR A 1 95 ? 10.191  13.111  -22.913 1.00 22.28 ? 95  THR A CG2 1 
ATOM   745  N N   . CYS A 1 96 ? 6.932   10.071  -24.554 1.00 15.01 ? 96  CYS A N   1 
ATOM   746  C CA  . CYS A 1 96 ? 6.536   9.208   -25.693 1.00 13.12 ? 96  CYS A CA  1 
ATOM   747  C C   . CYS A 1 96 ? 5.230   8.510   -25.441 1.00 16.01 ? 96  CYS A C   1 
ATOM   748  O O   . CYS A 1 96 ? 4.634   8.749   -24.341 1.00 14.14 ? 96  CYS A O   1 
ATOM   749  C CB  . CYS A 1 96 ? 7.713   8.195   -25.938 1.00 11.77 ? 96  CYS A CB  1 
ATOM   750  S SG  . CYS A 1 96 ? 8.100   7.097   -24.574 1.00 13.04 ? 96  CYS A SG  1 
ATOM   751  O OXT . CYS A 1 96 ? 4.707   7.743   -26.289 1.00 15.30 ? 96  CYS A OXT 1 
ATOM   752  N N   A LYS B 2 1  ? -15.223 -5.098  14.036  0.60 19.53 ? 1   LYS B N   1 
ATOM   753  N N   B LYS B 2 1  ? -15.200 -7.060  12.268  0.40 27.83 ? 1   LYS B N   1 
ATOM   754  C CA  A LYS B 2 1  ? -14.754 -6.282  13.285  0.60 17.91 ? 1   LYS B CA  1 
ATOM   755  C CA  B LYS B 2 1  ? -14.682 -6.188  13.340  0.40 25.32 ? 1   LYS B CA  1 
ATOM   756  C C   A LYS B 2 1  ? -13.595 -7.016  14.014  0.60 19.62 ? 1   LYS B C   1 
ATOM   757  C C   B LYS B 2 1  ? -13.797 -7.018  14.288  0.40 22.89 ? 1   LYS B C   1 
ATOM   758  O O   A LYS B 2 1  ? -12.759 -6.219  14.398  0.60 18.87 ? 1   LYS B O   1 
ATOM   759  O O   B LYS B 2 1  ? -13.140 -6.331  15.062  0.40 20.68 ? 1   LYS B O   1 
ATOM   760  C CB  A LYS B 2 1  ? -14.133 -5.633  12.034  0.60 12.46 ? 1   LYS B CB  1 
ATOM   761  C CB  B LYS B 2 1  ? -15.722 -5.348  14.052  0.40 33.04 ? 1   LYS B CB  1 
ATOM   762  C CG  A LYS B 2 1  ? -13.449 -6.644  11.139  0.60 22.22 ? 1   LYS B CG  1 
ATOM   763  C CG  B LYS B 2 1  ? -16.501 -5.846  15.236  0.40 34.49 ? 1   LYS B CG  1 
ATOM   764  C CD  A LYS B 2 1  ? -14.389 -7.297  10.177  0.60 29.35 ? 1   LYS B CD  1 
ATOM   765  C CD  B LYS B 2 1  ? -16.622 -4.864  16.415  0.40 27.91 ? 1   LYS B CD  1 
ATOM   766  C CE  A LYS B 2 1  ? -13.701 -7.904  8.955   0.60 28.24 ? 1   LYS B CE  1 
ATOM   767  C CE  B LYS B 2 1  ? -15.610 -5.046  17.508  0.40 23.25 ? 1   LYS B CE  1 
ATOM   768  N NZ  A LYS B 2 1  ? -14.518 -9.056  8.471   0.60 32.48 ? 1   LYS B NZ  1 
ATOM   769  N NZ  B LYS B 2 1  ? -16.005 -5.334  18.915  0.40 19.81 ? 1   LYS B NZ  1 
ATOM   770  N N   . LYS B 2 2  ? -13.677 -8.322  14.049  1.00 19.05 ? 2   LYS B N   1 
ATOM   771  C CA  . LYS B 2 2  ? -12.653 -9.081  14.845  1.00 18.99 ? 2   LYS B CA  1 
ATOM   772  C C   . LYS B 2 2  ? -11.761 -9.887  13.877  1.00 25.46 ? 2   LYS B C   1 
ATOM   773  O O   . LYS B 2 2  ? -12.344 -10.588 13.036  1.00 25.32 ? 2   LYS B O   1 
ATOM   774  C CB  . LYS B 2 2  ? -13.328 -10.039 15.825  1.00 22.72 ? 2   LYS B CB  1 
ATOM   775  C CG  . LYS B 2 2  ? -14.048 -9.220  16.969  1.00 28.30 ? 2   LYS B CG  1 
ATOM   776  C CD  . LYS B 2 2  ? -14.675 -10.155 18.048  1.00 29.49 ? 2   LYS B CD  1 
ATOM   777  C CE  . LYS B 2 2  ? -15.535 -9.330  19.025  1.00 28.83 ? 2   LYS B CE  1 
ATOM   778  N NZ  . LYS B 2 2  ? -16.358 -10.153 19.956  1.00 21.72 ? 2   LYS B NZ  1 
ATOM   779  N N   . ALA B 2 3  ? -10.438 -9.853  13.978  1.00 21.60 ? 3   ALA B N   1 
ATOM   780  C CA  . ALA B 2 3  ? -9.585  -10.612 13.081  1.00 19.89 ? 3   ALA B CA  1 
ATOM   781  C C   . ALA B 2 3  ? -8.629  -11.451 13.974  1.00 21.86 ? 3   ALA B C   1 
ATOM   782  O O   . ALA B 2 3  ? -8.228  -10.874 14.986  1.00 22.37 ? 3   ALA B O   1 
ATOM   783  C CB  . ALA B 2 3  ? -8.783  -9.661  12.221  1.00 17.54 ? 3   ALA B CB  1 
ATOM   784  N N   . VAL B 2 4  ? -8.474  -12.723 13.659  1.00 20.90 ? 4   VAL B N   1 
ATOM   785  C CA  . VAL B 2 4  ? -7.655  -13.552 14.552  1.00 20.78 ? 4   VAL B CA  1 
ATOM   786  C C   . VAL B 2 4  ? -6.529  -14.147 13.733  1.00 18.26 ? 4   VAL B C   1 
ATOM   787  O O   . VAL B 2 4  ? -6.796  -14.549 12.587  1.00 22.12 ? 4   VAL B O   1 
ATOM   788  C CB  . VAL B 2 4  ? -8.527  -14.680 15.149  1.00 22.03 ? 4   VAL B CB  1 
ATOM   789  C CG1 . VAL B 2 4  ? -7.636  -15.587 15.993  1.00 34.50 ? 4   VAL B CG1 1 
ATOM   790  C CG2 . VAL B 2 4  ? -9.619  -14.038 16.003  1.00 25.34 ? 4   VAL B CG2 1 
ATOM   791  N N   . ILE B 2 5  ? -5.311  -14.043 14.235  1.00 17.27 ? 5   ILE B N   1 
ATOM   792  C CA  . ILE B 2 5  ? -4.177  -14.637 13.485  1.00 15.35 ? 5   ILE B CA  1 
ATOM   793  C C   . ILE B 2 5  ? -3.579  -15.666 14.455  1.00 17.51 ? 5   ILE B C   1 
ATOM   794  O O   . ILE B 2 5  ? -3.306  -15.345 15.582  1.00 18.50 ? 5   ILE B O   1 
ATOM   795  C CB  . ILE B 2 5  ? -3.067  -13.593 13.252  1.00 18.56 ? 5   ILE B CB  1 
ATOM   796  C CG1 . ILE B 2 5  ? -3.554  -12.484 12.292  1.00 23.08 ? 5   ILE B CG1 1 
ATOM   797  C CG2 . ILE B 2 5  ? -1.813  -14.252 12.641  1.00 21.35 ? 5   ILE B CG2 1 
ATOM   798  C CD1 . ILE B 2 5  ? -2.493  -11.396 12.082  1.00 32.90 ? 5   ILE B CD1 1 
ATOM   799  N N   . ASN B 2 6  ? -3.563  -16.944 14.034  1.00 19.92 ? 6   ASN B N   1 
ATOM   800  C CA  . ASN B 2 6  ? -2.912  -17.949 14.937  1.00 18.62 ? 6   ASN B CA  1 
ATOM   801  C C   . ASN B 2 6  ? -1.466  -18.018 14.536  1.00 17.81 ? 6   ASN B C   1 
ATOM   802  O O   . ASN B 2 6  ? -1.066  -18.609 13.474  1.00 19.81 ? 6   ASN B O   1 
ATOM   803  C CB  . ASN B 2 6  ? -3.567  -19.312 14.571  1.00 23.99 ? 6   ASN B CB  1 
ATOM   804  C CG  . ASN B 2 6  ? -5.021  -19.296 15.045  1.00 31.58 ? 6   ASN B CG  1 
ATOM   805  O OD1 . ASN B 2 6  ? -5.263  -19.069 16.223  1.00 35.19 ? 6   ASN B OD1 1 
ATOM   806  N ND2 . ASN B 2 6  ? -5.962  -19.464 14.145  1.00 36.10 ? 6   ASN B ND2 1 
ATOM   807  N N   . GLY B 2 7  ? -0.589  -17.379 15.210  1.00 21.13 ? 7   GLY B N   1 
ATOM   808  C CA  . GLY B 2 7  ? 0.739   -17.031 14.838  1.00 19.05 ? 7   GLY B CA  1 
ATOM   809  C C   . GLY B 2 7  ? 1.650   -18.282 14.682  1.00 23.68 ? 7   GLY B C   1 
ATOM   810  O O   . GLY B 2 7  ? 2.494   -18.220 13.791  1.00 27.63 ? 7   GLY B O   1 
ATOM   811  N N   . GLU B 2 8  ? 1.300   -19.335 15.412  1.00 22.83 ? 8   GLU B N   1 
ATOM   812  C CA  . GLU B 2 8  ? 2.157   -20.553 15.238  1.00 25.37 ? 8   GLU B CA  1 
ATOM   813  C C   . GLU B 2 8  ? 1.921   -21.223 13.914  1.00 27.00 ? 8   GLU B C   1 
ATOM   814  O O   . GLU B 2 8  ? 2.746   -22.087 13.518  1.00 26.72 ? 8   GLU B O   1 
ATOM   815  C CB  . GLU B 2 8  ? 1.894   -21.496 16.410  1.00 20.53 ? 8   GLU B CB  1 
ATOM   816  C CG  . GLU B 2 8  ? 0.640   -22.293 16.365  1.00 23.62 ? 8   GLU B CG  1 
ATOM   817  C CD  . GLU B 2 8  ? -0.650  -21.578 16.669  1.00 37.29 ? 8   GLU B CD  1 
ATOM   818  O OE1 . GLU B 2 8  ? -0.613  -20.315 16.816  1.00 32.65 ? 8   GLU B OE1 1 
ATOM   819  O OE2 . GLU B 2 8  ? -1.698  -22.248 16.777  1.00 30.74 ? 8   GLU B OE2 1 
ATOM   820  N N   . GLN B 2 9  ? 0.831   -20.940 13.181  1.00 22.98 ? 9   GLN B N   1 
ATOM   821  C CA  . GLN B 2 9  ? 0.518   -21.604 11.958  1.00 21.17 ? 9   GLN B CA  1 
ATOM   822  C C   . GLN B 2 9  ? 0.980   -20.804 10.699  1.00 24.55 ? 9   GLN B C   1 
ATOM   823  O O   . GLN B 2 9  ? 0.798   -21.439 9.686   1.00 29.18 ? 9   GLN B O   1 
ATOM   824  C CB  . GLN B 2 9  ? -1.023  -21.807 11.810  1.00 20.69 ? 9   GLN B CB  1 
ATOM   825  C CG  . GLN B 2 9  ? -1.510  -22.597 13.069  1.00 20.25 ? 9   GLN B CG  1 
ATOM   826  C CD  . GLN B 2 9  ? -3.032  -22.681 13.098  1.00 29.78 ? 9   GLN B CD  1 
ATOM   827  O OE1 . GLN B 2 9  ? -3.751  -22.314 12.179  1.00 31.86 ? 9   GLN B OE1 1 
ATOM   828  N NE2 . GLN B 2 9  ? -3.594  -23.182 14.187  1.00 33.57 ? 9   GLN B NE2 1 
ATOM   829  N N   . ILE B 2 10 ? 1.532   -19.614 10.912  1.00 26.98 ? 10  ILE B N   1 
ATOM   830  C CA  . ILE B 2 10 ? 1.833   -18.865 9.642   1.00 27.73 ? 10  ILE B CA  1 
ATOM   831  C C   . ILE B 2 10 ? 3.344   -18.990 9.454   1.00 23.90 ? 10  ILE B C   1 
ATOM   832  O O   . ILE B 2 10 ? 4.107   -18.716 10.364  1.00 28.86 ? 10  ILE B O   1 
ATOM   833  C CB  . ILE B 2 10 ? 1.503   -17.372 9.778   1.00 43.63 ? 10  ILE B CB  1 
ATOM   834  C CG1 . ILE B 2 10 ? 0.196   -16.985 10.447  1.00 37.94 ? 10  ILE B CG1 1 
ATOM   835  C CG2 . ILE B 2 10 ? 1.577   -16.654 8.404   1.00 42.03 ? 10  ILE B CG2 1 
ATOM   836  C CD1 . ILE B 2 10 ? -1.015  -17.216 9.534   1.00 38.60 ? 10  ILE B CD1 1 
ATOM   837  N N   . ARG B 2 11 ? 3.742   -19.619 8.348   1.00 22.05 ? 11  ARG B N   1 
ATOM   838  C CA  . ARG B 2 11 ? 5.190   -19.899 8.215   1.00 24.27 ? 11  ARG B CA  1 
ATOM   839  C C   . ARG B 2 11 ? 5.670   -19.210 6.954   1.00 28.07 ? 11  ARG B C   1 
ATOM   840  O O   . ARG B 2 11 ? 6.790   -19.582 6.513   1.00 28.50 ? 11  ARG B O   1 
ATOM   841  C CB  . ARG B 2 11 ? 5.347   -21.435 7.993   1.00 20.90 ? 11  ARG B CB  1 
ATOM   842  C CG  . ARG B 2 11 ? 4.836   -22.117 9.281   1.00 26.33 ? 11  ARG B CG  1 
ATOM   843  C CD  . ARG B 2 11 ? 5.982   -21.940 10.277  1.00 30.77 ? 11  ARG B CD  1 
ATOM   844  N NE  . ARG B 2 11 ? 5.353   -22.158 11.610  1.00 46.93 ? 11  ARG B NE  1 
ATOM   845  C CZ  . ARG B 2 11 ? 6.135   -22.207 12.698  1.00 48.85 ? 11  ARG B CZ  1 
ATOM   846  N NH1 . ARG B 2 11 ? 7.445   -21.968 12.548  1.00 51.02 ? 11  ARG B NH1 1 
ATOM   847  N NH2 . ARG B 2 11 ? 5.529   -22.413 13.865  1.00 44.39 ? 11  ARG B NH2 1 
ATOM   848  N N   . SER B 2 12 ? 4.818   -18.421 6.269   1.00 24.77 ? 12  SER B N   1 
ATOM   849  C CA  . SER B 2 12 ? 5.324   -17.780 4.997   1.00 21.99 ? 12  SER B CA  1 
ATOM   850  C C   . SER B 2 12 ? 4.737   -16.330 5.020   1.00 32.67 ? 12  SER B C   1 
ATOM   851  O O   . SER B 2 12 ? 3.658   -16.144 5.634   1.00 26.14 ? 12  SER B O   1 
ATOM   852  C CB  . SER B 2 12 ? 4.902   -18.437 3.783   1.00 25.39 ? 12  SER B CB  1 
ATOM   853  O OG  . SER B 2 12 ? 3.660   -18.386 3.167   1.00 32.67 ? 12  SER B OG  1 
ATOM   854  N N   . ILE B 2 13 ? 5.339   -15.380 4.291   1.00 30.25 ? 13  ILE B N   1 
ATOM   855  C CA  . ILE B 2 13 ? 4.735   -14.006 4.434   1.00 26.11 ? 13  ILE B CA  1 
ATOM   856  C C   . ILE B 2 13 ? 3.556   -14.079 3.548   1.00 25.75 ? 13  ILE B C   1 
ATOM   857  O O   . ILE B 2 13 ? 2.540   -13.320 3.725   1.00 22.49 ? 13  ILE B O   1 
ATOM   858  C CB  . ILE B 2 13 ? 5.834   -12.943 4.101   1.00 31.92 ? 13  ILE B CB  1 
ATOM   859  C CG1 . ILE B 2 13 ? 5.288   -11.496 4.048   1.00 33.86 ? 13  ILE B CG1 1 
ATOM   860  C CG2 . ILE B 2 13 ? 6.392   -13.203 2.697   1.00 34.59 ? 13  ILE B CG2 1 
ATOM   861  C CD1 . ILE B 2 13 ? 5.087   -10.981 5.474   1.00 33.15 ? 13  ILE B CD1 1 
ATOM   862  N N   . SER B 2 14 ? 3.530   -14.854 2.452   1.00 23.16 ? 14  SER B N   1 
ATOM   863  C CA  . SER B 2 14 ? 2.439   -15.001 1.549   1.00 28.01 ? 14  SER B CA  1 
ATOM   864  C C   . SER B 2 14 ? 1.165   -15.489 2.297   1.00 28.30 ? 14  SER B C   1 
ATOM   865  O O   . SER B 2 14 ? 0.057   -15.085 2.081   1.00 28.45 ? 14  SER B O   1 
ATOM   866  C CB  . SER B 2 14 ? 2.808   -15.946 0.398   1.00 33.14 ? 14  SER B CB  1 
ATOM   867  O OG  . SER B 2 14 ? 1.731   -15.968 -0.522  1.00 38.09 ? 14  SER B OG  1 
ATOM   868  N N   . ASP B 2 15 ? 1.357   -16.532 3.111   1.00 24.29 ? 15  ASP B N   1 
ATOM   869  C CA  . ASP B 2 15 ? 0.136   -17.007 3.830   1.00 23.81 ? 15  ASP B CA  1 
ATOM   870  C C   . ASP B 2 15 ? -0.292  -15.938 4.858   1.00 23.66 ? 15  ASP B C   1 
ATOM   871  O O   . ASP B 2 15 ? -1.438  -15.997 5.246   1.00 23.13 ? 15  ASP B O   1 
ATOM   872  C CB  . ASP B 2 15 ? 0.543   -18.239 4.616   1.00 24.04 ? 15  ASP B CB  1 
ATOM   873  C CG  . ASP B 2 15 ? 0.823   -19.418 3.647   1.00 29.67 ? 15  ASP B CG  1 
ATOM   874  O OD1 . ASP B 2 15 ? 0.303   -19.440 2.519   1.00 24.27 ? 15  ASP B OD1 1 
ATOM   875  O OD2 . ASP B 2 15 ? 1.587   -20.262 4.194   1.00 29.58 ? 15  ASP B OD2 1 
ATOM   876  N N   . LEU B 2 16 ? 0.623   -15.195 5.452   1.00 20.69 ? 16  LEU B N   1 
ATOM   877  C CA  . LEU B 2 16 ? 0.208   -14.057 6.350   1.00 18.86 ? 16  LEU B CA  1 
ATOM   878  C C   . LEU B 2 16 ? -0.616  -13.077 5.588   1.00 18.62 ? 16  LEU B C   1 
ATOM   879  O O   . LEU B 2 16 ? -1.762  -12.704 6.039   1.00 15.93 ? 16  LEU B O   1 
ATOM   880  C CB  . LEU B 2 16 ? 1.414   -13.407 6.953   1.00 20.64 ? 16  LEU B CB  1 
ATOM   881  C CG  . LEU B 2 16 ? 1.203   -12.211 7.888   1.00 20.41 ? 16  LEU B CG  1 
ATOM   882  C CD1 . LEU B 2 16 ? 0.240   -12.547 9.053   1.00 30.00 ? 16  LEU B CD1 1 
ATOM   883  C CD2 . LEU B 2 16 ? 2.499   -11.746 8.512   1.00 27.75 ? 16  LEU B CD2 1 
ATOM   884  N N   . HIS B 2 17 ? -0.175  -12.679 4.363   1.00 17.57 ? 17  HIS B N   1 
ATOM   885  C CA  . HIS B 2 17 ? -1.013  -11.763 3.572   1.00 17.57 ? 17  HIS B CA  1 
ATOM   886  C C   . HIS B 2 17 ? -2.335  -12.413 3.207   1.00 18.24 ? 17  HIS B C   1 
ATOM   887  O O   . HIS B 2 17 ? -3.370  -11.749 3.138   1.00 17.06 ? 17  HIS B O   1 
ATOM   888  C CB  . HIS B 2 17 ? -0.270  -11.365 2.251   1.00 15.44 ? 17  HIS B CB  1 
ATOM   889  C CG  . HIS B 2 17 ? 0.676   -10.243 2.574   1.00 16.87 ? 17  HIS B CG  1 
ATOM   890  N ND1 . HIS B 2 17 ? 0.266   -8.955  2.921   1.00 17.51 ? 17  HIS B ND1 1 
ATOM   891  C CD2 . HIS B 2 17 ? 2.032   -10.239 2.627   1.00 22.97 ? 17  HIS B CD2 1 
ATOM   892  C CE1 . HIS B 2 17 ? 1.351   -8.215  3.181   1.00 19.05 ? 17  HIS B CE1 1 
ATOM   893  N NE2 . HIS B 2 17 ? 2.417   -8.981  3.020   1.00 20.61 ? 17  HIS B NE2 1 
ATOM   894  N N   . GLN B 2 18 ? -2.316  -13.737 2.850   1.00 17.59 ? 18  GLN B N   1 
ATOM   895  C CA  . GLN B 2 18 ? -3.625  -14.356 2.481   1.00 18.88 ? 18  GLN B CA  1 
ATOM   896  C C   . GLN B 2 18 ? -4.586  -14.393 3.686   1.00 18.08 ? 18  GLN B C   1 
ATOM   897  O O   . GLN B 2 18 ? -5.813  -14.375 3.514   1.00 20.38 ? 18  GLN B O   1 
ATOM   898  C CB  . GLN B 2 18 ? -3.414  -15.845 2.181   1.00 29.88 ? 18  GLN B CB  1 
ATOM   899  C CG  . GLN B 2 18 ? -2.481  -16.244 1.056   1.00 57.92 ? 18  GLN B CG  1 
ATOM   900  C CD  . GLN B 2 18 ? -2.991  -15.562 -0.189  1.00 54.55 ? 18  GLN B CD  1 
ATOM   901  O OE1 . GLN B 2 18 ? -4.105  -15.868 -0.623  1.00 73.18 ? 18  GLN B OE1 1 
ATOM   902  N NE2 . GLN B 2 18 ? -2.210  -14.600 -0.652  1.00 69.36 ? 18  GLN B NE2 1 
ATOM   903  N N   . THR B 2 19 ? -4.019  -14.638 4.838   1.00 16.49 ? 19  THR B N   1 
ATOM   904  C CA  . THR B 2 19 ? -4.836  -14.689 6.103   1.00 15.64 ? 19  THR B CA  1 
ATOM   905  C C   . THR B 2 19 ? -5.328  -13.263 6.435   1.00 20.53 ? 19  THR B C   1 
ATOM   906  O O   . THR B 2 19 ? -6.512  -13.103 6.731   1.00 16.80 ? 19  THR B O   1 
ATOM   907  C CB  . THR B 2 19 ? -3.985  -15.121 7.264   1.00 21.38 ? 19  THR B CB  1 
ATOM   908  O OG1 . THR B 2 19 ? -3.466  -16.451 7.083   1.00 24.28 ? 19  THR B OG1 1 
ATOM   909  C CG2 . THR B 2 19 ? -4.670  -15.106 8.627   1.00 22.42 ? 19  THR B CG2 1 
ATOM   910  N N   . LEU B 2 20 ? -4.454  -12.269 6.271   1.00 15.00 ? 20  LEU B N   1 
ATOM   911  C CA  . LEU B 2 20 ? -5.053  -10.909 6.387   1.00 14.53 ? 20  LEU B CA  1 
ATOM   912  C C   . LEU B 2 20 ? -6.118  -10.625 5.366   1.00 14.93 ? 20  LEU B C   1 
ATOM   913  O O   . LEU B 2 20 ? -7.113  -9.896  5.683   1.00 17.44 ? 20  LEU B O   1 
ATOM   914  C CB  . LEU B 2 20 ? -3.961  -9.838  6.279   1.00 15.53 ? 20  LEU B CB  1 
ATOM   915  C CG  . LEU B 2 20 ? -2.890  -9.927  7.404   1.00 19.65 ? 20  LEU B CG  1 
ATOM   916  C CD1 . LEU B 2 20 ? -1.730  -8.992  7.037   1.00 28.44 ? 20  LEU B CD1 1 
ATOM   917  C CD2 . LEU B 2 20 ? -3.464  -9.611  8.769   1.00 27.36 ? 20  LEU B CD2 1 
ATOM   918  N N   . LYS B 2 21 ? -6.047  -11.018 4.073   1.00 14.64 ? 21  LYS B N   1 
ATOM   919  C CA  . LYS B 2 21 ? -7.001  -10.720 3.077   1.00 17.44 ? 21  LYS B CA  1 
ATOM   920  C C   . LYS B 2 21 ? -8.389  -11.341 3.486   1.00 18.64 ? 21  LYS B C   1 
ATOM   921  O O   . LYS B 2 21 ? -9.382  -10.614 3.406   1.00 19.92 ? 21  LYS B O   1 
ATOM   922  C CB  . LYS B 2 21 ? -6.514  -11.320 1.720   1.00 18.79 ? 21  LYS B CB  1 
ATOM   923  C CG  . LYS B 2 21 ? -7.515  -10.973 0.624   1.00 22.45 ? 21  LYS B CG  1 
ATOM   924  C CD  . LYS B 2 21 ? -6.953  -11.580 -0.702  1.00 26.21 ? 21  LYS B CD  1 
ATOM   925  C CE  . LYS B 2 21 ? -7.938  -11.263 -1.810  1.00 29.87 ? 21  LYS B CE  1 
ATOM   926  N NZ  . LYS B 2 21 ? -7.370  -11.755 -3.126  1.00 30.40 ? 21  LYS B NZ  1 
ATOM   927  N N   . LYS B 2 22 ? -8.325  -12.513 4.077   1.00 20.27 ? 22  LYS B N   1 
ATOM   928  C CA  . LYS B 2 22 ? -9.577  -13.169 4.562   1.00 21.37 ? 22  LYS B CA  1 
ATOM   929  C C   . LYS B 2 22 ? -10.097 -12.511 5.833   1.00 18.97 ? 22  LYS B C   1 
ATOM   930  O O   . LYS B 2 22 ? -11.271 -12.101 5.891   1.00 22.82 ? 22  LYS B O   1 
ATOM   931  C CB  . LYS B 2 22 ? -9.279  -14.638 4.747   1.00 21.91 ? 22  LYS B CB  1 
ATOM   932  C CG  . LYS B 2 22 ? -10.428 -15.478 5.356   1.00 36.00 ? 22  LYS B CG  1 
ATOM   933  C CD  . LYS B 2 22 ? -9.800  -16.735 5.980   1.00 44.15 ? 22  LYS B CD  1 
ATOM   934  C CE  . LYS B 2 22 ? -9.735  -16.684 7.492   1.00 53.95 ? 22  LYS B CE  1 
ATOM   935  N NZ  . LYS B 2 22 ? -8.460  -17.084 8.186   1.00 44.33 ? 22  LYS B NZ  1 
ATOM   936  N N   . GLU B 2 23 ? -9.233  -12.359 6.831   1.00 17.54 ? 23  GLU B N   1 
ATOM   937  C CA  . GLU B 2 23 ? -9.764  -11.892 8.130   1.00 15.21 ? 23  GLU B CA  1 
ATOM   938  C C   . GLU B 2 23 ? -10.123 -10.433 8.059   1.00 20.27 ? 23  GLU B C   1 
ATOM   939  O O   . GLU B 2 23 ? -10.988 -10.038 8.899   1.00 20.58 ? 23  GLU B O   1 
ATOM   940  C CB  . GLU B 2 23 ? -8.654  -12.037 9.196   1.00 16.69 ? 23  GLU B CB  1 
ATOM   941  C CG  . GLU B 2 23 ? -8.369  -13.492 9.537   1.00 23.63 ? 23  GLU B CG  1 
ATOM   942  C CD  . GLU B 2 23 ? -9.555  -14.073 10.307  1.00 27.61 ? 23  GLU B CD  1 
ATOM   943  O OE1 . GLU B 2 23 ? -10.035 -13.457 11.297  1.00 24.68 ? 23  GLU B OE1 1 
ATOM   944  O OE2 . GLU B 2 23 ? -9.967  -15.141 9.871   1.00 28.19 ? 23  GLU B OE2 1 
ATOM   945  N N   . LEU B 2 24 ? -9.550  -9.604  7.204   1.00 16.65 ? 24  LEU B N   1 
ATOM   946  C CA  . LEU B 2 24 ? -9.970  -8.155  7.202   1.00 16.61 ? 24  LEU B CA  1 
ATOM   947  C C   . LEU B 2 24 ? -10.896 -7.893  6.053   1.00 16.29 ? 24  LEU B C   1 
ATOM   948  O O   . LEU B 2 24 ? -11.253 -6.705  5.872   1.00 21.80 ? 24  LEU B O   1 
ATOM   949  C CB  . LEU B 2 24 ? -8.664  -7.329  7.039   1.00 17.28 ? 24  LEU B CB  1 
ATOM   950  C CG  . LEU B 2 24 ? -7.616  -7.405  8.167   1.00 21.99 ? 24  LEU B CG  1 
ATOM   951  C CD1 . LEU B 2 24 ? -6.427  -6.503  7.827   1.00 20.53 ? 24  LEU B CD1 1 
ATOM   952  C CD2 . LEU B 2 24 ? -8.171  -6.861  9.471   1.00 26.22 ? 24  LEU B CD2 1 
ATOM   953  N N   . ALA B 2 25 ? -11.242 -8.869  5.218   1.00 17.85 ? 25  ALA B N   1 
ATOM   954  C CA  . ALA B 2 25 ? -12.137 -8.668  4.089   1.00 20.70 ? 25  ALA B CA  1 
ATOM   955  C C   . ALA B 2 25 ? -11.591 -7.582  3.177   1.00 20.94 ? 25  ALA B C   1 
ATOM   956  O O   . ALA B 2 25 ? -12.261 -6.625  2.743   1.00 20.37 ? 25  ALA B O   1 
ATOM   957  C CB  . ALA B 2 25 ? -13.561 -8.366  4.617   1.00 22.15 ? 25  ALA B CB  1 
ATOM   958  N N   . LEU B 2 26 ? -10.287 -7.802  2.802   1.00 18.02 ? 26  LEU B N   1 
ATOM   959  C CA  . LEU B 2 26 ? -9.660  -6.805  1.859   1.00 17.19 ? 26  LEU B CA  1 
ATOM   960  C C   . LEU B 2 26 ? -10.172 -7.045  0.462   1.00 19.33 ? 26  LEU B C   1 
ATOM   961  O O   . LEU B 2 26 ? -10.742 -8.103  0.148   1.00 21.07 ? 26  LEU B O   1 
ATOM   962  C CB  . LEU B 2 26 ? -8.126  -7.162  1.927   1.00 15.16 ? 26  LEU B CB  1 
ATOM   963  C CG  . LEU B 2 26 ? -7.561  -6.937  3.351   1.00 15.77 ? 26  LEU B CG  1 
ATOM   964  C CD1 . LEU B 2 26 ? -6.049  -7.165  3.327   1.00 19.02 ? 26  LEU B CD1 1 
ATOM   965  C CD2 . LEU B 2 26 ? -7.924  -5.503  3.844   1.00 16.00 ? 26  LEU B CD2 1 
ATOM   966  N N   . PRO B 2 27 ? -9.966  -6.073  -0.429  1.00 17.89 ? 27  PRO B N   1 
ATOM   967  C CA  . PRO B 2 27 ? -10.485 -6.120  -1.775  1.00 21.28 ? 27  PRO B CA  1 
ATOM   968  C C   . PRO B 2 27 ? -9.861  -7.309  -2.476  1.00 20.08 ? 27  PRO B C   1 
ATOM   969  O O   . PRO B 2 27 ? -8.743  -7.720  -2.243  1.00 20.25 ? 27  PRO B O   1 
ATOM   970  C CB  . PRO B 2 27 ? -10.051 -4.792  -2.402  1.00 23.24 ? 27  PRO B CB  1 
ATOM   971  C CG  . PRO B 2 27 ? -9.393  -3.978  -1.376  1.00 24.14 ? 27  PRO B CG  1 
ATOM   972  C CD  . PRO B 2 27 ? -9.223  -4.822  -0.142  1.00 18.80 ? 27  PRO B CD  1 
ATOM   973  N N   . GLU B 2 28 ? -10.540 -7.826  -3.539  1.00 21.23 ? 28  GLU B N   1 
ATOM   974  C CA  . GLU B 2 28 ? -10.011 -8.954  -4.288  1.00 22.20 ? 28  GLU B CA  1 
ATOM   975  C C   . GLU B 2 28 ? -8.701  -8.601  -5.035  1.00 22.22 ? 28  GLU B C   1 
ATOM   976  O O   . GLU B 2 28 ? -7.855  -9.453  -5.098  1.00 21.83 ? 28  GLU B O   1 
ATOM   977  C CB  . GLU B 2 28 ? -11.031 -9.449  -5.377  1.00 31.77 ? 28  GLU B CB  1 
ATOM   978  C CG  . GLU B 2 28 ? -10.568 -10.842 -5.829  1.00 45.59 ? 28  GLU B CG  1 
ATOM   979  C CD  . GLU B 2 28 ? -10.500 -11.916 -4.762  1.00 51.86 ? 28  GLU B CD  1 
ATOM   980  O OE1 . GLU B 2 28 ? -11.340 -11.922 -3.833  1.00 62.38 ? 28  GLU B OE1 1 
ATOM   981  O OE2 . GLU B 2 28 ? -9.604  -12.794 -4.809  1.00 56.64 ? 28  GLU B OE2 1 
ATOM   982  N N   . TYR B 2 29 ? -8.574  -7.274  -5.256  1.00 20.56 ? 29  TYR B N   1 
ATOM   983  C CA  . TYR B 2 29 ? -7.292  -6.875  -5.910  1.00 20.68 ? 29  TYR B CA  1 
ATOM   984  C C   . TYR B 2 29 ? -6.130  -6.555  -4.962  1.00 21.07 ? 29  TYR B C   1 
ATOM   985  O O   . TYR B 2 29 ? -4.981  -6.302  -5.400  1.00 20.08 ? 29  TYR B O   1 
ATOM   986  C CB  . TYR B 2 29 ? -7.614  -5.628  -6.713  1.00 20.09 ? 29  TYR B CB  1 
ATOM   987  C CG  . TYR B 2 29 ? -8.127  -4.419  -5.998  1.00 21.90 ? 29  TYR B CG  1 
ATOM   988  C CD1 . TYR B 2 29 ? -7.334  -3.641  -5.164  1.00 21.57 ? 29  TYR B CD1 1 
ATOM   989  C CD2 . TYR B 2 29 ? -9.457  -4.006  -6.147  1.00 25.27 ? 29  TYR B CD2 1 
ATOM   990  C CE1 . TYR B 2 29 ? -7.824  -2.504  -4.524  1.00 23.96 ? 29  TYR B CE1 1 
ATOM   991  C CE2 . TYR B 2 29 ? -9.947  -2.889  -5.487  1.00 27.91 ? 29  TYR B CE2 1 
ATOM   992  C CZ  . TYR B 2 29 ? -9.137  -2.138  -4.699  1.00 26.61 ? 29  TYR B CZ  1 
ATOM   993  O OH  . TYR B 2 29 ? -9.583  -1.000  -4.045  1.00 32.36 ? 29  TYR B OH  1 
ATOM   994  N N   . TYR B 2 30 ? -6.339  -6.827  -3.665  1.00 16.40 ? 30  TYR B N   1 
ATOM   995  C CA  . TYR B 2 30 ? -5.235  -6.593  -2.698  1.00 15.42 ? 30  TYR B CA  1 
ATOM   996  C C   . TYR B 2 30 ? -3.926  -7.087  -3.205  1.00 17.11 ? 30  TYR B C   1 
ATOM   997  O O   . TYR B 2 30 ? -3.579  -8.271  -3.505  1.00 17.11 ? 30  TYR B O   1 
ATOM   998  C CB  . TYR B 2 30 ? -5.601  -7.330  -1.388  1.00 15.69 ? 30  TYR B CB  1 
ATOM   999  C CG  . TYR B 2 30 ? -4.535  -7.347  -0.295  1.00 13.50 ? 30  TYR B CG  1 
ATOM   1000 C CD1 . TYR B 2 30 ? -4.084  -6.056  0.166   1.00 14.12 ? 30  TYR B CD1 1 
ATOM   1001 C CD2 . TYR B 2 30 ? -3.986  -8.459  0.303   1.00 14.10 ? 30  TYR B CD2 1 
ATOM   1002 C CE1 . TYR B 2 30 ? -3.133  -6.000  1.185   1.00 14.25 ? 30  TYR B CE1 1 
ATOM   1003 C CE2 . TYR B 2 30 ? -3.081  -8.398  1.323   1.00 13.23 ? 30  TYR B CE2 1 
ATOM   1004 C CZ  . TYR B 2 30 ? -2.623  -7.159  1.765   1.00 14.16 ? 30  TYR B CZ  1 
ATOM   1005 O OH  . TYR B 2 30 ? -1.724  -7.154  2.794   1.00 15.05 ? 30  TYR B OH  1 
ATOM   1006 N N   . GLY B 2 31 ? -2.920  -6.146  -3.122  1.00 15.41 ? 31  GLY B N   1 
ATOM   1007 C CA  . GLY B 2 31 ? -1.597  -6.368  -3.669  1.00 14.49 ? 31  GLY B CA  1 
ATOM   1008 C C   . GLY B 2 31 ? -0.711  -7.267  -2.906  1.00 13.47 ? 31  GLY B C   1 
ATOM   1009 O O   . GLY B 2 31 ? 0.476   -7.585  -3.242  1.00 16.29 ? 31  GLY B O   1 
ATOM   1010 N N   . GLU B 2 32 ? -1.046  -7.742  -1.665  1.00 13.79 ? 32  GLU B N   1 
ATOM   1011 C CA  . GLU B 2 32 ? -0.278  -8.702  -0.851  1.00 14.36 ? 32  GLU B CA  1 
ATOM   1012 C C   . GLU B 2 32 ? 1.140   -8.164  -0.654  1.00 16.20 ? 32  GLU B C   1 
ATOM   1013 O O   . GLU B 2 32 ? 2.182   -8.836  -0.771  1.00 16.21 ? 32  GLU B O   1 
ATOM   1014 C CB  . GLU B 2 32 ? -0.204  -10.100 -1.574  1.00 19.37 ? 32  GLU B CB  1 
ATOM   1015 C CG  . GLU B 2 32 ? -1.700  -10.564 -1.619  1.00 19.42 ? 32  GLU B CG  1 
ATOM   1016 C CD  . GLU B 2 32 ? -1.834  -11.933 -2.283  1.00 40.04 ? 32  GLU B CD  1 
ATOM   1017 O OE1 . GLU B 2 32 ? -0.840  -12.621 -2.449  1.00 31.78 ? 32  GLU B OE1 1 
ATOM   1018 O OE2 . GLU B 2 32 ? -2.962  -12.273 -2.656  1.00 38.62 ? 32  GLU B OE2 1 
ATOM   1019 N N   . ASN B 2 33 ? 1.206   -6.933  -0.121  1.00 13.42 ? 33  ASN B N   1 
ATOM   1020 C CA  . ASN B 2 33 ? 2.523   -6.382  0.226   1.00 15.46 ? 33  ASN B CA  1 
ATOM   1021 C C   . ASN B 2 33 ? 2.263   -5.250  1.270   1.00 13.75 ? 33  ASN B C   1 
ATOM   1022 O O   . ASN B 2 33 ? 1.083   -4.865  1.470   1.00 14.23 ? 33  ASN B O   1 
ATOM   1023 C CB  . ASN B 2 33 ? 3.239   -5.773  -1.057  1.00 12.53 ? 33  ASN B CB  1 
ATOM   1024 C CG  . ASN B 2 33 ? 2.475   -4.686  -1.761  1.00 14.89 ? 33  ASN B CG  1 
ATOM   1025 O OD1 . ASN B 2 33 ? 2.426   -3.596  -1.206  1.00 14.39 ? 33  ASN B OD1 1 
ATOM   1026 N ND2 . ASN B 2 33 ? 1.805   -4.891  -2.897  1.00 14.24 ? 33  ASN B ND2 1 
ATOM   1027 N N   . LEU B 2 34 ? 3.324   -4.745  1.870   1.00 13.48 ? 34  LEU B N   1 
ATOM   1028 C CA  . LEU B 2 34 ? 3.096   -3.812  2.984   1.00 13.87 ? 34  LEU B CA  1 
ATOM   1029 C C   . LEU B 2 34 ? 2.503   -2.494  2.593   1.00 14.40 ? 34  LEU B C   1 
ATOM   1030 O O   . LEU B 2 34 ? 1.789   -1.824  3.356   1.00 13.85 ? 34  LEU B O   1 
ATOM   1031 C CB  . LEU B 2 34 ? 4.392   -3.593  3.721   1.00 14.13 ? 34  LEU B CB  1 
ATOM   1032 C CG  . LEU B 2 34 ? 5.007   -4.845  4.415   1.00 15.55 ? 34  LEU B CG  1 
ATOM   1033 C CD1 . LEU B 2 34 ? 6.374   -4.340  4.887   1.00 23.10 ? 34  LEU B CD1 1 
ATOM   1034 C CD2 . LEU B 2 34 ? 4.113   -5.240  5.556   1.00 21.93 ? 34  LEU B CD2 1 
ATOM   1035 N N   . ASP B 2 35 ? 2.836   -2.011  1.341   1.00 11.59 ? 35  ASP B N   1 
ATOM   1036 C CA  . ASP B 2 35 ? 2.223   -0.748  0.923   1.00 12.08 ? 35  ASP B CA  1 
ATOM   1037 C C   . ASP B 2 35 ? 0.783   -0.834  0.581   1.00 10.80 ? 35  ASP B C   1 
ATOM   1038 O O   . ASP B 2 35 ? -0.082  -0.008  0.877   1.00 13.78 ? 35  ASP B O   1 
ATOM   1039 C CB  . ASP B 2 35 ? 3.023   -0.180  -0.321  1.00 12.72 ? 35  ASP B CB  1 
ATOM   1040 C CG  . ASP B 2 35 ? 4.497   -0.028  0.042   1.00 13.08 ? 35  ASP B CG  1 
ATOM   1041 O OD1 . ASP B 2 35 ? 4.739   0.911   0.817   1.00 16.33 ? 35  ASP B OD1 1 
ATOM   1042 O OD2 . ASP B 2 35 ? 5.349   -0.788  -0.413  1.00 19.75 ? 35  ASP B OD2 1 
ATOM   1043 N N   . ALA B 2 36 ? 0.335   -2.026  0.055   1.00 12.20 ? 36  ALA B N   1 
ATOM   1044 C CA  . ALA B 2 36 ? -1.084  -2.244  -0.148  1.00 11.42 ? 36  ALA B CA  1 
ATOM   1045 C C   . ALA B 2 36 ? -1.825  -2.421  1.225   1.00 11.17 ? 36  ALA B C   1 
ATOM   1046 O O   . ALA B 2 36 ? -2.970  -1.998  1.245   1.00 13.96 ? 36  ALA B O   1 
ATOM   1047 C CB  . ALA B 2 36 ? -1.181  -3.580  -0.927  1.00 12.50 ? 36  ALA B CB  1 
ATOM   1048 N N   . LEU B 2 37 ? -1.105  -3.013  2.164   1.00 12.58 ? 37  LEU B N   1 
ATOM   1049 C CA  . LEU B 2 37 ? -1.843  -3.211  3.467   1.00 11.62 ? 37  LEU B CA  1 
ATOM   1050 C C   . LEU B 2 37 ? -2.026  -1.827  4.099   1.00 14.95 ? 37  LEU B C   1 
ATOM   1051 O O   . LEU B 2 37 ? -3.135  -1.517  4.549   1.00 14.22 ? 37  LEU B O   1 
ATOM   1052 C CB  . LEU B 2 37 ? -0.918  -4.049  4.357   1.00 11.42 ? 37  LEU B CB  1 
ATOM   1053 C CG  . LEU B 2 37 ? -1.440  -4.218  5.795   1.00 15.48 ? 37  LEU B CG  1 
ATOM   1054 C CD1 . LEU B 2 37 ? -2.835  -4.824  5.801   1.00 21.00 ? 37  LEU B CD1 1 
ATOM   1055 C CD2 . LEU B 2 37 ? -0.415  -4.977  6.649   1.00 17.33 ? 37  LEU B CD2 1 
ATOM   1056 N N   . TRP B 2 38 ? -0.996  -0.988  3.997   1.00 12.48 ? 38  TRP B N   1 
ATOM   1057 C CA  . TRP B 2 38 ? -1.205  0.393   4.558   1.00 14.19 ? 38  TRP B CA  1 
ATOM   1058 C C   . TRP B 2 38 ? -2.318  1.132   3.855   1.00 14.71 ? 38  TRP B C   1 
ATOM   1059 O O   . TRP B 2 38 ? -3.225  1.775   4.434   1.00 14.68 ? 38  TRP B O   1 
ATOM   1060 C CB  . TRP B 2 38 ? 0.130   1.139   4.365   1.00 14.78 ? 38  TRP B CB  1 
ATOM   1061 C CG  . TRP B 2 38 ? 0.029   2.611   4.703   1.00 14.55 ? 38  TRP B CG  1 
ATOM   1062 C CD1 . TRP B 2 38 ? 0.109   3.644   3.766   1.00 20.17 ? 38  TRP B CD1 1 
ATOM   1063 C CD2 . TRP B 2 38 ? -0.131  3.247   5.991   1.00 15.94 ? 38  TRP B CD2 1 
ATOM   1064 N NE1 . TRP B 2 38 ? -0.006  4.865   4.442   1.00 22.36 ? 38  TRP B NE1 1 
ATOM   1065 C CE2 . TRP B 2 38 ? -0.141  4.634   5.781   1.00 20.52 ? 38  TRP B CE2 1 
ATOM   1066 C CE3 . TRP B 2 38 ? -0.233  2.689   7.265   1.00 22.06 ? 38  TRP B CE3 1 
ATOM   1067 C CZ2 . TRP B 2 38 ? -0.296  5.531   6.857   1.00 26.84 ? 38  TRP B CZ2 1 
ATOM   1068 C CZ3 . TRP B 2 38 ? -0.393  3.587   8.331   1.00 23.17 ? 38  TRP B CZ3 1 
ATOM   1069 C CH2 . TRP B 2 38 ? -0.417  4.974   8.094   1.00 26.37 ? 38  TRP B CH2 1 
ATOM   1070 N N   . ASP B 2 39 ? -2.428  1.017   2.471   1.00 13.73 ? 39  ASP B N   1 
ATOM   1071 C CA  . ASP B 2 39 ? -3.540  1.656   1.716   1.00 12.82 ? 39  ASP B CA  1 
ATOM   1072 C C   . ASP B 2 39 ? -4.865  1.113   2.187   1.00 16.82 ? 39  ASP B C   1 
ATOM   1073 O O   . ASP B 2 39 ? -5.753  1.928   2.369   1.00 18.33 ? 39  ASP B O   1 
ATOM   1074 C CB  . ASP B 2 39 ? -3.275  1.321   0.225   1.00 14.97 ? 39  ASP B CB  1 
ATOM   1075 C CG  . ASP B 2 39 ? -4.378  1.862   -0.691  1.00 21.03 ? 39  ASP B CG  1 
ATOM   1076 O OD1 . ASP B 2 39 ? -4.784  3.022   -0.480  1.00 27.44 ? 39  ASP B OD1 1 
ATOM   1077 O OD2 . ASP B 2 39 ? -4.824  1.161   -1.560  1.00 18.94 ? 39  ASP B OD2 1 
ATOM   1078 N N   . CYS B 2 40 ? -5.002  -0.179  2.541   1.00 14.52 ? 40  CYS B N   1 
ATOM   1079 C CA  . CYS B 2 40 ? -6.279  -0.752  2.922   1.00 16.46 ? 40  CYS B CA  1 
ATOM   1080 C C   . CYS B 2 40 ? -6.570  -0.347  4.374   1.00 14.76 ? 40  CYS B C   1 
ATOM   1081 O O   . CYS B 2 40 ? -7.766  -0.146  4.652   1.00 16.93 ? 40  CYS B O   1 
ATOM   1082 C CB  . CYS B 2 40 ? -6.281  -2.278  2.831   1.00 14.54 ? 40  CYS B CB  1 
ATOM   1083 S SG  . CYS B 2 40 ? -6.289  -2.856  1.100   1.00 20.15 ? 40  CYS B SG  1 
ATOM   1084 N N   . LEU B 2 41 ? -5.554  -0.177  5.217   1.00 15.53 ? 41  LEU B N   1 
ATOM   1085 C CA  . LEU B 2 41 ? -5.959  0.180   6.608   1.00 15.99 ? 41  LEU B CA  1 
ATOM   1086 C C   . LEU B 2 41 ? -6.385  1.641   6.620   1.00 21.14 ? 41  LEU B C   1 
ATOM   1087 O O   . LEU B 2 41 ? -7.265  2.007   7.452   1.00 20.31 ? 41  LEU B O   1 
ATOM   1088 C CB  . LEU B 2 41 ? -4.755  0.019   7.526   1.00 15.91 ? 41  LEU B CB  1 
ATOM   1089 C CG  . LEU B 2 41 ? -4.337  -1.419  7.742   1.00 20.00 ? 41  LEU B CG  1 
ATOM   1090 C CD1 . LEU B 2 41 ? -3.125  -1.424  8.685   1.00 22.06 ? 41  LEU B CD1 1 
ATOM   1091 C CD2 . LEU B 2 41 ? -5.468  -2.237  8.383   1.00 22.26 ? 41  LEU B CD2 1 
ATOM   1092 N N   . THR B 2 42 ? -5.918  2.444   5.673   1.00 20.43 ? 42  THR B N   1 
ATOM   1093 C CA  . THR B 2 42 ? -6.274  3.876   5.792   1.00 23.40 ? 42  THR B CA  1 
ATOM   1094 C C   . THR B 2 42 ? -7.449  4.201   4.904   1.00 27.22 ? 42  THR B C   1 
ATOM   1095 O O   . THR B 2 42 ? -8.010  5.326   4.880   1.00 30.30 ? 42  THR B O   1 
ATOM   1096 C CB  . THR B 2 42 ? -5.020  4.733   5.569   1.00 25.32 ? 42  THR B CB  1 
ATOM   1097 O OG1 . THR B 2 42 ? -4.502  4.400   4.249   1.00 30.68 ? 42  THR B OG1 1 
ATOM   1098 C CG2 . THR B 2 42 ? -3.881  4.558   6.526   1.00 27.03 ? 42  THR B CG2 1 
ATOM   1099 N N   . GLY B 2 43 ? -7.914  3.237   4.107   1.00 24.30 ? 43  GLY B N   1 
ATOM   1100 C CA  . GLY B 2 43 ? -9.010  3.451   3.195   1.00 30.24 ? 43  GLY B CA  1 
ATOM   1101 C C   . GLY B 2 43 ? -10.020 2.426   2.863   1.00 29.99 ? 43  GLY B C   1 
ATOM   1102 O O   . GLY B 2 43 ? -10.377 2.370   1.645   1.00 30.45 ? 43  GLY B O   1 
ATOM   1103 N N   . TRP B 2 44 ? -10.219 1.337   3.626   1.00 23.07 ? 44  TRP B N   1 
ATOM   1104 C CA  . TRP B 2 44 ? -11.102 0.266   3.219   1.00 22.44 ? 44  TRP B CA  1 
ATOM   1105 C C   . TRP B 2 44 ? -11.604 -0.551  4.390   1.00 22.61 ? 44  TRP B C   1 
ATOM   1106 O O   . TRP B 2 44 ? -12.709 -1.050  4.416   1.00 25.27 ? 44  TRP B O   1 
ATOM   1107 C CB  . TRP B 2 44 ? -10.229 -0.654  2.282   1.00 22.70 ? 44  TRP B CB  1 
ATOM   1108 C CG  . TRP B 2 44 ? -11.009 -1.879  1.914   1.00 18.87 ? 44  TRP B CG  1 
ATOM   1109 C CD1 . TRP B 2 44 ? -11.075 -3.061  2.618   1.00 22.39 ? 44  TRP B CD1 1 
ATOM   1110 C CD2 . TRP B 2 44 ? -11.858 -2.078  0.776   1.00 21.67 ? 44  TRP B CD2 1 
ATOM   1111 N NE1 . TRP B 2 44 ? -11.906 -3.965  1.990   1.00 25.84 ? 44  TRP B NE1 1 
ATOM   1112 C CE2 . TRP B 2 44 ? -12.388 -3.350  0.854   1.00 22.57 ? 44  TRP B CE2 1 
ATOM   1113 C CE3 . TRP B 2 44 ? -12.189 -1.228  -0.302  1.00 34.14 ? 44  TRP B CE3 1 
ATOM   1114 C CZ2 . TRP B 2 44 ? -13.263 -3.915  -0.093  1.00 29.41 ? 44  TRP B CZ2 1 
ATOM   1115 C CZ3 . TRP B 2 44 ? -13.097 -1.782  -1.242  1.00 28.76 ? 44  TRP B CZ3 1 
ATOM   1116 C CH2 . TRP B 2 44 ? -13.596 -3.070  -1.126  1.00 28.43 ? 44  TRP B CH2 1 
ATOM   1117 N N   . VAL B 2 45 ? -10.613 -0.829  5.336   1.00 16.38 ? 45  VAL B N   1 
ATOM   1118 C CA  . VAL B 2 45 ? -11.065 -1.757  6.404   1.00 15.50 ? 45  VAL B CA  1 
ATOM   1119 C C   . VAL B 2 45 ? -12.173 -1.113  7.293   1.00 18.59 ? 45  VAL B C   1 
ATOM   1120 O O   . VAL B 2 45 ? -12.046 0.054   7.600   1.00 20.19 ? 45  VAL B O   1 
ATOM   1121 C CB  . VAL B 2 45 ? -9.793  -2.116  7.210   1.00 18.85 ? 45  VAL B CB  1 
ATOM   1122 C CG1 . VAL B 2 45 ? -10.067 -2.926  8.477   1.00 23.70 ? 45  VAL B CG1 1 
ATOM   1123 C CG2 . VAL B 2 45 ? -9.006  -3.112  6.278   1.00 19.25 ? 45  VAL B CG2 1 
ATOM   1124 N N   . GLU B 2 46 ? -13.020 -1.993  7.767   1.00 17.57 ? 46  GLU B N   1 
ATOM   1125 C CA  . GLU B 2 46 ? -14.042 -1.571  8.761   1.00 20.93 ? 46  GLU B CA  1 
ATOM   1126 C C   . GLU B 2 46 ? -13.483 -1.348  10.140  1.00 24.50 ? 46  GLU B C   1 
ATOM   1127 O O   . GLU B 2 46 ? -12.625 -2.104  10.656  1.00 21.50 ? 46  GLU B O   1 
ATOM   1128 C CB  . GLU B 2 46 ? -15.038 -2.732  8.760   1.00 24.79 ? 46  GLU B CB  1 
ATOM   1129 C CG  . GLU B 2 46 ? -16.166 -2.509  9.738   1.00 32.25 ? 46  GLU B CG  1 
ATOM   1130 C CD  . GLU B 2 46 ? -17.169 -3.658  9.772   1.00 34.32 ? 46  GLU B CD  1 
ATOM   1131 O OE1 . GLU B 2 46 ? -17.266 -4.334  8.737   1.00 39.60 ? 46  GLU B OE1 1 
ATOM   1132 O OE2 . GLU B 2 46 ? -17.795 -3.718  10.858  1.00 43.32 ? 46  GLU B OE2 1 
ATOM   1133 N N   . TYR B 2 47 ? -13.917 -0.305  10.831  1.00 19.63 ? 47  TYR B N   1 
ATOM   1134 C CA  . TYR B 2 47 ? -13.483 0.063   12.175  1.00 18.25 ? 47  TYR B CA  1 
ATOM   1135 C C   . TYR B 2 47 ? -14.667 0.387   13.087  1.00 26.15 ? 47  TYR B C   1 
ATOM   1136 O O   . TYR B 2 47 ? -15.733 0.564   12.477  1.00 22.88 ? 47  TYR B O   1 
ATOM   1137 C CB  . TYR B 2 47 ? -12.634 1.296   12.210  1.00 19.98 ? 47  TYR B CB  1 
ATOM   1138 C CG  . TYR B 2 47 ? -11.271 1.184   11.530  1.00 20.89 ? 47  TYR B CG  1 
ATOM   1139 C CD1 . TYR B 2 47 ? -10.488 0.099   11.891  1.00 23.64 ? 47  TYR B CD1 1 
ATOM   1140 C CD2 . TYR B 2 47 ? -10.860 2.018   10.537  1.00 25.36 ? 47  TYR B CD2 1 
ATOM   1141 C CE1 . TYR B 2 47 ? -9.247  -0.081  11.250  1.00 23.71 ? 47  TYR B CE1 1 
ATOM   1142 C CE2 . TYR B 2 47 ? -9.623  1.860   9.947   1.00 23.33 ? 47  TYR B CE2 1 
ATOM   1143 C CZ  . TYR B 2 47 ? -8.821  0.808   10.309  1.00 24.22 ? 47  TYR B CZ  1 
ATOM   1144 O OH  . TYR B 2 47 ? -7.564  0.577   9.745   1.00 22.34 ? 47  TYR B OH  1 
ATOM   1145 N N   . PRO B 2 48 ? -14.650 -0.080  14.280  1.00 23.22 ? 48  PRO B N   1 
ATOM   1146 C CA  . PRO B 2 48 ? -13.482 -0.455  15.068  1.00 21.58 ? 48  PRO B CA  1 
ATOM   1147 C C   . PRO B 2 48 ? -13.033 -1.852  14.617  1.00 18.55 ? 48  PRO B C   1 
ATOM   1148 O O   . PRO B 2 48 ? -13.826 -2.752  14.350  1.00 20.68 ? 48  PRO B O   1 
ATOM   1149 C CB  . PRO B 2 48 ? -13.884 -0.421  16.543  1.00 21.89 ? 48  PRO B CB  1 
ATOM   1150 C CG  . PRO B 2 48 ? -15.355 -0.465  16.509  1.00 26.75 ? 48  PRO B CG  1 
ATOM   1151 C CD  . PRO B 2 48 ? -15.799 0.157   15.215  1.00 23.91 ? 48  PRO B CD  1 
ATOM   1152 N N   . LEU B 2 49 ? -11.660 -2.053  14.720  1.00 17.91 ? 49  LEU B N   1 
ATOM   1153 C CA  . LEU B 2 49 ? -11.168 -3.432  14.449  1.00 15.93 ? 49  LEU B CA  1 
ATOM   1154 C C   . LEU B 2 49 ? -10.415 -3.910  15.716  1.00 14.99 ? 49  LEU B C   1 
ATOM   1155 O O   . LEU B 2 49 ? -9.683  -3.071  16.299  1.00 18.14 ? 49  LEU B O   1 
ATOM   1156 C CB  . LEU B 2 49 ? -10.142 -3.185  13.282  1.00 16.97 ? 49  LEU B CB  1 
ATOM   1157 C CG  . LEU B 2 49 ? -9.249  -4.464  13.072  1.00 27.60 ? 49  LEU B CG  1 
ATOM   1158 C CD1 . LEU B 2 49 ? -10.093 -5.563  12.493  1.00 27.99 ? 49  LEU B CD1 1 
ATOM   1159 C CD2 . LEU B 2 49 ? -8.091  -4.095  12.175  1.00 25.70 ? 49  LEU B CD2 1 
ATOM   1160 N N   . VAL B 2 50 ? -10.634 -5.142  16.030  1.00 14.98 ? 50  VAL B N   1 
ATOM   1161 C CA  . VAL B 2 50 ? -9.851  -5.815  17.083  1.00 14.40 ? 50  VAL B CA  1 
ATOM   1162 C C   . VAL B 2 50 ? -9.015  -6.898  16.401  1.00 18.71 ? 50  VAL B C   1 
ATOM   1163 O O   . VAL B 2 50 ? -9.551  -7.685  15.617  1.00 20.71 ? 50  VAL B O   1 
ATOM   1164 C CB  . VAL B 2 50 ? -10.738 -6.503  18.116  1.00 22.06 ? 50  VAL B CB  1 
ATOM   1165 C CG1 . VAL B 2 50 ? -9.881  -7.243  19.176  1.00 24.91 ? 50  VAL B CG1 1 
ATOM   1166 C CG2 . VAL B 2 50 ? -11.555 -5.441  18.836  1.00 27.62 ? 50  VAL B CG2 1 
ATOM   1167 N N   . LEU B 2 51 ? -7.698  -6.823  16.548  1.00 16.47 ? 51  LEU B N   1 
ATOM   1168 C CA  . LEU B 2 51 ? -6.827  -7.826  15.881  1.00 14.12 ? 51  LEU B CA  1 
ATOM   1169 C C   . LEU B 2 51 ? -6.162  -8.631  17.045  1.00 16.17 ? 51  LEU B C   1 
ATOM   1170 O O   . LEU B 2 51 ? -5.420  -8.040  17.828  1.00 17.10 ? 51  LEU B O   1 
ATOM   1171 C CB  . LEU B 2 51 ? -5.663  -7.025  15.258  1.00 17.17 ? 51  LEU B CB  1 
ATOM   1172 C CG  . LEU B 2 51 ? -4.545  -7.884  14.635  1.00 18.71 ? 51  LEU B CG  1 
ATOM   1173 C CD1 . LEU B 2 51 ? -5.118  -8.648  13.441  1.00 25.65 ? 51  LEU B CD1 1 
ATOM   1174 C CD2 . LEU B 2 51 ? -3.436  -6.987  14.116  1.00 23.56 ? 51  LEU B CD2 1 
ATOM   1175 N N   . GLU B 2 52 ? -6.539  -9.912  17.087  1.00 14.81 ? 52  GLU B N   1 
ATOM   1176 C CA  . GLU B 2 52 ? -5.963  -10.825 18.085  1.00 14.36 ? 52  GLU B CA  1 
ATOM   1177 C C   . GLU B 2 52 ? -4.827  -11.569 17.386  1.00 15.60 ? 52  GLU B C   1 
ATOM   1178 O O   . GLU B 2 52 ? -5.186  -12.374 16.526  1.00 17.41 ? 52  GLU B O   1 
ATOM   1179 C CB  . GLU B 2 52 ? -7.060  -11.819 18.483  1.00 23.42 ? 52  GLU B CB  1 
ATOM   1180 C CG  A GLU B 2 52 ? -8.233  -11.094 19.146  0.50 29.20 ? 52  GLU B CG  1 
ATOM   1181 C CG  B GLU B 2 52 ? -6.708  -12.844 19.502  0.50 31.07 ? 52  GLU B CG  1 
ATOM   1182 C CD  A GLU B 2 52 ? -9.631  -11.672 19.037  0.50 33.47 ? 52  GLU B CD  1 
ATOM   1183 C CD  B GLU B 2 52 ? -7.939  -13.316 20.273  0.50 31.68 ? 52  GLU B CD  1 
ATOM   1184 O OE1 A GLU B 2 52 ? -10.017 -12.576 19.780  0.50 31.50 ? 52  GLU B OE1 1 
ATOM   1185 O OE1 B GLU B 2 52 ? -9.088  -13.099 19.844  0.50 28.80 ? 52  GLU B OE1 1 
ATOM   1186 O OE2 A GLU B 2 52 ? -10.474 -11.195 18.230  0.50 38.73 ? 52  GLU B OE2 1 
ATOM   1187 O OE2 B GLU B 2 52 ? -7.674  -13.945 21.300  0.50 30.70 ? 52  GLU B OE2 1 
ATOM   1188 N N   . TRP B 2 53 ? -3.591  -11.279 17.756  1.00 15.00 ? 53  TRP B N   1 
ATOM   1189 C CA  . TRP B 2 53 ? -2.504  -12.011 17.063  1.00 13.67 ? 53  TRP B CA  1 
ATOM   1190 C C   . TRP B 2 53 ? -1.892  -12.933 18.156  1.00 15.52 ? 53  TRP B C   1 
ATOM   1191 O O   . TRP B 2 53 ? -1.120  -12.512 19.041  1.00 15.84 ? 53  TRP B O   1 
ATOM   1192 C CB  . TRP B 2 53 ? -1.471  -10.990 16.600  1.00 16.92 ? 53  TRP B CB  1 
ATOM   1193 C CG  . TRP B 2 53 ? -0.446  -11.571 15.684  1.00 16.90 ? 53  TRP B CG  1 
ATOM   1194 C CD1 . TRP B 2 53 ? 0.099   -12.826 15.677  1.00 21.39 ? 53  TRP B CD1 1 
ATOM   1195 C CD2 . TRP B 2 53 ? 0.140   -10.893 14.529  1.00 15.95 ? 53  TRP B CD2 1 
ATOM   1196 N NE1 . TRP B 2 53 ? 0.995   -12.964 14.633  1.00 22.78 ? 53  TRP B NE1 1 
ATOM   1197 C CE2 . TRP B 2 53 ? 1.044   -11.778 13.934  1.00 19.11 ? 53  TRP B CE2 1 
ATOM   1198 C CE3 . TRP B 2 53 ? -0.036  -9.595  14.051  1.00 22.30 ? 53  TRP B CE3 1 
ATOM   1199 C CZ2 . TRP B 2 53 ? 1.797   -11.455 12.792  1.00 21.73 ? 53  TRP B CZ2 1 
ATOM   1200 C CZ3 . TRP B 2 53 ? 0.722   -9.261  12.883  1.00 25.68 ? 53  TRP B CZ3 1 
ATOM   1201 C CH2 . TRP B 2 53 ? 1.596   -10.173 12.318  1.00 20.96 ? 53  TRP B CH2 1 
ATOM   1202 N N   . ARG B 2 54 ? -2.378  -14.197 17.980  1.00 15.71 ? 54  ARG B N   1 
ATOM   1203 C CA  . ARG B 2 54 ? -1.982  -15.140 19.097  1.00 17.04 ? 54  ARG B CA  1 
ATOM   1204 C C   . ARG B 2 54 ? -0.608  -15.654 18.712  1.00 18.09 ? 54  ARG B C   1 
ATOM   1205 O O   . ARG B 2 54 ? -0.265  -15.846 17.550  1.00 16.58 ? 54  ARG B O   1 
ATOM   1206 C CB  . ARG B 2 54 ? -2.978  -16.331 18.960  1.00 20.66 ? 54  ARG B CB  1 
ATOM   1207 C CG  . ARG B 2 54 ? -4.332  -15.801 19.410  1.00 25.41 ? 54  ARG B CG  1 
ATOM   1208 C CD  . ARG B 2 54 ? -5.407  -16.875 19.325  1.00 33.37 ? 54  ARG B CD  1 
ATOM   1209 N NE  . ARG B 2 54 ? -6.653  -16.296 19.900  1.00 39.07 ? 54  ARG B NE  1 
ATOM   1210 C CZ  . ARG B 2 54 ? -7.819  -16.870 19.563  1.00 53.21 ? 54  ARG B CZ  1 
ATOM   1211 N NH1 . ARG B 2 54 ? -7.764  -17.911 18.732  1.00 45.08 ? 54  ARG B NH1 1 
ATOM   1212 N NH2 . ARG B 2 54 ? -8.952  -16.374 20.060  1.00 54.87 ? 54  ARG B NH2 1 
ATOM   1213 N N   . GLN B 2 55 ? 0.142   -16.087 19.735  1.00 19.95 ? 55  GLN B N   1 
ATOM   1214 C CA  . GLN B 2 55 ? 1.497   -16.617 19.601  1.00 18.41 ? 55  GLN B CA  1 
ATOM   1215 C C   . GLN B 2 55 ? 2.333   -15.718 18.686  1.00 19.16 ? 55  GLN B C   1 
ATOM   1216 O O   . GLN B 2 55 ? 2.960   -16.165 17.753  1.00 18.55 ? 55  GLN B O   1 
ATOM   1217 C CB  . GLN B 2 55 ? 1.433   -18.021 18.913  1.00 21.36 ? 55  GLN B CB  1 
ATOM   1218 C CG  . GLN B 2 55 ? 0.635   -19.006 19.841  1.00 26.50 ? 55  GLN B CG  1 
ATOM   1219 C CD  . GLN B 2 55 ? 1.187   -19.119 21.256  1.00 36.84 ? 55  GLN B CD  1 
ATOM   1220 O OE1 . GLN B 2 55 ? 0.460   -18.716 22.187  1.00 41.27 ? 55  GLN B OE1 1 
ATOM   1221 N NE2 . GLN B 2 55 ? 2.409   -19.613 21.374  1.00 39.23 ? 55  GLN B NE2 1 
ATOM   1222 N N   . PHE B 2 56 ? 2.347   -14.422 19.038  1.00 18.35 ? 56  PHE B N   1 
ATOM   1223 C CA  . PHE B 2 56 ? 3.058   -13.482 18.147  1.00 19.44 ? 56  PHE B CA  1 
ATOM   1224 C C   . PHE B 2 56 ? 4.555   -13.821 18.110  1.00 21.02 ? 56  PHE B C   1 
ATOM   1225 O O   . PHE B 2 56 ? 5.156   -13.757 17.056  1.00 21.98 ? 56  PHE B O   1 
ATOM   1226 C CB  . PHE B 2 56 ? 2.906   -12.074 18.794  1.00 22.19 ? 56  PHE B CB  1 
ATOM   1227 C CG  . PHE B 2 56 ? 3.721   -11.096 17.917  1.00 22.48 ? 56  PHE B CG  1 
ATOM   1228 C CD1 . PHE B 2 56 ? 3.293   -10.845 16.632  1.00 26.12 ? 56  PHE B CD1 1 
ATOM   1229 C CD2 . PHE B 2 56 ? 4.806   -10.467 18.443  1.00 31.50 ? 56  PHE B CD2 1 
ATOM   1230 C CE1 . PHE B 2 56 ? 3.991   -9.959  15.800  1.00 28.40 ? 56  PHE B CE1 1 
ATOM   1231 C CE2 . PHE B 2 56 ? 5.536   -9.592  17.609  1.00 28.67 ? 56  PHE B CE2 1 
ATOM   1232 C CZ  . PHE B 2 56 ? 5.110   -9.357  16.310  1.00 27.50 ? 56  PHE B CZ  1 
ATOM   1233 N N   . GLU B 2 57 ? 5.187   -14.095 19.273  1.00 25.11 ? 57  GLU B N   1 
ATOM   1234 C CA  . GLU B 2 57 ? 6.647   -14.338 19.264  1.00 27.09 ? 57  GLU B CA  1 
ATOM   1235 C C   . GLU B 2 57 ? 6.983   -15.563 18.462  1.00 27.60 ? 57  GLU B C   1 
ATOM   1236 O O   . GLU B 2 57 ? 7.943   -15.546 17.686  1.00 27.47 ? 57  GLU B O   1 
ATOM   1237 C CB  . GLU B 2 57 ? 7.211   -14.456 20.685  1.00 34.27 ? 57  GLU B CB  1 
ATOM   1238 C CG  . GLU B 2 57 ? 7.125   -13.110 21.420  1.00 48.45 ? 57  GLU B CG  1 
ATOM   1239 C CD  . GLU B 2 57 ? 8.204   -12.163 20.946  1.00 57.07 ? 57  GLU B CD  1 
ATOM   1240 O OE1 . GLU B 2 57 ? 9.175   -12.637 20.313  1.00 61.62 ? 57  GLU B OE1 1 
ATOM   1241 O OE2 . GLU B 2 57 ? 8.083   -10.952 21.194  1.00 56.09 ? 57  GLU B OE2 1 
ATOM   1242 N N   . GLN B 2 58 ? 6.100   -16.584 18.361  1.00 26.20 ? 58  GLN B N   1 
ATOM   1243 C CA  . GLN B 2 58 ? 6.341   -17.624 17.374  1.00 25.83 ? 58  GLN B CA  1 
ATOM   1244 C C   . GLN B 2 58 ? 6.303   -17.200 15.952  1.00 31.66 ? 58  GLN B C   1 
ATOM   1245 O O   . GLN B 2 58 ? 7.009   -17.678 15.064  1.00 34.42 ? 58  GLN B O   1 
ATOM   1246 C CB  . GLN B 2 58 ? 5.276   -18.749 17.583  1.00 31.99 ? 58  GLN B CB  1 
ATOM   1247 C CG  . GLN B 2 58 ? 5.963   -20.002 18.008  1.00 30.87 ? 58  GLN B CG  1 
ATOM   1248 C CD  . GLN B 2 58 ? 4.989   -21.145 18.354  1.00 20.70 ? 58  GLN B CD  1 
ATOM   1249 O OE1 . GLN B 2 58 ? 4.110   -21.001 19.144  1.00 24.88 ? 58  GLN B OE1 1 
ATOM   1250 N NE2 . GLN B 2 58 ? 5.287   -22.240 17.670  1.00 24.53 ? 58  GLN B NE2 1 
ATOM   1251 N N   . SER B 2 59 ? 5.356   -16.253 15.588  1.00 21.92 ? 59  SER B N   1 
ATOM   1252 C CA  . SER B 2 59 ? 5.277   -15.817 14.221  1.00 20.62 ? 59  SER B CA  1 
ATOM   1253 C C   . SER B 2 59 ? 6.541   -15.046 13.909  1.00 26.84 ? 59  SER B C   1 
ATOM   1254 O O   . SER B 2 59 ? 6.886   -14.916 12.729  1.00 28.35 ? 59  SER B O   1 
ATOM   1255 C CB  . SER B 2 59 ? 3.886   -15.117 13.971  1.00 26.86 ? 59  SER B CB  1 
ATOM   1256 O OG  . SER B 2 59 ? 3.867   -14.006 14.817  1.00 43.83 ? 59  SER B OG  1 
ATOM   1257 N N   . LYS B 2 60 ? 7.139   -14.352 14.862  1.00 27.71 ? 60  LYS B N   1 
ATOM   1258 C CA  . LYS B 2 60 ? 8.360   -13.588 14.615  1.00 37.07 ? 60  LYS B CA  1 
ATOM   1259 C C   . LYS B 2 60 ? 9.486   -14.480 14.139  1.00 43.63 ? 60  LYS B C   1 
ATOM   1260 O O   . LYS B 2 60 ? 10.386  -14.094 13.377  1.00 42.90 ? 60  LYS B O   1 
ATOM   1261 C CB  . LYS B 2 60 ? 8.804   -13.000 15.958  1.00 44.47 ? 60  LYS B CB  1 
ATOM   1262 C CG  . LYS B 2 60 ? 8.383   -11.595 16.278  1.00 51.79 ? 60  LYS B CG  1 
ATOM   1263 C CD  . LYS B 2 60 ? 9.641   -10.759 16.558  1.00 54.34 ? 60  LYS B CD  1 
ATOM   1264 C CE  . LYS B 2 60 ? 9.570   -10.136 17.935  1.00 56.14 ? 60  LYS B CE  1 
ATOM   1265 N NZ  . LYS B 2 60 ? 10.441  -10.855 18.913  1.00 58.82 ? 60  LYS B NZ  1 
ATOM   1266 N N   . GLN B 2 61 ? 9.599   -15.620 14.807  1.00 51.22 ? 61  GLN B N   1 
ATOM   1267 C CA  . GLN B 2 61 ? 10.640  -16.599 14.471  1.00 58.74 ? 61  GLN B CA  1 
ATOM   1268 C C   . GLN B 2 61 ? 10.539  -17.033 13.028  1.00 60.78 ? 61  GLN B C   1 
ATOM   1269 O O   . GLN B 2 61 ? 11.074  -16.356 12.140  1.00 64.49 ? 61  GLN B O   1 
ATOM   1270 C CB  . GLN B 2 61 ? 10.543  -17.847 15.346  1.00 65.91 ? 61  GLN B CB  1 
ATOM   1271 C CG  . GLN B 2 61 ? 10.585  -17.566 16.838  1.00 73.53 ? 61  GLN B CG  1 
ATOM   1272 C CD  . GLN B 2 61 ? 10.850  -18.834 17.632  1.00 84.39 ? 61  GLN B CD  1 
ATOM   1273 O OE1 . GLN B 2 61 ? 10.827  -18.811 18.867  1.00 89.40 ? 61  GLN B OE1 1 
ATOM   1274 N NE2 . GLN B 2 61 ? 11.107  -19.953 16.960  1.00 84.25 ? 61  GLN B NE2 1 
ATOM   1275 N N   . LEU B 2 62 ? 9.629   -17.958 12.744  1.00 61.58 ? 62  LEU B N   1 
ATOM   1276 C CA  . LEU B 2 62 ? 9.430   -18.487 11.398  1.00 62.76 ? 62  LEU B CA  1 
ATOM   1277 C C   . LEU B 2 62 ? 9.563   -17.473 10.272  1.00 62.32 ? 62  LEU B C   1 
ATOM   1278 O O   . LEU B 2 62 ? 10.144  -17.821 9.235   1.00 64.99 ? 62  LEU B O   1 
ATOM   1279 C CB  . LEU B 2 62 ? 8.034   -19.139 11.355  1.00 69.26 ? 62  LEU B CB  1 
ATOM   1280 C CG  . LEU B 2 62 ? 6.986   -18.364 12.124  1.00 76.67 ? 62  LEU B CG  1 
ATOM   1281 C CD1 . LEU B 2 62 ? 6.336   -17.356 11.217  1.00 81.43 ? 62  LEU B CD1 1 
ATOM   1282 C CD2 . LEU B 2 62 ? 5.900   -19.142 12.812  1.00 83.97 ? 62  LEU B CD2 1 
ATOM   1283 N N   . THR B 2 63 ? 9.054   -16.246 10.448  1.00 57.77 ? 63  THR B N   1 
ATOM   1284 C CA  . THR B 2 63 ? 9.069   -15.262 9.403   1.00 54.90 ? 63  THR B CA  1 
ATOM   1285 C C   . THR B 2 63 ? 10.278  -14.358 9.328   1.00 59.00 ? 63  THR B C   1 
ATOM   1286 O O   . THR B 2 63 ? 10.088  -13.372 8.589   1.00 61.31 ? 63  THR B O   1 
ATOM   1287 C CB  . THR B 2 63 ? 7.814   -14.356 9.481   1.00 42.72 ? 63  THR B CB  1 
ATOM   1288 O OG1 . THR B 2 63 ? 7.753   -13.689 10.788  1.00 38.65 ? 63  THR B OG1 1 
ATOM   1289 C CG2 . THR B 2 63 ? 6.553   -15.117 9.193   1.00 34.80 ? 63  THR B CG2 1 
ATOM   1290 N N   . GLU B 2 64 ? 11.242  -14.316 10.227  1.00 60.99 ? 64  GLU B N   1 
ATOM   1291 C CA  . GLU B 2 64 ? 12.365  -13.371 10.118  1.00 66.79 ? 64  GLU B CA  1 
ATOM   1292 C C   . GLU B 2 64 ? 11.983  -11.959 10.526  1.00 68.16 ? 64  GLU B C   1 
ATOM   1293 O O   . GLU B 2 64 ? 12.767  -11.023 10.317  1.00 68.60 ? 64  GLU B O   1 
ATOM   1294 C CB  . GLU B 2 64 ? 12.983  -13.373 8.716   1.00 75.52 ? 64  GLU B CB  1 
ATOM   1295 C CG  . GLU B 2 64 ? 12.758  -12.239 7.731   1.00 80.51 ? 64  GLU B CG  1 
ATOM   1296 C CD  . GLU B 2 64 ? 11.903  -12.638 6.545   1.00 89.08 ? 64  GLU B CD  1 
ATOM   1297 O OE1 . GLU B 2 64 ? 12.408  -13.377 5.667   1.00 98.79 ? 64  GLU B OE1 1 
ATOM   1298 O OE2 . GLU B 2 64 ? 10.714  -12.241 6.493   1.00 89.04 ? 64  GLU B OE2 1 
ATOM   1299 N N   . ASN B 2 65 ? 10.799  -11.753 11.118  1.00 66.74 ? 65  ASN B N   1 
ATOM   1300 C CA  . ASN B 2 65 ? 10.315  -10.402 11.410  1.00 60.62 ? 65  ASN B CA  1 
ATOM   1301 C C   . ASN B 2 65 ? 9.793   -9.728  10.136  1.00 54.63 ? 65  ASN B C   1 
ATOM   1302 O O   . ASN B 2 65 ? 9.629   -8.525  9.906   1.00 55.19 ? 65  ASN B O   1 
ATOM   1303 C CB  . ASN B 2 65 ? 11.361  -9.578  12.145  1.00 75.77 ? 65  ASN B CB  1 
ATOM   1304 C CG  . ASN B 2 65 ? 11.474  -9.934  13.621  1.00 80.91 ? 65  ASN B CG  1 
ATOM   1305 O OD1 . ASN B 2 65 ? 11.485  -9.046  14.479  1.00 81.78 ? 65  ASN B OD1 1 
ATOM   1306 N ND2 . ASN B 2 65 ? 11.558  -11.228 13.905  1.00 86.84 ? 65  ASN B ND2 1 
ATOM   1307 N N   . GLY B 2 66 ? 9.248   -10.571 9.258   1.00 41.11 ? 66  GLY B N   1 
ATOM   1308 C CA  . GLY B 2 66 ? 8.171   -10.288 8.344   1.00 37.03 ? 66  GLY B CA  1 
ATOM   1309 C C   . GLY B 2 66 ? 6.984   -10.027 9.296   1.00 31.88 ? 66  GLY B C   1 
ATOM   1310 O O   . GLY B 2 66 ? 6.277   -9.012  9.153   1.00 31.09 ? 66  GLY B O   1 
ATOM   1311 N N   . ALA B 2 67 ? 6.859   -10.830 10.387  1.00 28.44 ? 67  ALA B N   1 
ATOM   1312 C CA  . ALA B 2 67 ? 5.787   -10.485 11.323  1.00 26.09 ? 67  ALA B CA  1 
ATOM   1313 C C   . ALA B 2 67 ? 5.913   -9.127  11.949  1.00 22.71 ? 67  ALA B C   1 
ATOM   1314 O O   . ALA B 2 67 ? 4.902   -8.409  12.170  1.00 22.60 ? 67  ALA B O   1 
ATOM   1315 C CB  . ALA B 2 67 ? 5.700   -11.457 12.510  1.00 31.69 ? 67  ALA B CB  1 
ATOM   1316 N N   . GLU B 2 68 ? 7.129   -8.714  12.375  1.00 21.26 ? 68  GLU B N   1 
ATOM   1317 C CA  . GLU B 2 68 ? 7.221   -7.412  12.994  1.00 23.64 ? 68  GLU B CA  1 
ATOM   1318 C C   . GLU B 2 68 ? 6.941   -6.300  11.992  1.00 21.03 ? 68  GLU B C   1 
ATOM   1319 O O   . GLU B 2 68 ? 6.385   -5.305  12.421  1.00 19.56 ? 68  GLU B O   1 
ATOM   1320 C CB  . GLU B 2 68 ? 8.677   -7.257  13.494  1.00 29.63 ? 68  GLU B CB  1 
ATOM   1321 C CG  . GLU B 2 68 ? 8.853   -6.042  14.384  1.00 46.43 ? 68  GLU B CG  1 
ATOM   1322 C CD  . GLU B 2 68 ? 8.096   -6.128  15.701  1.00 56.70 ? 68  GLU B CD  1 
ATOM   1323 O OE1 . GLU B 2 68 ? 7.947   -7.212  16.311  1.00 62.92 ? 68  GLU B OE1 1 
ATOM   1324 O OE2 . GLU B 2 68 ? 7.625   -5.039  16.127  1.00 62.06 ? 68  GLU B OE2 1 
ATOM   1325 N N   . SER B 2 69 ? 7.300   -6.531  10.698  1.00 21.24 ? 69  SER B N   1 
ATOM   1326 C CA  . SER B 2 69 ? 6.975   -5.413  9.790   1.00 22.41 ? 69  SER B CA  1 
ATOM   1327 C C   . SER B 2 69 ? 5.477   -5.214  9.641   1.00 22.53 ? 69  SER B C   1 
ATOM   1328 O O   . SER B 2 69 ? 4.983   -4.115  9.403   1.00 20.69 ? 69  SER B O   1 
ATOM   1329 C CB  . SER B 2 69 ? 7.492   -5.889  8.395   1.00 26.50 ? 69  SER B CB  1 
ATOM   1330 O OG  . SER B 2 69 ? 8.885   -5.558  8.493   1.00 39.20 ? 69  SER B OG  1 
ATOM   1331 N N   . VAL B 2 70 ? 4.748   -6.336  9.632   1.00 17.22 ? 70  VAL B N   1 
ATOM   1332 C CA  . VAL B 2 70 ? 3.302   -6.218  9.504   1.00 15.68 ? 70  VAL B CA  1 
ATOM   1333 C C   . VAL B 2 70 ? 2.699   -5.518  10.692  1.00 16.04 ? 70  VAL B C   1 
ATOM   1334 O O   . VAL B 2 70 ? 1.852   -4.621  10.626  1.00 17.21 ? 70  VAL B O   1 
ATOM   1335 C CB  . VAL B 2 70 ? 2.681   -7.608  9.218   1.00 18.17 ? 70  VAL B CB  1 
ATOM   1336 C CG1 . VAL B 2 70 ? 1.167   -7.576  9.347   1.00 17.81 ? 70  VAL B CG1 1 
ATOM   1337 C CG2 . VAL B 2 70 ? 3.047   -8.098  7.784   1.00 18.29 ? 70  VAL B CG2 1 
ATOM   1338 N N   . LEU B 2 71 ? 3.150   -5.971  11.940  1.00 16.37 ? 71  LEU B N   1 
ATOM   1339 C CA  . LEU B 2 71 ? 2.585   -5.403  13.136  1.00 16.04 ? 71  LEU B CA  1 
ATOM   1340 C C   . LEU B 2 71 ? 2.931   -3.887  13.245  1.00 19.41 ? 71  LEU B C   1 
ATOM   1341 O O   . LEU B 2 71 ? 2.050   -3.081  13.597  1.00 19.42 ? 71  LEU B O   1 
ATOM   1342 C CB  . LEU B 2 71 ? 3.242   -6.089  14.374  1.00 18.90 ? 71  LEU B CB  1 
ATOM   1343 C CG  . LEU B 2 71 ? 2.792   -5.526  15.732  1.00 26.07 ? 71  LEU B CG  1 
ATOM   1344 C CD1 . LEU B 2 71 ? 1.298   -5.722  15.928  1.00 32.31 ? 71  LEU B CD1 1 
ATOM   1345 C CD2 . LEU B 2 71 ? 3.615   -6.232  16.823  1.00 26.90 ? 71  LEU B CD2 1 
ATOM   1346 N N   . GLN B 2 72 ? 4.089   -3.493  12.680  1.00 19.43 ? 72  GLN B N   1 
ATOM   1347 C CA  . GLN B 2 72 ? 4.444   -2.057  12.704  1.00 20.10 ? 72  GLN B CA  1 
ATOM   1348 C C   . GLN B 2 72 ? 3.453   -1.290  11.858  1.00 20.13 ? 72  GLN B C   1 
ATOM   1349 O O   . GLN B 2 72 ? 3.102   -0.150  12.221  1.00 19.10 ? 72  GLN B O   1 
ATOM   1350 C CB  . GLN B 2 72 ? 5.884   -1.903  12.179  1.00 24.09 ? 72  GLN B CB  1 
ATOM   1351 C CG  . GLN B 2 72 ? 6.316   -0.424  12.182  1.00 40.10 ? 72  GLN B CG  1 
ATOM   1352 C CD  . GLN B 2 72 ? 6.126   0.215   13.551  1.00 50.69 ? 72  GLN B CD  1 
ATOM   1353 O OE1 . GLN B 2 72 ? 6.399   -0.360  14.615  1.00 50.81 ? 72  GLN B OE1 1 
ATOM   1354 N NE2 . GLN B 2 72 ? 5.628   1.452   13.536  1.00 57.60 ? 72  GLN B NE2 1 
ATOM   1355 N N   . VAL B 2 73 ? 2.954   -1.788  10.729  1.00 16.67 ? 73  VAL B N   1 
ATOM   1356 C CA  . VAL B 2 73 ? 1.982   -1.124  9.898   1.00 15.85 ? 73  VAL B CA  1 
ATOM   1357 C C   . VAL B 2 73 ? 0.698   -0.833  10.712  1.00 15.83 ? 73  VAL B C   1 
ATOM   1358 O O   . VAL B 2 73 ? 0.070   0.220   10.591  1.00 17.98 ? 73  VAL B O   1 
ATOM   1359 C CB  . VAL B 2 73 ? 1.620   -1.844  8.582   1.00 17.57 ? 73  VAL B CB  1 
ATOM   1360 C CG1 . VAL B 2 73 ? 0.579   -1.099  7.749   1.00 22.87 ? 73  VAL B CG1 1 
ATOM   1361 C CG2 . VAL B 2 73 ? 2.947   -1.840  7.785   1.00 20.38 ? 73  VAL B CG2 1 
ATOM   1362 N N   . PHE B 2 74 ? 0.197   -1.894  11.418  1.00 15.37 ? 74  PHE B N   1 
ATOM   1363 C CA  . PHE B 2 74 ? -0.984  -1.720  12.264  1.00 14.28 ? 74  PHE B CA  1 
ATOM   1364 C C   . PHE B 2 74 ? -0.725  -0.664  13.381  1.00 15.09 ? 74  PHE B C   1 
ATOM   1365 O O   . PHE B 2 74 ? -1.665  0.149   13.585  1.00 20.92 ? 74  PHE B O   1 
ATOM   1366 C CB  . PHE B 2 74 ? -1.320  -3.074  12.937  1.00 15.71 ? 74  PHE B CB  1 
ATOM   1367 C CG  . PHE B 2 74 ? -2.098  -3.978  11.979  1.00 13.35 ? 74  PHE B CG  1 
ATOM   1368 C CD1 . PHE B 2 74 ? -3.427  -3.868  11.751  1.00 15.85 ? 74  PHE B CD1 1 
ATOM   1369 C CD2 . PHE B 2 74 ? -1.414  -4.967  11.288  1.00 17.24 ? 74  PHE B CD2 1 
ATOM   1370 C CE1 . PHE B 2 74 ? -4.172  -4.717  10.925  1.00 18.60 ? 74  PHE B CE1 1 
ATOM   1371 C CE2 . PHE B 2 74 ? -2.122  -5.836  10.440  1.00 20.09 ? 74  PHE B CE2 1 
ATOM   1372 C CZ  . PHE B 2 74 ? -3.467  -5.711  10.251  1.00 20.45 ? 74  PHE B CZ  1 
ATOM   1373 N N   . ARG B 2 75 ? 0.490   -0.688  13.898  1.00 19.54 ? 75  ARG B N   1 
ATOM   1374 C CA  . ARG B 2 75 ? 0.739   0.288   15.013  1.00 20.00 ? 75  ARG B CA  1 
ATOM   1375 C C   . ARG B 2 75 ? 0.748   1.703   14.459  1.00 21.88 ? 75  ARG B C   1 
ATOM   1376 O O   . ARG B 2 75 ? 0.178   2.635   15.032  1.00 21.96 ? 75  ARG B O   1 
ATOM   1377 C CB  . ARG B 2 75 ? 2.026   -0.033  15.718  1.00 24.16 ? 75  ARG B CB  1 
ATOM   1378 C CG  . ARG B 2 75 ? 1.978   -1.342  16.511  1.00 25.97 ? 75  ARG B CG  1 
ATOM   1379 C CD  . ARG B 2 75 ? 3.046   -1.253  17.594  1.00 43.35 ? 75  ARG B CD  1 
ATOM   1380 N NE  . ARG B 2 75 ? 4.191   -2.090  17.307  1.00 54.93 ? 75  ARG B NE  1 
ATOM   1381 C CZ  . ARG B 2 75 ? 4.461   -3.144  18.089  1.00 58.93 ? 75  ARG B CZ  1 
ATOM   1382 N NH1 . ARG B 2 75 ? 3.694   -3.461  19.125  1.00 59.65 ? 75  ARG B NH1 1 
ATOM   1383 N NH2 . ARG B 2 75 ? 5.536   -3.850  17.764  1.00 58.65 ? 75  ARG B NH2 1 
ATOM   1384 N N   . GLU B 2 76 ? 1.292   1.860   13.228  1.00 18.56 ? 76  GLU B N   1 
ATOM   1385 C CA  . GLU B 2 76 ? 1.254   3.190   12.579  1.00 21.88 ? 76  GLU B CA  1 
ATOM   1386 C C   . GLU B 2 76 ? -0.111  3.628   12.211  1.00 22.90 ? 76  GLU B C   1 
ATOM   1387 O O   . GLU B 2 76 ? -0.440  4.834   12.392  1.00 24.66 ? 76  GLU B O   1 
ATOM   1388 C CB  . GLU B 2 76 ? 2.164   3.143   11.313  1.00 19.59 ? 76  GLU B CB  1 
ATOM   1389 C CG  A GLU B 2 76 ? 3.627   3.070   11.648  0.50 24.08 ? 76  GLU B CG  1 
ATOM   1390 C CG  B GLU B 2 76 ? 2.500   4.458   10.683  0.50 21.00 ? 76  GLU B CG  1 
ATOM   1391 C CD  A GLU B 2 76 ? 4.541   2.893   10.454  0.50 34.61 ? 76  GLU B CD  1 
ATOM   1392 C CD  B GLU B 2 76 ? 3.459   4.309   9.484   0.50 17.62 ? 76  GLU B CD  1 
ATOM   1393 O OE1 A GLU B 2 76 ? 4.044   3.023   9.317   0.50 36.81 ? 76  GLU B OE1 1 
ATOM   1394 O OE1 B GLU B 2 76 ? 4.390   3.497   9.491   0.50 22.70 ? 76  GLU B OE1 1 
ATOM   1395 O OE2 A GLU B 2 76 ? 5.738   2.632   10.678  0.50 34.49 ? 76  GLU B OE2 1 
ATOM   1396 O OE2 B GLU B 2 76 ? 3.210   5.084   8.554   0.50 25.84 ? 76  GLU B OE2 1 
ATOM   1397 N N   . ALA B 2 77 ? -1.020  2.756   11.764  1.00 17.73 ? 77  ALA B N   1 
ATOM   1398 C CA  . ALA B 2 77 ? -2.385  3.147   11.508  1.00 18.88 ? 77  ALA B CA  1 
ATOM   1399 C C   . ALA B 2 77 ? -3.100  3.573   12.797  1.00 25.44 ? 77  ALA B C   1 
ATOM   1400 O O   . ALA B 2 77 ? -3.807  4.598   12.784  1.00 25.78 ? 77  ALA B O   1 
ATOM   1401 C CB  . ALA B 2 77 ? -3.152  2.034   10.776  1.00 24.08 ? 77  ALA B CB  1 
ATOM   1402 N N   . LYS B 2 78 ? -2.830  2.861   13.882  1.00 20.69 ? 78  LYS B N   1 
ATOM   1403 C CA  . LYS B 2 78 ? -3.470  3.182   15.158  1.00 20.67 ? 78  LYS B CA  1 
ATOM   1404 C C   . LYS B 2 78 ? -2.928  4.553   15.580  1.00 26.59 ? 78  LYS B C   1 
ATOM   1405 O O   . LYS B 2 78 ? -3.721  5.407   15.945  1.00 30.72 ? 78  LYS B O   1 
ATOM   1406 C CB  . LYS B 2 78 ? -3.075  2.166   16.254  1.00 22.15 ? 78  LYS B CB  1 
ATOM   1407 C CG  . LYS B 2 78 ? -3.651  2.450   17.685  1.00 28.99 ? 78  LYS B CG  1 
ATOM   1408 C CD  . LYS B 2 78 ? -3.261  1.209   18.519  1.00 30.38 ? 78  LYS B CD  1 
ATOM   1409 C CE  . LYS B 2 78 ? -3.437  1.475   20.019  1.00 35.85 ? 78  LYS B CE  1 
ATOM   1410 N NZ  . LYS B 2 78 ? -4.904  1.661   20.263  1.00 39.51 ? 78  LYS B NZ  1 
ATOM   1411 N N   . ALA B 2 79 ? -1.647  4.832   15.371  1.00 30.99 ? 79  ALA B N   1 
ATOM   1412 C CA  . ALA B 2 79 ? -1.098  6.142   15.759  1.00 33.79 ? 79  ALA B CA  1 
ATOM   1413 C C   . ALA B 2 79 ? -1.608  7.294   14.923  1.00 40.55 ? 79  ALA B C   1 
ATOM   1414 O O   . ALA B 2 79 ? -1.513  8.438   15.387  1.00 42.14 ? 79  ALA B O   1 
ATOM   1415 C CB  . ALA B 2 79 ? 0.423   6.177   15.693  1.00 34.13 ? 79  ALA B CB  1 
ATOM   1416 N N   . GLU B 2 80 ? -2.160  7.099   13.748  1.00 33.37 ? 80  GLU B N   1 
ATOM   1417 C CA  . GLU B 2 80 ? -2.825  8.057   12.925  1.00 37.83 ? 80  GLU B CA  1 
ATOM   1418 C C   . GLU B 2 80 ? -4.306  8.145   13.278  1.00 41.31 ? 80  GLU B C   1 
ATOM   1419 O O   . GLU B 2 80 ? -4.997  8.969   12.672  1.00 41.14 ? 80  GLU B O   1 
ATOM   1420 C CB  . GLU B 2 80 ? -2.743  7.706   11.428  1.00 45.28 ? 80  GLU B CB  1 
ATOM   1421 C CG  . GLU B 2 80 ? -1.288  7.737   10.931  1.00 57.09 ? 80  GLU B CG  1 
ATOM   1422 C CD  . GLU B 2 80 ? -1.203  8.299   9.522   1.00 65.16 ? 80  GLU B CD  1 
ATOM   1423 O OE1 . GLU B 2 80 ? -2.282  8.511   8.909   1.00 61.61 ? 80  GLU B OE1 1 
ATOM   1424 O OE2 . GLU B 2 80 ? -0.052  8.503   9.067   1.00 66.38 ? 80  GLU B OE2 1 
ATOM   1425 N N   . GLY B 2 81 ? -4.770  7.389   14.291  1.00 35.19 ? 81  GLY B N   1 
ATOM   1426 C CA  . GLY B 2 81 ? -6.182  7.601   14.622  1.00 36.20 ? 81  GLY B CA  1 
ATOM   1427 C C   . GLY B 2 81 ? -7.105  6.580   14.022  1.00 36.27 ? 81  GLY B C   1 
ATOM   1428 O O   . GLY B 2 81 ? -8.299  6.768   14.269  1.00 35.91 ? 81  GLY B O   1 
ATOM   1429 N N   . CYS B 2 82 ? -6.646  5.491   13.377  1.00 30.20 ? 82  CYS B N   1 
ATOM   1430 C CA  . CYS B 2 82 ? -7.610  4.432   13.066  1.00 25.74 ? 82  CYS B CA  1 
ATOM   1431 C C   . CYS B 2 82 ? -7.962  3.666   14.384  1.00 24.34 ? 82  CYS B C   1 
ATOM   1432 O O   . CYS B 2 82 ? -7.020  3.536   15.160  1.00 26.95 ? 82  CYS B O   1 
ATOM   1433 C CB  . CYS B 2 82 ? -7.004  3.375   12.169  1.00 20.51 ? 82  CYS B CB  1 
ATOM   1434 S SG  . CYS B 2 82 ? -6.612  4.170   10.538  1.00 32.74 ? 82  CYS B SG  1 
ATOM   1435 N N   . ASP B 2 83 ? -9.218  3.295   14.534  1.00 25.56 ? 83  ASP B N   1 
ATOM   1436 C CA  . ASP B 2 83 ? -9.606  2.671   15.802  1.00 21.53 ? 83  ASP B CA  1 
ATOM   1437 C C   . ASP B 2 83 ? -9.363  1.122   15.770  1.00 18.55 ? 83  ASP B C   1 
ATOM   1438 O O   . ASP B 2 83 ? -10.223 0.336   15.364  1.00 19.72 ? 83  ASP B O   1 
ATOM   1439 C CB  . ASP B 2 83 ? -11.098 2.880   15.988  1.00 24.08 ? 83  ASP B CB  1 
ATOM   1440 C CG  . ASP B 2 83 ? -11.515 2.460   17.398  1.00 33.07 ? 83  ASP B CG  1 
ATOM   1441 O OD1 . ASP B 2 83 ? -10.715 1.852   18.147  1.00 36.08 ? 83  ASP B OD1 1 
ATOM   1442 O OD2 . ASP B 2 83 ? -12.692 2.731   17.683  1.00 40.73 ? 83  ASP B OD2 1 
ATOM   1443 N N   . ILE B 2 84 ? -8.111  0.839   16.028  1.00 20.00 ? 84  ILE B N   1 
ATOM   1444 C CA  . ILE B 2 84 ? -7.593  -0.519  16.101  1.00 17.20 ? 84  ILE B CA  1 
ATOM   1445 C C   . ILE B 2 84 ? -7.110  -0.876  17.514  1.00 16.65 ? 84  ILE B C   1 
ATOM   1446 O O   . ILE B 2 84 ? -6.337  -0.110  18.104  1.00 22.18 ? 84  ILE B O   1 
ATOM   1447 C CB  . ILE B 2 84 ? -6.327  -0.583  15.157  1.00 18.18 ? 84  ILE B CB  1 
ATOM   1448 C CG1 . ILE B 2 84 ? -6.818  -0.344  13.739  1.00 17.62 ? 84  ILE B CG1 1 
ATOM   1449 C CG2 . ILE B 2 84 ? -5.766  -2.016  15.183  1.00 20.08 ? 84  ILE B CG2 1 
ATOM   1450 C CD1 . ILE B 2 84 ? -5.631  0.039   12.817  1.00 23.05 ? 84  ILE B CD1 1 
ATOM   1451 N N   . THR B 2 85 ? -7.584  -2.041  17.943  1.00 15.08 ? 85  THR B N   1 
ATOM   1452 C CA  . THR B 2 85 ? -7.039  -2.587  19.228  1.00 16.40 ? 85  THR B CA  1 
ATOM   1453 C C   . THR B 2 85 ? -6.225  -3.859  18.840  1.00 16.85 ? 85  THR B C   1 
ATOM   1454 O O   . THR B 2 85 ? -6.763  -4.680  18.153  1.00 18.32 ? 85  THR B O   1 
ATOM   1455 C CB  . THR B 2 85 ? -8.199  -3.088  20.091  1.00 23.17 ? 85  THR B CB  1 
ATOM   1456 O OG1 . THR B 2 85 ? -9.013  -1.916  20.381  1.00 23.40 ? 85  THR B OG1 1 
ATOM   1457 C CG2 . THR B 2 85 ? -7.690  -3.682  21.430  1.00 20.89 ? 85  THR B CG2 1 
ATOM   1458 N N   . ILE B 2 86 ? -4.993  -3.788  19.282  1.00 15.23 ? 86  ILE B N   1 
ATOM   1459 C CA  . ILE B 2 86 ? -4.126  -4.979  18.999  1.00 12.12 ? 86  ILE B CA  1 
ATOM   1460 C C   . ILE B 2 86 ? -3.943  -5.740  20.323  1.00 14.33 ? 86  ILE B C   1 
ATOM   1461 O O   . ILE B 2 86 ? -3.619  -5.093  21.325  1.00 16.60 ? 86  ILE B O   1 
ATOM   1462 C CB  . ILE B 2 86 ? -2.777  -4.400  18.592  1.00 17.26 ? 86  ILE B CB  1 
ATOM   1463 C CG1 . ILE B 2 86 ? -2.930  -3.656  17.214  1.00 20.33 ? 86  ILE B CG1 1 
ATOM   1464 C CG2 . ILE B 2 86 ? -1.714  -5.482  18.377  1.00 19.69 ? 86  ILE B CG2 1 
ATOM   1465 C CD1 . ILE B 2 86 ? -1.709  -2.774  17.002  1.00 23.22 ? 86  ILE B CD1 1 
ATOM   1466 N N   . ILE B 2 87 ? -4.220  -7.033  20.232  1.00 13.45 ? 87  ILE B N   1 
ATOM   1467 C CA  . ILE B 2 87 ? -4.007  -7.856  21.465  1.00 14.39 ? 87  ILE B CA  1 
ATOM   1468 C C   . ILE B 2 87 ? -3.104  -9.011  21.008  1.00 14.00 ? 87  ILE B C   1 
ATOM   1469 O O   . ILE B 2 87 ? -3.441  -9.854  20.171  1.00 16.76 ? 87  ILE B O   1 
ATOM   1470 C CB  . ILE B 2 87 ? -5.367  -8.416  21.834  1.00 19.05 ? 87  ILE B CB  1 
ATOM   1471 C CG1 . ILE B 2 87 ? -6.398  -7.356  22.193  1.00 19.49 ? 87  ILE B CG1 1 
ATOM   1472 C CG2 . ILE B 2 87 ? -5.144  -9.358  23.066  1.00 24.22 ? 87  ILE B CG2 1 
ATOM   1473 C CD1 . ILE B 2 87 ? -7.827  -7.861  22.092  1.00 25.07 ? 87  ILE B CD1 1 
ATOM   1474 N N   . LEU B 2 88 ? -1.931  -9.011  21.629  1.00 14.43 ? 88  LEU B N   1 
ATOM   1475 C CA  . LEU B 2 88 ? -1.004  -10.126 21.334  1.00 13.98 ? 88  LEU B CA  1 
ATOM   1476 C C   . LEU B 2 88 ? -1.108  -11.174 22.457  1.00 16.07 ? 88  LEU B C   1 
ATOM   1477 O O   . LEU B 2 88 ? -1.397  -10.809 23.589  1.00 18.19 ? 88  LEU B O   1 
ATOM   1478 C CB  . LEU B 2 88 ? 0.423   -9.514  21.445  1.00 15.49 ? 88  LEU B CB  1 
ATOM   1479 C CG  . LEU B 2 88 ? 0.692   -8.310  20.511  1.00 18.38 ? 88  LEU B CG  1 
ATOM   1480 C CD1 . LEU B 2 88 ? 2.109   -7.769  20.723  1.00 20.14 ? 88  LEU B CD1 1 
ATOM   1481 C CD2 . LEU B 2 88 ? 0.447   -8.705  19.064  1.00 17.97 ? 88  LEU B CD2 1 
ATOM   1482 N N   . SER B 2 89 ? -0.716  -12.385 22.087  1.00 16.43 ? 89  SER B N   1 
ATOM   1483 C CA  . SER B 2 89 ? -0.557  -13.363 23.236  1.00 19.98 ? 89  SER B CA  1 
ATOM   1484 C C   . SER B 2 89 ? 0.680   -14.160 22.896  1.00 25.32 ? 89  SER B C   1 
ATOM   1485 O O   . SER B 2 89 ? 1.282   -13.997 21.845  1.00 22.09 ? 89  SER B O   1 
ATOM   1486 C CB  . SER B 2 89 ? -1.790  -14.212 23.394  1.00 24.88 ? 89  SER B CB  1 
ATOM   1487 O OG  . SER B 2 89 ? -1.902  -15.019 22.252  1.00 31.22 ? 89  SER B OG  1 
ATOM   1488 O OXT . SER B 2 89 ? 1.275   -14.826 23.804  1.00 23.88 ? 89  SER B OXT 1 
HETATM 1489 O O   . HOH C 3 .  ? 9.328   8.933   1.311   1.00 13.63 ? 97  HOH A O   1 
HETATM 1490 O O   . HOH C 3 .  ? 7.892   13.412  -3.983  1.00 14.68 ? 98  HOH A O   1 
HETATM 1491 O O   . HOH C 3 .  ? -7.077  2.974   -9.508  1.00 15.39 ? 99  HOH A O   1 
HETATM 1492 O O   . HOH C 3 .  ? 0.823   2.848   0.418   1.00 16.82 ? 100 HOH A O   1 
HETATM 1493 O O   . HOH C 3 .  ? -6.753  9.926   -12.529 1.00 17.09 ? 101 HOH A O   1 
HETATM 1494 O O   . HOH C 3 .  ? 14.722  7.431   -6.097  1.00 17.96 ? 102 HOH A O   1 
HETATM 1495 O O   . HOH C 3 .  ? 11.183  6.924   1.704   1.00 18.08 ? 103 HOH A O   1 
HETATM 1496 O O   . HOH C 3 .  ? 3.439   4.982   2.860   1.00 18.87 ? 104 HOH A O   1 
HETATM 1497 O O   . HOH C 3 .  ? 12.483  4.415   0.602   1.00 19.06 ? 105 HOH A O   1 
HETATM 1498 O O   . HOH C 3 .  ? 8.858   -3.398  -9.994  1.00 19.46 ? 106 HOH A O   1 
HETATM 1499 O O   . HOH C 3 .  ? 3.376   16.328  -12.955 1.00 19.47 ? 107 HOH A O   1 
HETATM 1500 O O   . HOH C 3 .  ? -1.479  8.185   -20.074 1.00 19.51 ? 108 HOH A O   1 
HETATM 1501 O O   . HOH C 3 .  ? 1.280   6.500   1.845   1.00 19.58 ? 109 HOH A O   1 
HETATM 1502 O O   . HOH C 3 .  ? 2.466   -2.108  -12.292 1.00 19.62 ? 110 HOH A O   1 
HETATM 1503 O O   . HOH C 3 .  ? 8.072   10.676  -15.520 1.00 20.29 ? 111 HOH A O   1 
HETATM 1504 O O   . HOH C 3 .  ? 8.036   -0.616  -2.016  1.00 20.88 ? 112 HOH A O   1 
HETATM 1505 O O   . HOH C 3 .  ? -6.957  4.233   -15.385 1.00 21.02 ? 113 HOH A O   1 
HETATM 1506 O O   . HOH C 3 .  ? -2.322  4.920   0.672   1.00 21.51 ? 114 HOH A O   1 
HETATM 1507 O O   . HOH C 3 .  ? 5.204   -8.167  2.757   1.00 23.08 ? 115 HOH A O   1 
HETATM 1508 O O   . HOH C 3 .  ? -10.525 4.874   -9.062  1.00 23.38 ? 116 HOH A O   1 
HETATM 1509 O O   . HOH C 3 .  ? -8.031  -0.670  -10.490 1.00 23.76 ? 117 HOH A O   1 
HETATM 1510 O O   . HOH C 3 .  ? -5.365  11.662  -7.977  1.00 23.88 ? 118 HOH A O   1 
HETATM 1511 O O   . HOH C 3 .  ? 3.639   11.276  -23.899 1.00 24.18 ? 119 HOH A O   1 
HETATM 1512 O O   . HOH C 3 .  ? -8.706  10.890  -14.280 1.00 24.21 ? 120 HOH A O   1 
HETATM 1513 O O   . HOH C 3 .  ? 9.794   11.676  -18.588 1.00 24.45 ? 121 HOH A O   1 
HETATM 1514 O O   . HOH C 3 .  ? 16.953  10.437  0.426   1.00 24.66 ? 122 HOH A O   1 
HETATM 1515 O O   . HOH C 3 .  ? 9.353   15.957  2.007   1.00 25.55 ? 123 HOH A O   1 
HETATM 1516 O O   . HOH C 3 .  ? 1.999   12.796  4.459   1.00 26.79 ? 124 HOH A O   1 
HETATM 1517 O O   . HOH C 3 .  ? -6.266  16.529  -14.769 1.00 26.92 ? 125 HOH A O   1 
HETATM 1518 O O   . HOH C 3 .  ? -7.086  11.764  -10.474 1.00 26.93 ? 126 HOH A O   1 
HETATM 1519 O O   . HOH C 3 .  ? 4.802   15.284  -5.378  1.00 27.42 ? 127 HOH A O   1 
HETATM 1520 O O   . HOH C 3 .  ? 5.338   14.745  -11.264 1.00 27.51 ? 128 HOH A O   1 
HETATM 1521 O O   . HOH C 3 .  ? 6.735   15.499  -13.751 1.00 28.74 ? 129 HOH A O   1 
HETATM 1522 O O   . HOH C 3 .  ? -2.611  -0.486  -15.644 1.00 28.93 ? 130 HOH A O   1 
HETATM 1523 O O   . HOH C 3 .  ? -1.087  -7.121  -7.271  1.00 29.66 ? 131 HOH A O   1 
HETATM 1524 O O   . HOH C 3 .  ? -4.230  -2.005  -13.762 1.00 29.68 ? 132 HOH A O   1 
HETATM 1525 O O   . HOH C 3 .  ? 9.390   16.018  -1.529  1.00 30.17 ? 133 HOH A O   1 
HETATM 1526 O O   . HOH C 3 .  ? 5.969   -5.228  -3.568  1.00 31.84 ? 134 HOH A O   1 
HETATM 1527 O O   . HOH C 3 .  ? -5.975  16.255  -17.707 1.00 32.51 ? 135 HOH A O   1 
HETATM 1528 O O   . HOH C 3 .  ? 8.592   16.083  -4.421  1.00 32.88 ? 136 HOH A O   1 
HETATM 1529 O O   . HOH C 3 .  ? -8.667  3.553   -18.860 1.00 32.88 ? 137 HOH A O   1 
HETATM 1530 O O   . HOH C 3 .  ? 10.379  5.646   3.979   1.00 33.26 ? 138 HOH A O   1 
HETATM 1531 O O   . HOH C 3 .  ? -1.167  10.266  -22.748 1.00 34.02 ? 139 HOH A O   1 
HETATM 1532 O O   . HOH C 3 .  ? -2.712  7.330   -22.902 1.00 34.41 ? 140 HOH A O   1 
HETATM 1533 O O   . HOH C 3 .  ? 11.435  9.423   -17.200 1.00 35.35 ? 141 HOH A O   1 
HETATM 1534 O O   . HOH C 3 .  ? -10.742 6.036   -20.228 1.00 35.96 ? 142 HOH A O   1 
HETATM 1535 O O   . HOH C 3 .  ? 8.830   14.183  -9.947  1.00 36.31 ? 143 HOH A O   1 
HETATM 1536 O O   . HOH C 3 .  ? -11.760 3.262   -2.254  1.00 36.33 ? 144 HOH A O   1 
HETATM 1537 O O   . HOH C 3 .  ? 12.156  2.089   2.108   1.00 36.49 ? 145 HOH A O   1 
HETATM 1538 O O   . HOH C 3 .  ? 4.039   -0.814  -14.058 1.00 36.49 ? 146 HOH A O   1 
HETATM 1539 O O   . HOH C 3 .  ? 4.635   16.215  2.288   1.00 36.66 ? 147 HOH A O   1 
HETATM 1540 O O   . HOH C 3 .  ? 6.716   -0.172  7.168   1.00 36.70 ? 148 HOH A O   1 
HETATM 1541 O O   . HOH C 3 .  ? 2.463   8.095   4.789   1.00 37.17 ? 149 HOH A O   1 
HETATM 1542 O O   . HOH C 3 .  ? 8.550   -5.731  -7.974  1.00 38.36 ? 150 HOH A O   1 
HETATM 1543 O O   . HOH C 3 .  ? 17.104  7.141   -7.470  1.00 38.44 ? 151 HOH A O   1 
HETATM 1544 O O   . HOH C 3 .  ? 0.542   -3.765  -13.685 1.00 38.90 ? 152 HOH A O   1 
HETATM 1545 O O   . HOH C 3 .  ? 18.158  7.352   3.445   1.00 39.16 ? 153 HOH A O   1 
HETATM 1546 O O   . HOH C 3 .  ? -11.460 10.050  -14.848 1.00 39.57 ? 154 HOH A O   1 
HETATM 1547 O O   . HOH C 3 .  ? 0.893   10.724  -24.263 1.00 40.01 ? 155 HOH A O   1 
HETATM 1548 O O   . HOH C 3 .  ? -13.601 13.605  -3.454  1.00 40.17 ? 156 HOH A O   1 
HETATM 1549 O O   . HOH C 3 .  ? -5.576  15.138  -1.083  1.00 40.41 ? 157 HOH A O   1 
HETATM 1550 O O   . HOH C 3 .  ? 15.557  -0.321  -2.667  1.00 41.52 ? 158 HOH A O   1 
HETATM 1551 O O   . HOH C 3 .  ? 6.837   15.786  2.570   1.00 41.78 ? 159 HOH A O   1 
HETATM 1552 O O   . HOH C 3 .  ? 18.030  1.233   -3.152  1.00 42.01 ? 160 HOH A O   1 
HETATM 1553 O O   . HOH C 3 .  ? 19.064  4.908   -3.135  1.00 42.25 ? 161 HOH A O   1 
HETATM 1554 O O   . HOH C 3 .  ? 10.384  10.192  -26.943 1.00 42.58 ? 162 HOH A O   1 
HETATM 1555 O O   . HOH C 3 .  ? 9.584   5.412   6.503   1.00 42.87 ? 163 HOH A O   1 
HETATM 1556 O O   . HOH C 3 .  ? 1.047   17.311  -4.048  1.00 42.95 ? 164 HOH A O   1 
HETATM 1557 O O   . HOH C 3 .  ? -7.213  18.619  -3.157  1.00 42.99 ? 165 HOH A O   1 
HETATM 1558 O O   . HOH C 3 .  ? -9.035  10.464  -18.939 1.00 43.73 ? 166 HOH A O   1 
HETATM 1559 O O   . HOH C 3 .  ? -8.580  15.680  -13.772 1.00 43.74 ? 167 HOH A O   1 
HETATM 1560 O O   . HOH C 3 .  ? -11.430 9.037   -17.353 1.00 43.78 ? 168 HOH A O   1 
HETATM 1561 O O   . HOH C 3 .  ? -9.243  1.085   -17.811 1.00 43.85 ? 169 HOH A O   1 
HETATM 1562 O O   . HOH C 3 .  ? 1.750   -8.059  -10.426 1.00 44.13 ? 170 HOH A O   1 
HETATM 1563 O O   . HOH C 3 .  ? -13.650 5.094   -9.834  1.00 44.66 ? 171 HOH A O   1 
HETATM 1564 O O   . HOH C 3 .  ? 6.820   -8.249  5.315   1.00 44.77 ? 172 HOH A O   1 
HETATM 1565 O O   . HOH C 3 .  ? 13.131  10.500  -15.321 1.00 44.87 ? 173 HOH A O   1 
HETATM 1566 O O   . HOH C 3 .  ? 2.217   16.456  -1.280  1.00 44.96 ? 174 HOH A O   1 
HETATM 1567 O O   . HOH C 3 .  ? 4.233   -7.768  -3.908  1.00 45.27 ? 175 HOH A O   1 
HETATM 1568 O O   . HOH C 3 .  ? 15.297  0.405   -9.519  1.00 45.33 ? 176 HOH A O   1 
HETATM 1569 O O   . HOH C 3 .  ? -12.769 7.310   -8.578  1.00 45.91 ? 177 HOH A O   1 
HETATM 1570 O O   . HOH C 3 .  ? -6.258  12.088  -20.195 1.00 46.13 ? 178 HOH A O   1 
HETATM 1571 O O   . HOH C 3 .  ? 12.430  10.823  -20.276 1.00 46.33 ? 179 HOH A O   1 
HETATM 1572 O O   . HOH C 3 .  ? -5.920  17.642  -20.320 1.00 46.63 ? 180 HOH A O   1 
HETATM 1573 O O   . HOH C 3 .  ? 4.772   -4.506  -13.908 1.00 46.92 ? 181 HOH A O   1 
HETATM 1574 O O   . HOH C 3 .  ? 9.042   -1.816  6.000   1.00 47.25 ? 182 HOH A O   1 
HETATM 1575 O O   . HOH C 3 .  ? 13.384  9.156   -23.010 1.00 47.31 ? 183 HOH A O   1 
HETATM 1576 O O   . HOH C 3 .  ? 18.889  10.864  -2.890  1.00 47.64 ? 184 HOH A O   1 
HETATM 1577 O O   . HOH C 3 .  ? -3.085  3.564   -23.522 1.00 47.67 ? 185 HOH A O   1 
HETATM 1578 O O   . HOH C 3 .  ? 17.343  15.499  -11.414 1.00 47.79 ? 186 HOH A O   1 
HETATM 1579 O O   . HOH C 3 .  ? 4.182   13.276  6.569   1.00 47.83 ? 187 HOH A O   1 
HETATM 1580 O O   . HOH C 3 .  ? 5.694   15.615  4.927   1.00 47.90 ? 188 HOH A O   1 
HETATM 1581 O O   . HOH C 3 .  ? -9.816  16.626  -9.122  1.00 48.41 ? 189 HOH A O   1 
HETATM 1582 O O   . HOH C 3 .  ? 15.084  20.201  -13.994 1.00 48.45 ? 190 HOH A O   1 
HETATM 1583 O O   . HOH C 3 .  ? 19.269  6.998   0.312   1.00 48.64 ? 191 HOH A O   1 
HETATM 1584 O O   . HOH C 3 .  ? 6.489   15.999  -9.058  1.00 48.69 ? 192 HOH A O   1 
HETATM 1585 O O   . HOH C 3 .  ? 10.025  2.382   5.056   1.00 48.95 ? 193 HOH A O   1 
HETATM 1586 O O   . HOH C 3 .  ? -4.192  20.572  -13.781 1.00 49.67 ? 194 HOH A O   1 
HETATM 1587 O O   . HOH C 3 .  ? 12.840  19.189  -11.790 1.00 49.73 ? 195 HOH A O   1 
HETATM 1588 O O   . HOH C 3 .  ? -7.254  -2.485  -12.260 1.00 49.88 ? 196 HOH A O   1 
HETATM 1589 O O   . HOH C 3 .  ? -6.160  19.248  -15.034 1.00 50.01 ? 197 HOH A O   1 
HETATM 1590 O O   . HOH C 3 .  ? 16.171  16.878  -8.070  1.00 50.03 ? 198 HOH A O   1 
HETATM 1591 O O   . HOH C 3 .  ? 14.894  4.629   -18.451 1.00 50.13 ? 199 HOH A O   1 
HETATM 1592 O O   . HOH C 3 .  ? 13.988  2.232   -15.204 1.00 50.15 ? 200 HOH A O   1 
HETATM 1593 O O   . HOH C 3 .  ? 16.777  5.582   4.844   1.00 50.15 ? 201 HOH A O   1 
HETATM 1594 O O   . HOH C 3 .  ? -9.840  13.529  -10.723 1.00 51.08 ? 202 HOH A O   1 
HETATM 1595 O O   . HOH C 3 .  ? -13.109 -1.060  -7.446  1.00 51.31 ? 203 HOH A O   1 
HETATM 1596 O O   . HOH C 3 .  ? 1.617   18.740  -6.242  1.00 51.50 ? 204 HOH A O   1 
HETATM 1597 O O   . HOH C 3 .  ? 4.625   17.098  -2.505  1.00 52.63 ? 205 HOH A O   1 
HETATM 1598 O O   . HOH C 3 .  ? -12.011 0.405   -16.395 1.00 52.79 ? 206 HOH A O   1 
HETATM 1599 O O   . HOH C 3 .  ? 2.330   15.181  2.522   1.00 52.83 ? 207 HOH A O   1 
HETATM 1600 O O   . HOH C 3 .  ? -13.893 -0.741  -13.476 1.00 52.90 ? 208 HOH A O   1 
HETATM 1601 O O   . HOH C 3 .  ? 14.387  5.290   4.427   1.00 53.43 ? 209 HOH A O   1 
HETATM 1602 O O   . HOH C 3 .  ? -9.443  4.956   -0.122  1.00 53.96 ? 210 HOH A O   1 
HETATM 1603 O O   . HOH C 3 .  ? 2.788   -0.825  -16.518 1.00 54.02 ? 211 HOH A O   1 
HETATM 1604 O O   . HOH C 3 .  ? 11.711  -5.624  -7.149  1.00 55.05 ? 212 HOH A O   1 
HETATM 1605 O O   . HOH C 3 .  ? -11.064 -1.697  -9.409  1.00 55.81 ? 213 HOH A O   1 
HETATM 1606 O O   . HOH C 3 .  ? -10.368 14.858  -1.159  1.00 57.78 ? 214 HOH A O   1 
HETATM 1607 O O   . HOH C 3 .  ? 11.736  -3.414  2.776   1.00 58.00 ? 215 HOH A O   1 
HETATM 1608 O O   . HOH C 3 .  ? 8.448   16.271  -7.426  1.00 58.01 ? 216 HOH A O   1 
HETATM 1609 O O   . HOH C 3 .  ? 11.409  18.838  -13.725 1.00 61.88 ? 217 HOH A O   1 
HETATM 1610 O O   . HOH C 3 .  ? -3.761  -1.102  -18.034 1.00 62.24 ? 218 HOH A O   1 
HETATM 1611 O O   . HOH C 3 .  ? 0.033   -0.329  -23.790 1.00 62.36 ? 219 HOH A O   1 
HETATM 1612 O O   . HOH C 3 .  ? -2.511  15.449  0.704   1.00 62.61 ? 220 HOH A O   1 
HETATM 1613 O O   . HOH C 3 .  ? 18.700  1.350   -5.814  1.00 63.72 ? 221 HOH A O   1 
HETATM 1614 O O   . HOH C 3 .  ? -4.818  -3.787  -16.026 1.00 67.59 ? 222 HOH A O   1 
HETATM 1615 O O   . HOH C 3 .  ? -4.755  18.773  -1.741  1.00 68.18 ? 223 HOH A O   1 
HETATM 1616 O O   . HOH C 3 .  ? -2.105  -4.909  -13.342 1.00 68.52 ? 224 HOH A O   1 
HETATM 1617 O O   . HOH D 3 .  ? 2.948   2.426   1.994   1.00 17.65 ? 90  HOH B O   1 
HETATM 1618 O O   . HOH D 3 .  ? -2.899  -11.867 25.550  1.00 19.44 ? 91  HOH B O   1 
HETATM 1619 O O   . HOH D 3 .  ? -10.712 -1.145  18.388  1.00 24.56 ? 92  HOH B O   1 
HETATM 1620 O O   . HOH D 3 .  ? 0.954   -14.226 26.538  1.00 25.66 ? 93  HOH B O   1 
HETATM 1621 O O   . HOH D 3 .  ? -10.147 2.106   6.591   1.00 28.00 ? 94  HOH B O   1 
HETATM 1622 O O   . HOH D 3 .  ? 3.999   -14.088 22.012  1.00 28.52 ? 95  HOH B O   1 
HETATM 1623 O O   . HOH D 3 .  ? -4.539  -17.696 11.387  1.00 29.33 ? 96  HOH B O   1 
HETATM 1624 O O   . HOH D 3 .  ? -4.855  -10.610 -3.452  1.00 29.45 ? 97  HOH B O   1 
HETATM 1625 O O   . HOH D 3 .  ? -4.119  -12.585 21.137  1.00 29.50 ? 98  HOH B O   1 
HETATM 1626 O O   . HOH D 3 .  ? 5.518   -1.329  -2.792  1.00 30.41 ? 99  HOH B O   1 
HETATM 1627 O O   . HOH D 3 .  ? -12.953 -4.677  6.483   1.00 31.22 ? 100 HOH B O   1 
HETATM 1628 O O   . HOH D 3 .  ? -3.881  -2.186  21.306  1.00 31.57 ? 101 HOH B O   1 
HETATM 1629 O O   . HOH D 3 .  ? 1.997   -20.657 6.628   1.00 32.40 ? 102 HOH B O   1 
HETATM 1630 O O   . HOH D 3 .  ? -1.408  -24.952 16.331  1.00 34.10 ? 103 HOH B O   1 
HETATM 1631 O O   . HOH D 3 .  ? 4.361   -16.815 21.132  1.00 34.49 ? 104 HOH B O   1 
HETATM 1632 O O   . HOH D 3 .  ? -3.819  -6.073  -7.701  1.00 35.22 ? 105 HOH B O   1 
HETATM 1633 O O   . HOH D 3 .  ? 0.420   2.734   17.875  1.00 35.84 ? 106 HOH B O   1 
HETATM 1634 O O   . HOH D 3 .  ? -18.639 -11.149 18.579  1.00 36.06 ? 107 HOH B O   1 
HETATM 1635 O O   . HOH D 3 .  ? 6.893   -2.197  8.716   1.00 36.74 ? 108 HOH B O   1 
HETATM 1636 O O   . HOH D 3 .  ? -6.511  5.338   17.361  1.00 36.82 ? 109 HOH B O   1 
HETATM 1637 O O   . HOH D 3 .  ? -11.199 4.768   13.017  1.00 37.02 ? 110 HOH B O   1 
HETATM 1638 O O   . HOH D 3 .  ? 3.309   -19.448 0.429   1.00 38.25 ? 111 HOH B O   1 
HETATM 1639 O O   . HOH D 3 .  ? -13.811 -11.341 7.284   1.00 38.48 ? 112 HOH B O   1 
HETATM 1640 O O   . HOH D 3 .  ? -6.131  -13.042 22.811  1.00 40.14 ? 113 HOH B O   1 
HETATM 1641 O O   . HOH D 3 .  ? -3.186  -17.350 22.713  1.00 40.58 ? 114 HOH B O   1 
HETATM 1642 O O   . HOH D 3 .  ? -13.010 -11.281 10.459  1.00 40.83 ? 115 HOH B O   1 
HETATM 1643 O O   . HOH D 3 .  ? -15.905 -9.734  12.863  1.00 41.49 ? 116 HOH B O   1 
HETATM 1644 O O   . HOH D 3 .  ? -3.093  -19.719 18.311  1.00 41.91 ? 117 HOH B O   1 
HETATM 1645 O O   . HOH D 3 .  ? 1.172   -9.332  -5.417  1.00 42.54 ? 118 HOH B O   1 
HETATM 1646 O O   . HOH D 3 .  ? -17.002 3.279   12.936  1.00 42.84 ? 119 HOH B O   1 
HETATM 1647 O O   . HOH D 3 .  ? -14.869 -5.792  2.754   1.00 43.14 ? 120 HOH B O   1 
HETATM 1648 O O   . HOH D 3 .  ? -2.600  6.394   2.942   1.00 43.46 ? 121 HOH B O   1 
HETATM 1649 O O   . HOH D 3 .  ? -12.216 -14.096 12.804  1.00 44.16 ? 122 HOH B O   1 
HETATM 1650 O O   . HOH D 3 .  ? -7.210  -16.897 11.339  1.00 44.40 ? 123 HOH B O   1 
HETATM 1651 O O   . HOH D 3 .  ? -13.407 -12.369 4.058   1.00 44.79 ? 124 HOH B O   1 
HETATM 1652 O O   . HOH D 3 .  ? 7.687   -23.073 15.547  1.00 45.18 ? 125 HOH B O   1 
HETATM 1653 O O   . HOH D 3 .  ? -13.120 -1.851  19.733  1.00 45.32 ? 126 HOH B O   1 
HETATM 1654 O O   . HOH D 3 .  ? 9.443   -18.551 5.945   1.00 46.34 ? 127 HOH B O   1 
HETATM 1655 O O   . HOH D 3 .  ? 1.588   -13.226 -1.682  1.00 46.69 ? 128 HOH B O   1 
HETATM 1656 O O   . HOH D 3 .  ? -11.460 -10.644 0.776   1.00 46.70 ? 129 HOH B O   1 
HETATM 1657 O O   . HOH D 3 .  ? -7.536  0.813   -1.996  1.00 47.60 ? 130 HOH B O   1 
HETATM 1658 O O   . HOH D 3 .  ? 6.171   -16.135 1.240   1.00 47.71 ? 131 HOH B O   1 
HETATM 1659 O O   . HOH D 3 .  ? -7.499  -15.257 1.314   1.00 47.98 ? 132 HOH B O   1 
HETATM 1660 O O   . HOH D 3 .  ? -13.281 -6.645  -4.135  1.00 48.49 ? 133 HOH B O   1 
HETATM 1661 O O   . HOH D 3 .  ? -11.835 -2.780  21.911  1.00 48.54 ? 134 HOH B O   1 
HETATM 1662 O O   . HOH D 3 .  ? 8.428   -15.468 5.046   1.00 49.40 ? 135 HOH B O   1 
HETATM 1663 O O   . HOH D 3 .  ? 8.889   -20.915 7.519   1.00 50.49 ? 136 HOH B O   1 
HETATM 1664 O O   . HOH D 3 .  ? -14.423 -3.522  -5.101  1.00 52.65 ? 137 HOH B O   1 
HETATM 1665 O O   . HOH D 3 .  ? -8.602  7.633   3.607   1.00 52.83 ? 138 HOH B O   1 
HETATM 1666 O O   . HOH D 3 .  ? -15.932 -6.139  6.839   1.00 53.08 ? 139 HOH B O   1 
HETATM 1667 O O   . HOH D 3 .  ? -0.535  8.191   5.003   1.00 53.86 ? 140 HOH B O   1 
HETATM 1668 O O   . HOH D 3 .  ? -10.851 1.581   21.127  1.00 56.08 ? 141 HOH B O   1 
HETATM 1669 O O   . HOH D 3 .  ? -14.342 3.779   15.432  1.00 57.25 ? 142 HOH B O   1 
HETATM 1670 O O   . HOH D 3 .  ? -7.611  2.444   19.306  1.00 57.36 ? 143 HOH B O   1 
HETATM 1671 O O   . HOH D 3 .  ? -15.504 -0.897  20.041  1.00 58.30 ? 144 HOH B O   1 
HETATM 1672 O O   . HOH D 3 .  ? -8.514  2.843   -0.490  1.00 60.52 ? 145 HOH B O   1 
HETATM 1673 O O   . HOH D 3 .  ? 2.305   7.502   9.070   1.00 60.72 ? 146 HOH B O   1 
HETATM 1674 O O   . HOH D 3 .  ? -16.392 -10.428 10.215  1.00 65.70 ? 147 HOH B O   1 
HETATM 1675 O O   . HOH D 3 .  ? -15.265 -13.325 19.168  1.00 66.74 ? 148 HOH B O   1 
HETATM 1676 O O   . HOH D 3 .  ? 5.764   1.761   16.431  1.00 67.72 ? 149 HOH B O   1 
HETATM 1677 O O   . HOH D 3 .  ? 3.262   -16.298 11.366  1.00 67.89 ? 150 HOH B O   1 
HETATM 1678 O O   . HOH D 3 .  ? 1.162   -2.831  20.432  1.00 69.34 ? 151 HOH B O   1 
# 
